data_8TJP
#
_entry.id   8TJP
#
_cell.length_a   1.00
_cell.length_b   1.00
_cell.length_c   1.00
_cell.angle_alpha   90.00
_cell.angle_beta   90.00
_cell.angle_gamma   90.00
#
_symmetry.space_group_name_H-M   'P 1'
#
_entity_poly.entity_id   1
_entity_poly.type   'polypeptide(L)'
_entity_poly.pdbx_seq_one_letter_code
;MVTDSEKVAEYLRRATLDLRAARQRIRELESDPIAIVSMACRLPGGVNTPQRLWELLREGGETLSGFPTDRGWDLARLHH
PDPDNPGTSYVDKGGFLDDAAGFDAEFFGVSPREAAAMDPQQRLLLETSWELVENAGIDPHSLRGTATGVFLGVAKFGYG
EDTAAAEDVEGYSVTGVAPAVASGRISYTMGLEGPSISVDTACSSSLVALHLAVESLRKGESSMAVVGGAAVMATPGVFV
DFSRQRALAADGRSKAFGAGADGFGFSEGVTLVLLERLSEARRNGHEVLAVVRGSALNQDGASNGLSAPSGPAQRRVIRQ
ALESCGLEPGDVDAVEAHGTGTALGDPIEANALLDTYGRDRDADRPLWLGSVKSNIGHTQAAAGVTGLLKVVLALRNGEL
PATLHVEEPTPHVDWSSGGVALLAGNQPWRRGERTRRAAVSAFGISGTNAHVIVEEAPEREHRETTAHDGRPVPLVVSAR
STAALRAQAAQIAELLERPDADLAGVGLGLATTRARHEHRAAVVASTREEAVRGLREIAAGAATADAVVEGVTEVDGRNV
VFLFPGQGSQWAGMGAELLSSSPVFAGKIRACDESMAPMQDWKVSDVLRQAPGAPGLDRVDVVQPVLFAVMVSLAELWRS
YGVEPAAVVGHSQGEIAAAHVAGALTLEDAAKLVVGRSRLMRSLSGEGGMAAVALGEAAVRERLRPWQDRLSVAAVNGPR
SVVVSGEPGALRAFSEDCAAEGIRVRDIDVDYASHSPQIERVREELLETTGDIAPRPARVTFHSTVESRSMDGTELDARY
WYRNLRETVRFADAVTRLAESGYDAFIEVSPHPVVVQAVEEAVEEADGAEDAVVVGSLHRDGGDLSAFLRSMATAHVSGV
DIRWDVALPGAAPFALPTYPFQRKRYWLQPAAPAAASDELAYRSSSVDKLAAALEHHHHHH
;
_entity_poly.pdbx_strand_id   A,B
#
# COMPACT_ATOMS: atom_id res chain seq x y z
N VAL A 2 -15.12 53.00 -11.88
CA VAL A 2 -14.30 52.22 -10.96
C VAL A 2 -12.87 52.73 -10.99
N THR A 3 -12.34 53.09 -9.81
CA THR A 3 -10.98 53.58 -9.71
C THR A 3 -10.00 52.42 -9.86
N ASP A 4 -8.73 52.78 -10.13
CA ASP A 4 -7.70 51.77 -10.28
C ASP A 4 -7.51 50.98 -8.99
N SER A 5 -7.55 51.67 -7.85
CA SER A 5 -7.30 51.01 -6.57
C SER A 5 -8.34 49.92 -6.31
N GLU A 6 -9.60 50.18 -6.63
CA GLU A 6 -10.65 49.20 -6.38
C GLU A 6 -10.46 47.95 -7.24
N LYS A 7 -10.11 48.13 -8.52
CA LYS A 7 -9.87 46.99 -9.39
C LYS A 7 -8.66 46.19 -8.90
N VAL A 8 -7.60 46.88 -8.50
CA VAL A 8 -6.43 46.20 -7.96
C VAL A 8 -6.82 45.45 -6.70
N ALA A 9 -7.71 46.03 -5.90
CA ALA A 9 -8.19 45.37 -4.70
C ALA A 9 -8.95 44.10 -5.03
N GLU A 10 -9.76 44.14 -6.09
CA GLU A 10 -10.46 42.93 -6.52
C GLU A 10 -9.49 41.85 -6.95
N TYR A 11 -8.47 42.22 -7.73
CA TYR A 11 -7.46 41.25 -8.15
C TYR A 11 -6.78 40.65 -6.93
N LEU A 12 -6.42 41.51 -5.98
CA LEU A 12 -5.76 41.07 -4.75
C LEU A 12 -6.64 40.12 -3.95
N ARG A 13 -7.92 40.42 -3.85
N ARG A 13 -7.92 40.42 -3.85
CA ARG A 13 -8.85 39.57 -3.11
CA ARG A 13 -8.85 39.57 -3.11
C ARG A 13 -8.95 38.20 -3.75
C ARG A 13 -8.95 38.20 -3.75
N ARG A 14 -9.08 38.16 -5.08
CA ARG A 14 -9.13 36.88 -5.77
C ARG A 14 -7.85 36.10 -5.56
N ALA A 15 -6.70 36.76 -5.65
CA ALA A 15 -5.43 36.09 -5.42
C ALA A 15 -5.34 35.52 -4.01
N THR A 16 -5.75 36.33 -3.01
CA THR A 16 -5.67 35.89 -1.62
C THR A 16 -6.59 34.71 -1.35
N LEU A 17 -7.83 34.76 -1.83
CA LEU A 17 -8.76 33.66 -1.60
C LEU A 17 -8.28 32.40 -2.30
N ASP A 18 -7.74 32.55 -3.52
CA ASP A 18 -7.19 31.40 -4.22
C ASP A 18 -6.02 30.80 -3.45
N LEU A 19 -5.15 31.65 -2.91
CA LEU A 19 -4.01 31.17 -2.13
C LEU A 19 -4.48 30.40 -0.90
N ARG A 20 -5.47 30.95 -0.19
CA ARG A 20 -5.99 30.27 0.99
C ARG A 20 -6.60 28.93 0.64
N ALA A 21 -7.38 28.89 -0.45
CA ALA A 21 -7.99 27.63 -0.89
C ALA A 21 -6.91 26.62 -1.28
N ALA A 22 -5.86 27.08 -1.94
CA ALA A 22 -4.78 26.19 -2.35
C ALA A 22 -4.06 25.61 -1.14
N ARG A 23 -3.79 26.45 -0.13
CA ARG A 23 -3.17 25.94 1.09
C ARG A 23 -4.08 24.94 1.78
N GLN A 24 -5.39 25.21 1.79
CA GLN A 24 -6.33 24.24 2.33
C GLN A 24 -6.24 22.92 1.59
N ARG A 25 -6.20 22.96 0.26
CA ARG A 25 -6.07 21.75 -0.54
C ARG A 25 -4.79 21.01 -0.20
N ILE A 26 -3.68 21.75 -0.06
CA ILE A 26 -2.41 21.13 0.27
C ILE A 26 -2.51 20.41 1.61
N ARG A 27 -3.10 21.07 2.61
N ARG A 27 -3.10 21.07 2.61
CA ARG A 27 -3.25 20.44 3.91
CA ARG A 27 -3.25 20.45 3.91
C ARG A 27 -4.13 19.20 3.84
C ARG A 27 -4.13 19.20 3.84
N GLU A 28 -5.22 19.26 3.06
CA GLU A 28 -6.07 18.10 2.90
C GLU A 28 -5.27 16.95 2.32
N LEU A 29 -4.41 17.23 1.35
CA LEU A 29 -3.64 16.17 0.72
C LEU A 29 -2.60 15.59 1.67
N GLU A 30 -1.92 16.44 2.45
CA GLU A 30 -0.83 15.94 3.29
C GLU A 30 -1.34 15.37 4.61
N SER A 31 -1.97 16.19 5.44
CA SER A 31 -2.25 15.87 6.83
C SER A 31 -3.70 16.16 7.19
N ASP A 32 -4.63 15.66 6.39
CA ASP A 32 -6.03 15.77 6.75
C ASP A 32 -6.36 14.82 7.90
N PRO A 33 -6.97 15.32 8.98
CA PRO A 33 -7.36 14.41 10.07
C PRO A 33 -8.28 13.32 9.59
N ILE A 34 -8.12 12.13 10.17
CA ILE A 34 -8.93 10.96 9.86
C ILE A 34 -9.63 10.51 11.14
N ALA A 35 -10.90 10.16 11.02
CA ALA A 35 -11.72 9.81 12.17
C ALA A 35 -12.00 8.31 12.20
N ILE A 36 -12.23 7.79 13.40
CA ILE A 36 -12.59 6.40 13.64
C ILE A 36 -14.06 6.38 14.03
N VAL A 37 -14.85 5.59 13.31
CA VAL A 37 -16.29 5.59 13.53
C VAL A 37 -16.77 4.32 14.23
N SER A 38 -16.15 3.17 13.98
CA SER A 38 -16.59 1.93 14.57
C SER A 38 -15.42 0.96 14.66
N MET A 39 -15.57 -0.04 15.52
CA MET A 39 -14.51 -1.00 15.82
C MET A 39 -15.16 -2.33 16.16
N ALA A 40 -14.44 -3.42 15.92
CA ALA A 40 -14.93 -4.76 16.23
C ALA A 40 -13.75 -5.68 16.48
N CYS A 41 -13.97 -6.73 17.26
CA CYS A 41 -12.88 -7.61 17.65
C CYS A 41 -13.41 -8.98 18.03
N ARG A 42 -12.58 -9.99 17.80
CA ARG A 42 -12.73 -11.32 18.35
C ARG A 42 -11.42 -11.70 19.03
N LEU A 43 -11.50 -12.14 20.27
CA LEU A 43 -10.29 -12.36 21.07
C LEU A 43 -10.54 -13.53 22.01
N PRO A 44 -9.48 -14.07 22.63
CA PRO A 44 -9.65 -15.22 23.52
C PRO A 44 -10.54 -14.94 24.71
N GLY A 45 -10.80 -15.98 25.50
CA GLY A 45 -11.61 -15.81 26.70
C GLY A 45 -13.02 -15.33 26.41
N GLY A 46 -13.58 -15.73 25.28
CA GLY A 46 -14.93 -15.32 24.94
C GLY A 46 -15.11 -13.82 24.88
N VAL A 47 -14.12 -13.10 24.35
CA VAL A 47 -14.19 -11.65 24.20
C VAL A 47 -14.53 -11.38 22.74
N ASN A 48 -15.76 -10.91 22.50
N ASN A 48 -15.76 -10.91 22.50
CA ASN A 48 -16.24 -10.66 21.15
CA ASN A 48 -16.24 -10.66 21.15
C ASN A 48 -16.77 -9.24 20.98
C ASN A 48 -16.76 -9.24 20.98
N THR A 49 -16.54 -8.36 21.96
CA THR A 49 -16.98 -6.97 21.86
C THR A 49 -15.90 -6.10 22.47
N PRO A 50 -15.76 -4.85 22.01
CA PRO A 50 -14.80 -3.93 22.66
C PRO A 50 -15.09 -3.72 24.14
N GLN A 51 -16.37 -3.70 24.52
CA GLN A 51 -16.72 -3.48 25.92
C GLN A 51 -16.16 -4.58 26.81
N ARG A 52 -16.27 -5.84 26.38
CA ARG A 52 -15.71 -6.93 27.17
C ARG A 52 -14.21 -6.79 27.30
N LEU A 53 -13.54 -6.41 26.21
CA LEU A 53 -12.09 -6.21 26.27
C LEU A 53 -11.73 -5.12 27.26
N TRP A 54 -12.49 -4.03 27.25
CA TRP A 54 -12.25 -2.94 28.20
C TRP A 54 -12.43 -3.43 29.63
N GLU A 55 -13.50 -4.18 29.88
CA GLU A 55 -13.74 -4.70 31.22
C GLU A 55 -12.57 -5.56 31.68
N LEU A 56 -12.13 -6.47 30.80
CA LEU A 56 -11.01 -7.34 31.13
C LEU A 56 -9.76 -6.52 31.46
N LEU A 57 -9.39 -5.59 30.57
CA LEU A 57 -8.17 -4.83 30.79
C LEU A 57 -8.24 -4.01 32.07
N ARG A 58 -9.35 -3.34 32.30
N ARG A 58 -9.35 -3.34 32.30
CA ARG A 58 -9.49 -2.47 33.46
CA ARG A 58 -9.48 -2.47 33.47
C ARG A 58 -9.45 -3.30 34.75
C ARG A 58 -9.45 -3.30 34.75
N GLU A 59 -10.07 -4.47 34.73
CA GLU A 59 -9.97 -5.38 35.87
C GLU A 59 -8.56 -5.95 35.97
N GLY A 60 -7.87 -6.11 34.86
CA GLY A 60 -6.52 -6.65 34.88
C GLY A 60 -6.46 -8.15 34.88
N GLY A 61 -7.18 -8.81 33.97
CA GLY A 61 -7.20 -10.26 33.88
C GLY A 61 -6.29 -10.77 32.78
N GLU A 62 -6.30 -12.09 32.62
CA GLU A 62 -5.50 -12.76 31.60
C GLU A 62 -6.34 -13.85 30.96
N THR A 63 -6.10 -14.08 29.67
CA THR A 63 -6.84 -15.07 28.90
C THR A 63 -6.05 -16.35 28.65
N LEU A 64 -4.90 -16.50 29.29
CA LEU A 64 -4.05 -17.65 29.04
C LEU A 64 -4.78 -18.95 29.37
N SER A 65 -4.59 -19.97 28.53
CA SER A 65 -5.21 -21.27 28.73
C SER A 65 -4.42 -22.31 27.95
N GLY A 66 -4.84 -23.57 28.06
CA GLY A 66 -4.17 -24.67 27.42
C GLY A 66 -4.57 -24.82 25.97
N PHE A 67 -3.92 -25.77 25.30
CA PHE A 67 -4.17 -25.99 23.88
C PHE A 67 -5.60 -26.44 23.66
N PRO A 68 -6.25 -26.05 22.56
CA PRO A 68 -7.59 -26.54 22.28
C PRO A 68 -7.60 -28.05 22.10
N THR A 69 -8.71 -28.67 22.46
CA THR A 69 -8.90 -30.11 22.30
C THR A 69 -9.90 -30.45 21.21
N ASP A 70 -10.37 -29.47 20.43
CA ASP A 70 -11.36 -29.70 19.40
C ASP A 70 -10.83 -29.36 18.01
N ARG A 71 -9.50 -29.38 17.83
CA ARG A 71 -8.89 -29.11 16.54
C ARG A 71 -8.09 -30.30 16.01
N GLY A 72 -8.17 -31.45 16.66
CA GLY A 72 -7.55 -32.67 16.17
C GLY A 72 -6.08 -32.82 16.50
N TRP A 73 -5.49 -31.88 17.22
CA TRP A 73 -4.07 -31.98 17.55
C TRP A 73 -3.81 -33.21 18.41
N ASP A 74 -2.71 -33.91 18.13
CA ASP A 74 -2.30 -35.07 18.92
C ASP A 74 -1.54 -34.55 20.12
N LEU A 75 -2.25 -34.36 21.24
CA LEU A 75 -1.67 -33.70 22.39
C LEU A 75 -0.57 -34.53 23.04
N ALA A 76 -0.79 -35.83 23.18
CA ALA A 76 0.16 -36.67 23.92
C ALA A 76 1.57 -36.53 23.34
N ARG A 77 1.69 -36.69 22.01
CA ARG A 77 3.01 -36.62 21.39
C ARG A 77 3.54 -35.19 21.37
N LEU A 78 2.64 -34.21 21.28
CA LEU A 78 3.07 -32.83 21.08
C LEU A 78 3.91 -32.33 22.26
N HIS A 79 3.41 -32.51 23.47
CA HIS A 79 4.08 -31.95 24.64
C HIS A 79 5.28 -32.80 25.05
N HIS A 80 6.33 -32.12 25.48
CA HIS A 80 7.53 -32.79 25.98
C HIS A 80 8.45 -31.77 26.64
N PRO A 81 9.15 -32.12 27.73
CA PRO A 81 9.98 -31.11 28.41
C PRO A 81 11.27 -30.77 27.69
N ASP A 82 11.87 -31.75 27.02
CA ASP A 82 13.19 -31.53 26.43
C ASP A 82 13.11 -30.52 25.29
N PRO A 83 13.81 -29.38 25.36
CA PRO A 83 13.74 -28.41 24.27
C PRO A 83 14.23 -28.94 22.94
N ASP A 84 15.27 -29.77 22.92
CA ASP A 84 15.90 -30.19 21.68
C ASP A 84 15.26 -31.44 21.09
N ASN A 85 14.41 -32.14 21.83
CA ASN A 85 13.69 -33.26 21.25
C ASN A 85 12.83 -32.72 20.11
N PRO A 86 12.97 -33.24 18.89
CA PRO A 86 12.36 -32.58 17.74
C PRO A 86 10.89 -32.96 17.58
N GLY A 87 10.19 -32.10 16.83
CA GLY A 87 8.78 -32.31 16.59
C GLY A 87 7.92 -32.20 17.82
N THR A 88 8.42 -31.57 18.88
CA THR A 88 7.69 -31.45 20.13
C THR A 88 7.81 -30.03 20.65
N SER A 89 6.84 -29.63 21.45
CA SER A 89 6.80 -28.31 22.07
C SER A 89 6.81 -28.44 23.58
N TYR A 90 7.59 -27.59 24.24
CA TYR A 90 7.70 -27.61 25.69
C TYR A 90 6.80 -26.58 26.38
N VAL A 91 5.97 -25.87 25.62
CA VAL A 91 5.03 -24.90 26.18
C VAL A 91 3.63 -25.43 25.95
N ASP A 92 2.78 -25.32 26.98
CA ASP A 92 1.42 -25.84 26.90
C ASP A 92 0.39 -24.83 27.37
N LYS A 93 0.61 -23.54 27.08
CA LYS A 93 -0.35 -22.50 27.43
C LYS A 93 -0.28 -21.39 26.40
N GLY A 94 -1.45 -20.87 26.02
CA GLY A 94 -1.51 -19.79 25.06
C GLY A 94 -2.93 -19.32 24.89
N GLY A 95 -3.07 -18.16 24.25
CA GLY A 95 -4.38 -17.59 24.02
C GLY A 95 -5.04 -18.24 22.81
N PHE A 96 -6.31 -18.57 22.92
CA PHE A 96 -7.04 -19.22 21.84
C PHE A 96 -8.49 -18.74 21.84
N LEU A 97 -9.08 -18.72 20.66
CA LEU A 97 -10.50 -18.40 20.54
C LEU A 97 -11.34 -19.58 21.03
N ASP A 98 -12.61 -19.30 21.29
CA ASP A 98 -13.47 -20.32 21.88
C ASP A 98 -14.22 -21.12 20.83
N ASP A 99 -14.58 -20.49 19.71
CA ASP A 99 -15.41 -21.11 18.68
C ASP A 99 -14.84 -20.86 17.30
N ALA A 100 -13.55 -21.17 17.14
CA ALA A 100 -12.91 -20.97 15.84
C ALA A 100 -13.61 -21.76 14.75
N ALA A 101 -14.15 -22.94 15.08
CA ALA A 101 -14.75 -23.81 14.09
C ALA A 101 -16.18 -23.45 13.72
N GLY A 102 -16.84 -22.60 14.51
CA GLY A 102 -18.21 -22.26 14.22
C GLY A 102 -18.35 -21.24 13.11
N PHE A 103 -19.49 -21.27 12.43
CA PHE A 103 -19.75 -20.37 11.32
C PHE A 103 -21.17 -20.54 10.84
N ASP A 104 -21.76 -19.45 10.36
CA ASP A 104 -23.10 -19.44 9.77
C ASP A 104 -22.93 -19.41 8.26
N ALA A 105 -23.28 -20.52 7.60
CA ALA A 105 -23.05 -20.63 6.16
C ALA A 105 -24.16 -19.95 5.38
N GLU A 106 -25.42 -20.20 5.75
CA GLU A 106 -26.54 -19.71 4.95
C GLU A 106 -26.58 -18.19 4.91
N PHE A 107 -26.29 -17.53 6.03
CA PHE A 107 -26.38 -16.08 6.08
C PHE A 107 -25.54 -15.45 4.96
N PHE A 108 -24.29 -15.87 4.83
CA PHE A 108 -23.42 -15.32 3.81
C PHE A 108 -23.56 -16.03 2.47
N GLY A 109 -24.57 -16.87 2.31
CA GLY A 109 -24.86 -17.47 1.01
C GLY A 109 -23.72 -18.32 0.47
N VAL A 110 -23.17 -19.18 1.30
CA VAL A 110 -22.08 -20.07 0.91
C VAL A 110 -22.47 -21.49 1.29
N SER A 111 -22.25 -22.43 0.37
CA SER A 111 -22.66 -23.81 0.60
C SER A 111 -21.83 -24.46 1.70
N PRO A 112 -22.34 -25.50 2.34
CA PRO A 112 -21.58 -26.15 3.42
C PRO A 112 -20.20 -26.64 2.99
N ARG A 113 -20.08 -27.21 1.79
CA ARG A 113 -18.80 -27.77 1.35
C ARG A 113 -17.76 -26.66 1.21
N GLU A 114 -18.14 -25.55 0.57
CA GLU A 114 -17.23 -24.42 0.43
C GLU A 114 -16.82 -23.88 1.79
N ALA A 115 -17.78 -23.78 2.71
CA ALA A 115 -17.46 -23.31 4.05
C ALA A 115 -16.46 -24.24 4.74
N ALA A 116 -16.63 -25.55 4.56
CA ALA A 116 -15.68 -26.50 5.12
C ALA A 116 -14.29 -26.27 4.53
N ALA A 117 -14.22 -26.04 3.21
CA ALA A 117 -12.95 -25.76 2.58
C ALA A 117 -12.42 -24.39 2.97
N MET A 118 -13.24 -23.57 3.60
CA MET A 118 -12.85 -22.19 3.90
C MET A 118 -11.85 -22.14 5.05
N ASP A 119 -10.90 -21.23 4.94
CA ASP A 119 -10.01 -20.92 6.06
C ASP A 119 -10.83 -20.25 7.16
N PRO A 120 -10.69 -20.68 8.42
CA PRO A 120 -11.49 -20.05 9.49
C PRO A 120 -11.26 -18.55 9.58
N GLN A 121 -10.07 -18.10 9.21
CA GLN A 121 -9.78 -16.67 9.24
C GLN A 121 -10.78 -15.91 8.39
N GLN A 122 -11.07 -16.40 7.18
CA GLN A 122 -12.00 -15.71 6.31
C GLN A 122 -13.41 -15.67 6.89
N ARG A 123 -13.83 -16.76 7.51
CA ARG A 123 -15.16 -16.81 8.12
C ARG A 123 -15.29 -15.78 9.25
N LEU A 124 -14.29 -15.77 10.15
CA LEU A 124 -14.31 -14.79 11.22
C LEU A 124 -14.23 -13.37 10.69
N LEU A 125 -13.50 -13.17 9.59
CA LEU A 125 -13.44 -11.85 8.97
C LEU A 125 -14.80 -11.43 8.47
N LEU A 126 -15.53 -12.34 7.82
CA LEU A 126 -16.90 -12.02 7.39
C LEU A 126 -17.75 -11.58 8.58
N GLU A 127 -17.76 -12.38 9.63
CA GLU A 127 -18.61 -12.07 10.79
C GLU A 127 -18.23 -10.73 11.41
N THR A 128 -16.93 -10.52 11.63
CA THR A 128 -16.48 -9.30 12.28
C THR A 128 -16.73 -8.08 11.41
N SER A 129 -16.61 -8.23 10.09
CA SER A 129 -16.90 -7.12 9.19
C SER A 129 -18.37 -6.72 9.27
N TRP A 130 -19.25 -7.72 9.28
CA TRP A 130 -20.67 -7.41 9.42
C TRP A 130 -20.95 -6.69 10.73
N GLU A 131 -20.37 -7.20 11.83
CA GLU A 131 -20.57 -6.55 13.12
C GLU A 131 -20.01 -5.13 13.13
N LEU A 132 -18.85 -4.93 12.51
CA LEU A 132 -18.25 -3.60 12.45
C LEU A 132 -19.16 -2.63 11.71
N VAL A 133 -19.68 -3.03 10.55
CA VAL A 133 -20.52 -2.11 9.79
C VAL A 133 -21.80 -1.81 10.58
N GLU A 134 -22.34 -2.80 11.28
CA GLU A 134 -23.56 -2.55 12.05
C GLU A 134 -23.30 -1.63 13.23
N ASN A 135 -22.15 -1.81 13.91
CA ASN A 135 -21.88 -1.00 15.10
C ASN A 135 -21.77 0.48 14.76
N ALA A 136 -21.33 0.82 13.56
CA ALA A 136 -21.20 2.23 13.17
C ALA A 136 -22.53 2.93 13.09
N GLY A 137 -23.64 2.19 13.11
CA GLY A 137 -24.94 2.78 12.90
C GLY A 137 -25.29 2.95 11.44
N ILE A 138 -24.86 2.04 10.58
CA ILE A 138 -25.03 2.15 9.14
C ILE A 138 -25.69 0.88 8.63
N ASP A 139 -26.63 1.03 7.70
CA ASP A 139 -27.22 -0.12 7.05
C ASP A 139 -26.18 -0.77 6.13
N PRO A 140 -25.83 -2.04 6.37
CA PRO A 140 -24.84 -2.68 5.47
C PRO A 140 -25.28 -2.70 4.02
N HIS A 141 -26.58 -2.87 3.77
CA HIS A 141 -27.06 -2.88 2.39
C HIS A 141 -26.90 -1.52 1.74
N SER A 142 -26.75 -0.45 2.53
CA SER A 142 -26.61 0.88 1.98
C SER A 142 -25.23 1.12 1.39
N LEU A 143 -24.26 0.24 1.65
CA LEU A 143 -22.91 0.40 1.12
C LEU A 143 -22.73 -0.24 -0.25
N ARG A 144 -23.73 -1.00 -0.72
CA ARG A 144 -23.63 -1.58 -2.05
C ARG A 144 -23.47 -0.48 -3.09
N GLY A 145 -22.48 -0.64 -3.97
CA GLY A 145 -22.21 0.38 -4.97
C GLY A 145 -21.47 1.58 -4.45
N THR A 146 -20.69 1.44 -3.39
CA THR A 146 -19.90 2.52 -2.84
C THR A 146 -18.41 2.23 -3.00
N ALA A 147 -17.61 3.29 -2.94
CA ALA A 147 -16.16 3.17 -3.08
C ALA A 147 -15.50 2.98 -1.71
N THR A 148 -15.73 1.82 -1.12
CA THR A 148 -15.20 1.48 0.19
C THR A 148 -14.01 0.54 0.02
N GLY A 149 -12.86 0.95 0.53
CA GLY A 149 -11.67 0.13 0.44
C GLY A 149 -11.56 -0.87 1.57
N VAL A 150 -10.76 -1.91 1.34
CA VAL A 150 -10.50 -2.94 2.33
C VAL A 150 -9.00 -3.15 2.40
N PHE A 151 -8.46 -3.15 3.63
CA PHE A 151 -7.03 -3.32 3.83
C PHE A 151 -6.83 -4.26 5.01
N LEU A 152 -6.08 -5.34 4.81
CA LEU A 152 -5.90 -6.36 5.83
C LEU A 152 -4.46 -6.84 5.84
N GLY A 153 -4.02 -7.30 7.01
CA GLY A 153 -2.78 -8.01 7.26
C GLY A 153 -3.08 -9.43 7.67
N VAL A 154 -2.76 -10.38 6.78
CA VAL A 154 -3.14 -11.77 6.97
C VAL A 154 -2.09 -12.65 6.30
N ALA A 155 -1.91 -13.86 6.86
CA ALA A 155 -0.96 -14.82 6.32
C ALA A 155 -1.48 -16.22 6.56
N LYS A 156 -0.97 -17.16 5.78
CA LYS A 156 -1.40 -18.54 5.88
C LYS A 156 -0.80 -19.22 7.11
N PHE A 157 -1.50 -20.23 7.61
CA PHE A 157 -1.02 -21.02 8.73
C PHE A 157 -1.10 -22.52 8.49
N GLY A 158 -1.84 -22.97 7.48
CA GLY A 158 -1.85 -24.36 7.09
C GLY A 158 -3.16 -25.10 7.21
N TYR A 159 -4.29 -24.42 7.05
CA TYR A 159 -5.57 -25.11 7.11
C TYR A 159 -5.81 -25.86 5.81
N GLY A 160 -5.73 -27.19 5.87
CA GLY A 160 -6.09 -28.03 4.75
C GLY A 160 -4.96 -28.73 4.04
N GLU A 161 -3.71 -28.57 4.50
N GLU A 161 -3.71 -28.57 4.50
CA GLU A 161 -2.61 -29.25 3.84
CA GLU A 161 -2.61 -29.25 3.84
C GLU A 161 -2.57 -30.74 4.19
C GLU A 161 -2.58 -30.74 4.19
N ASP A 162 -3.06 -31.10 5.38
CA ASP A 162 -2.95 -32.46 5.88
C ASP A 162 -4.23 -33.26 5.59
N THR A 163 -4.88 -32.97 4.49
CA THR A 163 -6.05 -33.72 4.04
C THR A 163 -5.83 -34.17 2.59
N ALA A 164 -6.75 -34.99 2.11
CA ALA A 164 -6.63 -35.61 0.80
C ALA A 164 -7.42 -34.80 -0.24
N ALA A 165 -6.80 -34.59 -1.40
CA ALA A 165 -7.49 -33.92 -2.49
C ALA A 165 -8.68 -34.74 -2.95
N ALA A 166 -9.78 -34.04 -3.26
CA ALA A 166 -11.01 -34.69 -3.70
C ALA A 166 -11.60 -33.86 -4.85
N GLU A 167 -12.82 -34.18 -5.23
CA GLU A 167 -13.47 -33.50 -6.35
C GLU A 167 -13.77 -32.06 -5.96
N ASP A 168 -12.97 -31.13 -6.49
CA ASP A 168 -13.19 -29.69 -6.32
C ASP A 168 -13.35 -29.09 -7.71
N VAL A 169 -14.58 -29.11 -8.21
CA VAL A 169 -14.85 -28.59 -9.56
C VAL A 169 -14.94 -27.07 -9.54
N GLU A 170 -15.12 -26.47 -8.36
CA GLU A 170 -15.27 -25.04 -8.23
C GLU A 170 -14.01 -24.36 -7.69
N GLY A 171 -12.97 -25.12 -7.37
CA GLY A 171 -11.75 -24.51 -6.87
C GLY A 171 -11.81 -24.03 -5.44
N TYR A 172 -12.65 -24.64 -4.61
CA TYR A 172 -12.72 -24.26 -3.21
C TYR A 172 -11.37 -24.44 -2.51
N SER A 173 -10.63 -25.48 -2.90
CA SER A 173 -9.35 -25.75 -2.25
C SER A 173 -8.38 -24.59 -2.44
N VAL A 174 -8.40 -23.97 -3.62
CA VAL A 174 -7.50 -22.86 -3.93
C VAL A 174 -8.09 -21.57 -3.39
N THR A 175 -9.36 -21.33 -3.68
CA THR A 175 -10.00 -20.07 -3.29
C THR A 175 -10.04 -19.91 -1.78
N GLY A 176 -10.24 -21.01 -1.05
CA GLY A 176 -10.44 -20.92 0.38
C GLY A 176 -9.25 -20.35 1.13
N VAL A 177 -8.04 -20.73 0.73
CA VAL A 177 -6.84 -20.43 1.51
C VAL A 177 -6.04 -19.25 0.95
N ALA A 178 -6.40 -18.73 -0.20
CA ALA A 178 -5.63 -17.64 -0.79
C ALA A 178 -5.78 -16.37 0.04
N PRO A 179 -4.69 -15.76 0.53
CA PRO A 179 -4.84 -14.53 1.32
C PRO A 179 -5.54 -13.41 0.58
N ALA A 180 -5.29 -13.28 -0.74
CA ALA A 180 -5.99 -12.25 -1.50
C ALA A 180 -7.49 -12.46 -1.44
N VAL A 181 -7.94 -13.71 -1.52
CA VAL A 181 -9.36 -14.00 -1.42
C VAL A 181 -9.90 -13.58 -0.06
N ALA A 182 -9.03 -13.49 0.94
CA ALA A 182 -9.47 -13.10 2.27
C ALA A 182 -10.16 -11.74 2.24
N SER A 183 -9.61 -10.80 1.47
CA SER A 183 -10.24 -9.49 1.32
C SER A 183 -11.19 -9.46 0.14
N GLY A 184 -10.90 -10.26 -0.89
CA GLY A 184 -11.80 -10.33 -2.02
C GLY A 184 -13.20 -10.75 -1.63
N ARG A 185 -13.32 -11.69 -0.70
CA ARG A 185 -14.64 -12.16 -0.27
C ARG A 185 -15.36 -11.09 0.53
N ILE A 186 -14.64 -10.33 1.36
CA ILE A 186 -15.26 -9.22 2.08
C ILE A 186 -15.84 -8.23 1.08
N SER A 187 -15.07 -7.88 0.06
CA SER A 187 -15.57 -6.95 -0.95
C SER A 187 -16.74 -7.55 -1.71
N TYR A 188 -16.66 -8.84 -2.04
CA TYR A 188 -17.66 -9.49 -2.88
C TYR A 188 -19.01 -9.58 -2.17
N THR A 189 -19.01 -10.07 -0.94
CA THR A 189 -20.27 -10.29 -0.24
C THR A 189 -20.97 -8.98 0.07
N MET A 190 -20.21 -7.94 0.42
CA MET A 190 -20.77 -6.66 0.80
C MET A 190 -20.98 -5.73 -0.39
N GLY A 191 -20.53 -6.11 -1.58
CA GLY A 191 -20.73 -5.30 -2.77
C GLY A 191 -20.00 -3.97 -2.73
N LEU A 192 -18.73 -3.98 -2.32
CA LEU A 192 -17.93 -2.77 -2.26
C LEU A 192 -17.05 -2.66 -3.50
N GLU A 193 -16.79 -1.41 -3.91
CA GLU A 193 -15.98 -1.16 -5.11
C GLU A 193 -14.66 -0.46 -4.83
N GLY A 194 -14.27 -0.27 -3.58
CA GLY A 194 -12.98 0.29 -3.27
C GLY A 194 -11.89 -0.75 -3.38
N PRO A 195 -10.63 -0.31 -3.39
CA PRO A 195 -9.53 -1.26 -3.49
C PRO A 195 -9.56 -2.29 -2.37
N SER A 196 -9.21 -3.53 -2.71
CA SER A 196 -9.09 -4.62 -1.75
C SER A 196 -7.64 -5.10 -1.77
N ILE A 197 -6.95 -4.97 -0.65
CA ILE A 197 -5.53 -5.26 -0.57
C ILE A 197 -5.24 -6.07 0.68
N SER A 198 -4.36 -7.06 0.54
CA SER A 198 -3.87 -7.84 1.66
C SER A 198 -2.35 -7.75 1.69
N VAL A 199 -1.78 -7.63 2.88
CA VAL A 199 -0.35 -7.43 3.06
C VAL A 199 0.14 -8.39 4.13
N ASP A 200 1.46 -8.53 4.19
CA ASP A 200 2.10 -9.32 5.24
C ASP A 200 3.47 -8.72 5.51
N THR A 201 3.64 -8.12 6.68
CA THR A 201 4.91 -7.51 7.07
C THR A 201 5.18 -7.94 8.52
N ALA A 202 5.05 -9.23 8.77
CA ALA A 202 5.35 -9.83 10.07
C ALA A 202 4.33 -9.31 11.08
N CYS A 203 4.74 -8.86 12.27
CA CYS A 203 3.82 -8.47 13.32
C CYS A 203 3.29 -7.05 13.15
N SER A 204 3.80 -6.29 12.19
CA SER A 204 3.37 -4.91 11.96
C SER A 204 2.49 -4.76 10.73
N SER A 205 1.88 -5.84 10.26
CA SER A 205 1.10 -5.77 9.03
C SER A 205 -0.08 -4.81 9.18
N SER A 206 -0.77 -4.88 10.32
CA SER A 206 -1.99 -4.11 10.51
C SER A 206 -1.76 -2.61 10.43
N LEU A 207 -0.69 -2.11 11.07
CA LEU A 207 -0.43 -0.68 11.03
C LEU A 207 0.03 -0.23 9.65
N VAL A 208 0.73 -1.09 8.92
CA VAL A 208 1.07 -0.79 7.54
C VAL A 208 -0.20 -0.62 6.71
N ALA A 209 -1.15 -1.55 6.89
CA ALA A 209 -2.43 -1.42 6.22
C ALA A 209 -3.13 -0.15 6.61
N LEU A 210 -3.06 0.23 7.88
CA LEU A 210 -3.67 1.48 8.32
C LEU A 210 -3.04 2.67 7.62
N HIS A 211 -1.72 2.69 7.50
CA HIS A 211 -1.04 3.76 6.79
C HIS A 211 -1.52 3.86 5.35
N LEU A 212 -1.59 2.72 4.66
CA LEU A 212 -2.05 2.72 3.28
C LEU A 212 -3.48 3.20 3.16
N ALA A 213 -4.34 2.78 4.09
CA ALA A 213 -5.74 3.20 4.06
C ALA A 213 -5.86 4.70 4.26
N VAL A 214 -5.07 5.25 5.19
CA VAL A 214 -5.10 6.70 5.40
C VAL A 214 -4.67 7.42 4.15
N GLU A 215 -3.59 6.95 3.51
CA GLU A 215 -3.15 7.54 2.26
C GLU A 215 -4.28 7.53 1.23
N SER A 216 -4.93 6.37 1.06
CA SER A 216 -5.98 6.26 0.07
C SER A 216 -7.14 7.21 0.38
N LEU A 217 -7.53 7.30 1.66
CA LEU A 217 -8.61 8.19 2.03
C LEU A 217 -8.27 9.63 1.72
N ARG A 218 -7.03 10.05 1.99
CA ARG A 218 -6.64 11.42 1.71
C ARG A 218 -6.60 11.70 0.21
N LYS A 219 -6.19 10.71 -0.58
CA LYS A 219 -6.14 10.91 -2.03
C LYS A 219 -7.52 11.02 -2.66
N GLY A 220 -8.58 10.72 -1.92
CA GLY A 220 -9.90 10.72 -2.51
C GLY A 220 -10.24 9.46 -3.27
N GLU A 221 -9.38 8.44 -3.18
CA GLU A 221 -9.64 7.19 -3.89
C GLU A 221 -10.75 6.39 -3.23
N SER A 222 -10.97 6.56 -1.93
CA SER A 222 -11.97 5.80 -1.20
C SER A 222 -12.81 6.75 -0.36
N SER A 223 -14.09 6.39 -0.19
CA SER A 223 -14.97 7.17 0.66
C SER A 223 -14.85 6.72 2.12
N MET A 224 -14.69 5.42 2.34
CA MET A 224 -14.50 4.87 3.68
C MET A 224 -13.53 3.70 3.56
N ALA A 225 -12.90 3.35 4.67
CA ALA A 225 -11.91 2.29 4.67
C ALA A 225 -12.15 1.33 5.83
N VAL A 226 -11.87 0.06 5.58
CA VAL A 226 -11.89 -0.99 6.60
C VAL A 226 -10.46 -1.46 6.81
N VAL A 227 -9.99 -1.42 8.05
CA VAL A 227 -8.60 -1.74 8.34
C VAL A 227 -8.53 -2.68 9.52
N GLY A 228 -7.63 -3.65 9.46
CA GLY A 228 -7.43 -4.54 10.60
C GLY A 228 -6.64 -5.77 10.20
N GLY A 229 -6.77 -6.80 11.02
CA GLY A 229 -6.01 -8.02 10.82
C GLY A 229 -6.67 -9.21 11.48
N ALA A 230 -6.09 -10.39 11.20
CA ALA A 230 -6.59 -11.64 11.75
C ALA A 230 -5.43 -12.62 11.88
N ALA A 231 -5.52 -13.48 12.89
CA ALA A 231 -4.49 -14.49 13.13
C ALA A 231 -5.14 -15.66 13.86
N VAL A 232 -5.30 -16.78 13.16
CA VAL A 232 -5.87 -18.00 13.73
C VAL A 232 -4.88 -19.12 13.47
N MET A 233 -4.51 -19.84 14.54
CA MET A 233 -3.48 -20.87 14.47
C MET A 233 -4.16 -22.22 14.26
N ALA A 234 -4.18 -22.67 13.01
CA ALA A 234 -4.86 -23.93 12.68
C ALA A 234 -4.03 -25.13 13.14
N THR A 235 -2.72 -25.07 12.95
CA THR A 235 -1.85 -26.18 13.30
C THR A 235 -0.77 -25.70 14.27
N PRO A 236 -0.23 -26.60 15.11
CA PRO A 236 0.78 -26.21 16.10
C PRO A 236 2.20 -26.16 15.52
N GLY A 237 2.34 -25.56 14.34
CA GLY A 237 3.64 -25.41 13.74
C GLY A 237 4.47 -24.34 14.44
N VAL A 238 3.81 -23.22 14.76
CA VAL A 238 4.51 -22.10 15.37
C VAL A 238 5.12 -22.52 16.71
N PHE A 239 4.35 -23.23 17.52
CA PHE A 239 4.81 -23.58 18.86
C PHE A 239 6.03 -24.49 18.81
N VAL A 240 5.94 -25.59 18.05
CA VAL A 240 7.07 -26.52 17.95
C VAL A 240 8.27 -25.81 17.35
N ASP A 241 8.02 -25.03 16.30
CA ASP A 241 9.09 -24.29 15.65
C ASP A 241 9.84 -23.42 16.65
N PHE A 242 9.15 -22.47 17.28
CA PHE A 242 9.82 -21.56 18.19
C PHE A 242 10.38 -22.30 19.41
N SER A 243 9.83 -23.46 19.75
CA SER A 243 10.43 -24.28 20.79
C SER A 243 11.81 -24.75 20.37
N ARG A 244 11.96 -25.06 19.07
CA ARG A 244 13.29 -25.39 18.57
C ARG A 244 14.28 -24.27 18.81
N GLN A 245 13.81 -23.02 18.94
CA GLN A 245 14.68 -21.88 19.16
C GLN A 245 14.68 -21.38 20.60
N ARG A 246 13.85 -21.93 21.48
CA ARG A 246 13.74 -21.44 22.86
C ARG A 246 13.34 -19.97 22.89
N ALA A 247 12.53 -19.54 21.93
CA ALA A 247 12.07 -18.16 21.86
C ALA A 247 10.77 -17.93 22.60
N LEU A 248 10.23 -18.94 23.30
CA LEU A 248 8.95 -18.84 23.96
C LEU A 248 9.13 -18.85 25.47
N ALA A 249 8.28 -18.08 26.16
CA ALA A 249 8.32 -18.05 27.61
C ALA A 249 7.88 -19.39 28.18
N ALA A 250 8.50 -19.78 29.30
CA ALA A 250 8.18 -21.06 29.92
C ALA A 250 6.71 -21.11 30.34
N ASP A 251 6.22 -20.04 30.96
CA ASP A 251 4.83 -19.97 31.38
C ASP A 251 3.91 -19.38 30.32
N GLY A 252 4.47 -18.87 29.21
CA GLY A 252 3.65 -18.30 28.17
C GLY A 252 3.04 -16.95 28.51
N ARG A 253 3.62 -16.24 29.47
CA ARG A 253 3.13 -14.93 29.89
C ARG A 253 4.10 -13.87 29.42
N SER A 254 3.61 -12.92 28.63
CA SER A 254 4.46 -11.87 28.07
C SER A 254 4.73 -10.81 29.13
N LYS A 255 5.86 -10.93 29.81
CA LYS A 255 6.24 -10.00 30.87
C LYS A 255 7.03 -8.84 30.29
N ALA A 256 6.31 -8.00 29.53
CA ALA A 256 6.94 -6.85 28.89
C ALA A 256 7.55 -5.94 29.93
N PHE A 257 8.79 -5.51 29.69
CA PHE A 257 9.51 -4.59 30.57
C PHE A 257 9.62 -5.14 31.99
N GLY A 258 9.71 -6.45 32.14
CA GLY A 258 9.84 -7.06 33.45
C GLY A 258 11.16 -7.78 33.61
N ALA A 259 11.61 -7.94 34.86
CA ALA A 259 12.87 -8.63 35.09
C ALA A 259 12.80 -10.08 34.65
N GLY A 260 11.61 -10.67 34.60
CA GLY A 260 11.43 -12.05 34.23
C GLY A 260 11.16 -12.30 32.77
N ALA A 261 11.25 -11.28 31.91
CA ALA A 261 10.99 -11.47 30.49
C ALA A 261 11.94 -12.52 29.92
N ASP A 262 11.38 -13.52 29.24
CA ASP A 262 12.20 -14.59 28.69
C ASP A 262 11.74 -15.08 27.32
N GLY A 263 10.71 -14.50 26.73
CA GLY A 263 10.28 -14.91 25.40
C GLY A 263 8.85 -14.50 25.14
N PHE A 264 8.31 -15.08 24.07
CA PHE A 264 7.00 -14.72 23.56
C PHE A 264 5.89 -15.55 24.20
N GLY A 265 4.67 -15.06 24.05
CA GLY A 265 3.47 -15.84 24.32
C GLY A 265 2.43 -15.51 23.26
N PHE A 266 1.99 -16.52 22.51
CA PHE A 266 1.19 -16.29 21.32
C PHE A 266 -0.30 -16.44 21.62
N SER A 267 -1.11 -15.80 20.77
CA SER A 267 -2.56 -15.87 20.91
C SER A 267 -3.19 -15.62 19.54
N GLU A 268 -4.45 -16.03 19.42
CA GLU A 268 -5.23 -15.80 18.21
C GLU A 268 -6.10 -14.57 18.40
N GLY A 269 -6.51 -13.96 17.29
CA GLY A 269 -7.38 -12.80 17.41
C GLY A 269 -7.63 -12.16 16.07
N VAL A 270 -8.77 -11.46 16.00
CA VAL A 270 -9.18 -10.72 14.81
C VAL A 270 -9.62 -9.34 15.27
N THR A 271 -9.32 -8.32 14.46
CA THR A 271 -9.70 -6.96 14.83
C THR A 271 -9.92 -6.14 13.57
N LEU A 272 -10.88 -5.22 13.65
CA LEU A 272 -11.22 -4.36 12.52
C LEU A 272 -11.66 -3.00 13.05
N VAL A 273 -11.46 -1.98 12.21
CA VAL A 273 -11.87 -0.62 12.50
C VAL A 273 -12.30 0.04 11.19
N LEU A 274 -13.16 1.04 11.31
CA LEU A 274 -13.72 1.74 10.17
C LEU A 274 -13.28 3.19 10.19
N LEU A 275 -12.81 3.68 9.05
CA LEU A 275 -12.15 4.98 8.95
C LEU A 275 -12.77 5.81 7.85
N GLU A 276 -12.79 7.13 8.07
CA GLU A 276 -13.20 8.08 7.06
C GLU A 276 -12.77 9.47 7.51
N ARG A 277 -12.63 10.37 6.55
CA ARG A 277 -12.22 11.74 6.86
C ARG A 277 -13.17 12.36 7.87
N LEU A 278 -12.62 13.12 8.81
CA LEU A 278 -13.42 13.68 9.88
C LEU A 278 -14.52 14.58 9.35
N SER A 279 -14.20 15.44 8.37
CA SER A 279 -15.19 16.37 7.85
C SER A 279 -16.36 15.63 7.22
N GLU A 280 -16.08 14.55 6.49
CA GLU A 280 -17.16 13.78 5.88
C GLU A 280 -18.06 13.17 6.94
N ALA A 281 -17.48 12.62 8.01
CA ALA A 281 -18.28 12.07 9.09
C ALA A 281 -19.15 13.15 9.72
N ARG A 282 -18.57 14.33 9.95
CA ARG A 282 -19.34 15.42 10.55
C ARG A 282 -20.51 15.81 9.65
N ARG A 283 -20.25 15.95 8.35
CA ARG A 283 -21.30 16.35 7.43
C ARG A 283 -22.39 15.29 7.33
N ASN A 284 -22.01 14.02 7.25
CA ASN A 284 -22.99 12.94 7.17
C ASN A 284 -23.65 12.66 8.51
N GLY A 285 -22.99 12.95 9.62
CA GLY A 285 -23.57 12.73 10.92
C GLY A 285 -23.25 11.37 11.51
N HIS A 286 -21.98 11.02 11.56
CA HIS A 286 -21.53 9.78 12.20
C HIS A 286 -20.91 10.07 13.55
N GLU A 287 -20.71 9.01 14.33
CA GLU A 287 -20.09 9.13 15.64
C GLU A 287 -18.59 8.93 15.53
N VAL A 288 -17.85 9.82 16.17
CA VAL A 288 -16.38 9.82 16.11
C VAL A 288 -15.85 9.34 17.45
N LEU A 289 -14.98 8.33 17.40
CA LEU A 289 -14.39 7.78 18.62
C LEU A 289 -13.02 8.38 18.91
N ALA A 290 -12.27 8.71 17.88
CA ALA A 290 -10.95 9.33 18.03
C ALA A 290 -10.53 9.83 16.66
N VAL A 291 -9.34 10.43 16.60
CA VAL A 291 -8.81 11.00 15.38
C VAL A 291 -7.39 10.48 15.19
N VAL A 292 -7.07 10.08 13.97
CA VAL A 292 -5.71 9.69 13.62
C VAL A 292 -5.07 10.89 12.91
N ARG A 293 -3.86 11.24 13.35
CA ARG A 293 -3.19 12.44 12.87
C ARG A 293 -2.08 12.14 11.86
N GLY A 294 -1.13 11.30 12.22
CA GLY A 294 -0.02 11.02 11.32
C GLY A 294 0.58 9.66 11.62
N SER A 295 1.41 9.20 10.70
CA SER A 295 2.04 7.90 10.81
C SER A 295 3.35 7.92 10.03
N ALA A 296 4.20 6.94 10.32
CA ALA A 296 5.48 6.84 9.66
C ALA A 296 5.91 5.39 9.60
N LEU A 297 6.53 5.02 8.48
CA LEU A 297 7.05 3.68 8.25
C LEU A 297 8.51 3.78 7.83
N ASN A 298 9.33 2.82 8.26
CA ASN A 298 10.69 2.75 7.77
C ASN A 298 11.24 1.35 8.03
N GLN A 299 12.54 1.18 7.79
CA GLN A 299 13.19 -0.12 7.89
C GLN A 299 14.44 -0.02 8.76
N ASP A 300 14.76 -1.12 9.44
CA ASP A 300 15.97 -1.19 10.23
C ASP A 300 17.22 -1.00 9.39
N GLY A 301 17.19 -1.34 8.11
CA GLY A 301 18.38 -1.26 7.29
C GLY A 301 19.34 -2.38 7.59
N ALA A 302 20.60 -2.14 7.31
CA ALA A 302 21.66 -3.13 7.54
C ALA A 302 21.91 -3.21 9.04
N SER A 303 20.99 -3.84 9.74
CA SER A 303 21.07 -3.95 11.19
C SER A 303 21.96 -5.13 11.58
N ASN A 304 22.08 -5.36 12.88
CA ASN A 304 22.88 -6.46 13.41
C ASN A 304 22.07 -7.74 13.29
N GLY A 305 22.03 -8.28 12.09
CA GLY A 305 21.27 -9.49 11.81
C GLY A 305 19.91 -9.19 11.20
N LEU A 306 19.34 -10.22 10.56
CA LEU A 306 18.08 -10.03 9.85
C LEU A 306 16.94 -9.75 10.82
N SER A 307 16.86 -10.53 11.90
CA SER A 307 15.71 -10.47 12.80
C SER A 307 15.92 -9.56 14.00
N ALA A 308 17.10 -8.97 14.17
CA ALA A 308 17.36 -8.16 15.35
C ALA A 308 16.74 -6.78 15.19
N PRO A 309 16.42 -6.11 16.30
CA PRO A 309 15.88 -4.75 16.24
C PRO A 309 16.98 -3.72 16.06
N SER A 310 16.57 -2.46 15.93
CA SER A 310 17.51 -1.36 15.74
C SER A 310 16.89 -0.09 16.32
N GLY A 311 17.56 0.48 17.32
CA GLY A 311 17.07 1.67 18.00
C GLY A 311 17.05 2.91 17.13
N PRO A 312 18.11 3.16 16.36
CA PRO A 312 18.14 4.36 15.51
C PRO A 312 16.95 4.44 14.56
N ALA A 313 16.56 3.31 13.99
CA ALA A 313 15.39 3.30 13.12
C ALA A 313 14.14 3.70 13.89
N GLN A 314 14.00 3.20 15.12
CA GLN A 314 12.84 3.56 15.93
C GLN A 314 12.81 5.05 16.21
N ARG A 315 13.95 5.64 16.56
CA ARG A 315 13.98 7.07 16.79
C ARG A 315 13.62 7.83 15.52
N ARG A 316 14.16 7.40 14.38
CA ARG A 316 13.89 8.08 13.12
C ARG A 316 12.40 8.03 12.80
N VAL A 317 11.77 6.87 12.97
CA VAL A 317 10.35 6.76 12.63
C VAL A 317 9.50 7.56 13.59
N ILE A 318 9.87 7.59 14.87
CA ILE A 318 9.12 8.41 15.82
C ILE A 318 9.19 9.88 15.42
N ARG A 319 10.38 10.36 15.07
CA ARG A 319 10.51 11.76 14.69
C ARG A 319 9.73 12.05 13.41
N GLN A 320 9.79 11.14 12.43
CA GLN A 320 9.02 11.34 11.21
C GLN A 320 7.52 11.39 11.50
N ALA A 321 7.04 10.50 12.37
CA ALA A 321 5.62 10.49 12.70
C ALA A 321 5.20 11.79 13.36
N LEU A 322 6.00 12.28 14.32
CA LEU A 322 5.67 13.54 14.96
C LEU A 322 5.69 14.70 13.96
N GLU A 323 6.67 14.72 13.07
CA GLU A 323 6.80 15.83 12.14
C GLU A 323 5.71 15.81 11.08
N SER A 324 5.21 14.62 10.74
CA SER A 324 4.25 14.50 9.65
C SER A 324 3.01 15.35 9.89
N CYS A 325 2.46 15.28 11.10
CA CYS A 325 1.31 16.10 11.47
C CYS A 325 1.71 17.41 12.15
N GLY A 326 2.99 17.63 12.40
CA GLY A 326 3.44 18.88 12.96
C GLY A 326 3.21 19.00 14.46
N LEU A 327 3.67 18.03 15.23
CA LEU A 327 3.53 18.02 16.67
C LEU A 327 4.91 17.97 17.33
N GLU A 328 4.90 18.01 18.66
CA GLU A 328 6.10 18.01 19.48
C GLU A 328 6.02 16.87 20.47
N PRO A 329 7.17 16.37 20.94
CA PRO A 329 7.13 15.24 21.87
C PRO A 329 6.44 15.56 23.19
N GLY A 330 6.40 16.84 23.57
CA GLY A 330 5.69 17.23 24.78
C GLY A 330 4.17 17.23 24.63
N ASP A 331 3.66 16.90 23.45
CA ASP A 331 2.23 16.87 23.22
C ASP A 331 1.63 15.47 23.33
N VAL A 332 2.42 14.48 23.73
CA VAL A 332 1.96 13.10 23.85
C VAL A 332 1.98 12.71 25.32
N ASP A 333 0.90 12.07 25.78
CA ASP A 333 0.75 11.72 27.19
C ASP A 333 1.01 10.25 27.50
N ALA A 334 0.90 9.36 26.52
CA ALA A 334 1.14 7.95 26.76
C ALA A 334 1.44 7.27 25.43
N VAL A 335 2.18 6.17 25.52
CA VAL A 335 2.56 5.37 24.36
C VAL A 335 2.28 3.91 24.66
N GLU A 336 1.92 3.16 23.64
CA GLU A 336 1.72 1.72 23.75
C GLU A 336 2.82 1.03 22.99
N ALA A 337 3.87 0.66 23.71
CA ALA A 337 5.05 0.05 23.11
C ALA A 337 4.70 -1.27 22.44
N HIS A 338 5.66 -1.79 21.68
CA HIS A 338 5.60 -3.11 21.11
C HIS A 338 6.20 -4.17 22.04
N GLY A 339 6.21 -3.91 23.33
CA GLY A 339 6.84 -4.80 24.28
C GLY A 339 6.30 -6.21 24.22
N THR A 340 7.11 -7.14 23.70
CA THR A 340 6.74 -8.53 23.56
C THR A 340 7.32 -9.41 24.66
N GLY A 341 7.89 -8.81 25.70
CA GLY A 341 8.52 -9.58 26.75
C GLY A 341 9.77 -10.31 26.30
N THR A 342 10.58 -9.66 25.47
CA THR A 342 11.85 -10.20 25.00
C THR A 342 12.97 -9.51 25.75
N ALA A 343 13.91 -10.30 26.29
CA ALA A 343 14.99 -9.72 27.08
C ALA A 343 15.81 -8.73 26.27
N LEU A 344 16.14 -9.08 25.03
CA LEU A 344 16.95 -8.18 24.20
C LEU A 344 16.15 -6.96 23.76
N GLY A 345 14.95 -7.17 23.23
CA GLY A 345 14.21 -6.11 22.58
C GLY A 345 13.73 -5.00 23.49
N ASP A 346 13.18 -5.35 24.64
CA ASP A 346 12.55 -4.36 25.49
C ASP A 346 13.49 -3.24 25.91
N PRO A 347 14.70 -3.52 26.41
CA PRO A 347 15.61 -2.41 26.74
C PRO A 347 15.88 -1.48 25.57
N ILE A 348 16.00 -2.02 24.36
CA ILE A 348 16.26 -1.19 23.19
C ILE A 348 15.11 -0.23 22.96
N GLU A 349 13.87 -0.75 23.00
CA GLU A 349 12.71 0.10 22.78
C GLU A 349 12.60 1.17 23.85
N ALA A 350 12.83 0.79 25.12
CA ALA A 350 12.76 1.77 26.19
C ALA A 350 13.81 2.86 26.00
N ASN A 351 15.03 2.48 25.63
CA ASN A 351 16.09 3.46 25.42
C ASN A 351 15.71 4.40 24.27
N ALA A 352 15.16 3.85 23.19
CA ALA A 352 14.73 4.69 22.08
C ALA A 352 13.65 5.67 22.54
N LEU A 353 12.71 5.21 23.36
CA LEU A 353 11.67 6.10 23.87
C LEU A 353 12.27 7.21 24.71
N LEU A 354 13.23 6.88 25.58
CA LEU A 354 13.84 7.90 26.43
C LEU A 354 14.48 9.00 25.61
N ASP A 355 14.98 8.69 24.41
CA ASP A 355 15.74 9.63 23.61
C ASP A 355 14.87 10.53 22.74
N THR A 356 13.57 10.24 22.62
CA THR A 356 12.70 11.03 21.76
C THR A 356 11.66 11.78 22.58
N TYR A 357 10.85 11.09 23.39
CA TYR A 357 9.90 11.80 24.23
C TYR A 357 10.51 12.19 25.57
N GLY A 358 11.41 11.36 26.09
CA GLY A 358 11.97 11.59 27.41
C GLY A 358 12.93 12.76 27.48
N ARG A 359 13.55 13.13 26.37
CA ARG A 359 14.53 14.22 26.40
C ARG A 359 13.85 15.54 26.72
N ASP A 360 14.40 16.26 27.68
CA ASP A 360 13.90 17.59 28.04
C ASP A 360 12.41 17.53 28.34
N ARG A 361 11.98 16.48 29.02
CA ARG A 361 10.57 16.29 29.30
C ARG A 361 10.16 17.05 30.55
N ASP A 362 8.91 17.52 30.57
CA ASP A 362 8.41 18.24 31.72
C ASP A 362 8.46 17.35 32.96
N ALA A 363 8.82 17.97 34.09
CA ALA A 363 9.09 17.19 35.31
C ALA A 363 7.81 16.73 36.00
N ASP A 364 6.64 17.22 35.58
CA ASP A 364 5.39 16.90 36.25
C ASP A 364 4.44 16.10 35.37
N ARG A 365 4.94 15.50 34.29
CA ARG A 365 4.10 14.70 33.42
C ARG A 365 4.94 13.69 32.65
N PRO A 366 5.64 12.79 33.36
CA PRO A 366 6.43 11.78 32.66
C PRO A 366 5.56 10.92 31.75
N LEU A 367 6.08 10.58 30.58
CA LEU A 367 5.32 9.83 29.61
C LEU A 367 4.95 8.46 30.17
N TRP A 368 3.67 8.12 30.11
CA TRP A 368 3.18 6.85 30.61
C TRP A 368 3.43 5.75 29.57
N LEU A 369 3.89 4.60 30.05
CA LEU A 369 4.25 3.50 29.16
C LEU A 369 3.50 2.24 29.57
N GLY A 370 2.99 1.52 28.57
CA GLY A 370 2.29 0.28 28.83
C GLY A 370 2.35 -0.63 27.62
N SER A 371 1.66 -1.76 27.73
CA SER A 371 1.65 -2.73 26.64
C SER A 371 0.46 -3.66 26.80
N VAL A 372 -0.39 -3.73 25.78
CA VAL A 372 -1.57 -4.59 25.85
C VAL A 372 -1.17 -6.06 25.77
N LYS A 373 -0.08 -6.36 25.06
CA LYS A 373 0.30 -7.76 24.86
C LYS A 373 0.48 -8.49 26.18
N SER A 374 0.83 -7.78 27.25
CA SER A 374 0.98 -8.42 28.55
C SER A 374 -0.30 -9.06 29.03
N ASN A 375 -1.45 -8.63 28.49
CA ASN A 375 -2.75 -9.17 28.90
C ASN A 375 -3.26 -10.27 27.96
N ILE A 376 -3.27 -10.01 26.66
CA ILE A 376 -3.84 -10.97 25.71
C ILE A 376 -2.72 -11.65 24.92
N GLY A 377 -1.49 -11.54 25.43
CA GLY A 377 -0.38 -12.19 24.75
C GLY A 377 -0.13 -11.57 23.39
N HIS A 378 0.38 -12.38 22.47
CA HIS A 378 0.75 -11.94 21.13
C HIS A 378 -0.33 -12.31 20.14
N THR A 379 -0.59 -11.38 19.21
CA THR A 379 -1.57 -11.60 18.15
C THR A 379 -0.93 -11.66 16.77
N GLN A 380 0.36 -11.38 16.66
CA GLN A 380 1.08 -11.45 15.38
C GLN A 380 0.42 -10.56 14.33
N ALA A 381 -0.27 -11.14 13.35
CA ALA A 381 -0.74 -10.36 12.21
C ALA A 381 -1.65 -9.22 12.63
N ALA A 382 -2.42 -9.40 13.70
CA ALA A 382 -3.35 -8.39 14.17
C ALA A 382 -2.87 -7.69 15.43
N ALA A 383 -1.57 -7.78 15.73
CA ALA A 383 -1.07 -7.19 16.96
C ALA A 383 -1.24 -5.67 16.96
N GLY A 384 -0.75 -5.00 15.91
CA GLY A 384 -0.75 -3.55 15.91
C GLY A 384 -2.11 -2.95 16.14
N VAL A 385 -3.09 -3.33 15.30
CA VAL A 385 -4.43 -2.77 15.41
C VAL A 385 -5.00 -3.03 16.79
N THR A 386 -4.57 -4.13 17.43
CA THR A 386 -5.09 -4.42 18.77
C THR A 386 -4.69 -3.30 19.74
N GLY A 387 -3.44 -2.87 19.69
CA GLY A 387 -3.02 -1.78 20.55
C GLY A 387 -3.85 -0.53 20.31
N LEU A 388 -4.05 -0.18 19.03
CA LEU A 388 -4.89 0.96 18.69
C LEU A 388 -6.25 0.83 19.34
N LEU A 389 -6.77 -0.39 19.47
CA LEU A 389 -8.06 -0.57 20.12
C LEU A 389 -8.01 -0.06 21.55
N LYS A 390 -7.02 -0.53 22.32
CA LYS A 390 -6.97 -0.22 23.74
C LYS A 390 -6.89 1.28 23.99
N VAL A 391 -6.13 2.00 23.17
CA VAL A 391 -6.08 3.44 23.30
C VAL A 391 -7.46 4.05 23.14
N VAL A 392 -8.17 3.68 22.07
CA VAL A 392 -9.48 4.28 21.82
C VAL A 392 -10.39 4.08 23.02
N LEU A 393 -10.47 2.85 23.52
CA LEU A 393 -11.28 2.60 24.71
C LEU A 393 -10.84 3.50 25.86
N ALA A 394 -9.53 3.60 26.08
CA ALA A 394 -9.04 4.49 27.14
C ALA A 394 -9.53 5.91 26.92
N LEU A 395 -9.53 6.36 25.66
CA LEU A 395 -10.06 7.68 25.36
C LEU A 395 -11.54 7.77 25.69
N ARG A 396 -12.29 6.71 25.36
CA ARG A 396 -13.74 6.76 25.57
C ARG A 396 -14.07 6.68 27.06
N ASN A 397 -13.43 5.79 27.79
CA ASN A 397 -13.68 5.66 29.22
C ASN A 397 -12.88 6.67 30.04
N GLY A 398 -11.92 7.36 29.44
CA GLY A 398 -11.14 8.33 30.18
C GLY A 398 -10.29 7.73 31.27
N GLU A 399 -9.68 6.57 31.00
CA GLU A 399 -8.81 5.92 31.98
C GLU A 399 -7.78 5.09 31.24
N LEU A 400 -6.61 4.95 31.88
CA LEU A 400 -5.50 4.18 31.31
C LEU A 400 -5.36 2.88 32.11
N PRO A 401 -5.70 1.73 31.56
CA PRO A 401 -5.56 0.48 32.32
C PRO A 401 -4.11 0.25 32.75
N ALA A 402 -3.95 -0.33 33.93
CA ALA A 402 -2.63 -0.69 34.40
C ALA A 402 -2.07 -1.84 33.56
N THR A 403 -0.76 -2.03 33.68
CA THR A 403 -0.06 -3.09 32.96
C THR A 403 0.38 -4.18 33.92
N LEU A 404 0.37 -5.42 33.43
CA LEU A 404 0.61 -6.58 34.27
C LEU A 404 2.10 -6.93 34.30
N HIS A 405 2.47 -7.73 35.29
CA HIS A 405 3.80 -8.33 35.36
C HIS A 405 4.90 -7.27 35.36
N VAL A 406 4.70 -6.23 36.16
CA VAL A 406 5.67 -5.14 36.26
C VAL A 406 6.04 -4.92 37.72
N GLU A 407 5.96 -5.98 38.52
CA GLU A 407 6.24 -5.86 39.94
C GLU A 407 7.67 -5.41 40.21
N GLU A 408 8.59 -5.72 39.30
CA GLU A 408 10.00 -5.37 39.48
C GLU A 408 10.58 -4.96 38.12
N PRO A 409 10.53 -3.67 37.77
CA PRO A 409 11.03 -3.24 36.45
C PRO A 409 12.40 -3.82 36.11
N THR A 410 12.69 -3.90 34.81
CA THR A 410 13.97 -4.44 34.38
C THR A 410 15.10 -3.50 34.78
N PRO A 411 16.26 -4.03 35.14
CA PRO A 411 17.37 -3.16 35.57
C PRO A 411 18.20 -2.63 34.41
N HIS A 412 18.16 -3.33 33.27
CA HIS A 412 19.01 -2.94 32.14
C HIS A 412 18.78 -1.50 31.73
N VAL A 413 17.56 -1.00 31.87
CA VAL A 413 17.22 0.35 31.50
C VAL A 413 17.22 1.22 32.76
N ASP A 414 17.57 2.48 32.57
CA ASP A 414 17.68 3.44 33.68
C ASP A 414 16.46 4.35 33.67
N TRP A 415 15.65 4.26 34.74
CA TRP A 415 14.53 5.16 34.93
C TRP A 415 14.86 6.36 35.78
N SER A 416 16.11 6.50 36.22
CA SER A 416 16.49 7.67 37.01
C SER A 416 16.26 8.95 36.21
N SER A 417 16.36 8.88 34.89
CA SER A 417 16.06 10.02 34.04
C SER A 417 14.66 10.52 34.36
N GLY A 418 13.72 9.60 34.54
CA GLY A 418 12.38 9.96 34.96
C GLY A 418 11.49 10.52 33.89
N GLY A 419 11.96 10.58 32.64
CA GLY A 419 11.12 11.07 31.56
C GLY A 419 9.98 10.12 31.22
N VAL A 420 10.15 8.84 31.54
CA VAL A 420 9.17 7.81 31.21
C VAL A 420 8.90 6.98 32.45
N ALA A 421 7.62 6.65 32.67
CA ALA A 421 7.20 5.88 33.81
C ALA A 421 6.24 4.79 33.38
N LEU A 422 6.42 3.60 33.95
CA LEU A 422 5.56 2.47 33.65
C LEU A 422 4.24 2.61 34.39
N LEU A 423 3.19 2.00 33.82
CA LEU A 423 1.85 2.10 34.37
C LEU A 423 1.66 0.99 35.40
N ALA A 424 2.14 1.22 36.62
CA ALA A 424 1.95 0.26 37.69
C ALA A 424 0.47 0.12 38.05
N GLY A 425 -0.26 1.23 38.05
CA GLY A 425 -1.67 1.19 38.38
C GLY A 425 -2.46 2.15 37.51
N ASN A 426 -3.78 1.96 37.52
CA ASN A 426 -4.64 2.79 36.68
C ASN A 426 -4.48 4.26 37.04
N GLN A 427 -4.45 5.10 36.00
CA GLN A 427 -4.22 6.53 36.16
C GLN A 427 -5.42 7.29 35.63
N PRO A 428 -6.09 8.13 36.41
CA PRO A 428 -7.18 8.94 35.85
C PRO A 428 -6.67 9.84 34.74
N TRP A 429 -7.45 9.92 33.66
CA TRP A 429 -7.06 10.65 32.46
C TRP A 429 -8.24 11.47 31.95
N ARG A 430 -8.90 12.19 32.85
CA ARG A 430 -10.14 12.87 32.50
C ARG A 430 -9.88 13.94 31.46
N ARG A 431 -10.87 14.15 30.60
CA ARG A 431 -10.79 15.22 29.62
C ARG A 431 -10.70 16.58 30.31
N GLY A 432 -9.88 17.45 29.76
CA GLY A 432 -9.68 18.75 30.38
C GLY A 432 -9.12 19.76 29.41
N GLU A 433 -8.47 20.79 29.97
CA GLU A 433 -7.94 21.87 29.14
C GLU A 433 -6.89 21.35 28.17
N ARG A 434 -5.98 20.51 28.64
CA ARG A 434 -4.88 20.04 27.81
C ARG A 434 -5.36 18.89 26.92
N THR A 435 -5.08 19.00 25.64
CA THR A 435 -5.50 17.97 24.69
C THR A 435 -4.85 16.63 25.04
N ARG A 436 -5.59 15.55 24.83
CA ARG A 436 -5.12 14.21 25.10
C ARG A 436 -4.63 13.58 23.79
N ARG A 437 -3.43 13.00 23.83
CA ARG A 437 -2.85 12.34 22.67
C ARG A 437 -2.06 11.13 23.12
N ALA A 438 -1.90 10.18 22.20
CA ALA A 438 -1.16 8.96 22.49
C ALA A 438 -0.51 8.47 21.21
N ALA A 439 0.42 7.52 21.35
CA ALA A 439 1.14 6.94 20.23
C ALA A 439 1.12 5.42 20.31
N VAL A 440 1.14 4.79 19.14
CA VAL A 440 1.19 3.34 19.02
C VAL A 440 2.36 2.98 18.12
N SER A 441 3.03 1.88 18.45
CA SER A 441 4.24 1.46 17.76
C SER A 441 4.13 0.00 17.37
N ALA A 442 4.79 -0.35 16.26
CA ALA A 442 4.86 -1.74 15.83
C ALA A 442 6.22 -1.99 15.18
N PHE A 443 6.87 -3.08 15.56
CA PHE A 443 8.19 -3.45 15.06
C PHE A 443 8.14 -4.91 14.61
N GLY A 444 8.17 -5.12 13.30
CA GLY A 444 8.16 -6.48 12.79
C GLY A 444 9.55 -7.10 12.78
N ILE A 445 9.58 -8.43 12.71
CA ILE A 445 10.85 -9.14 12.60
C ILE A 445 11.48 -8.88 11.25
N SER A 446 10.66 -8.70 10.21
CA SER A 446 11.18 -8.41 8.88
C SER A 446 12.02 -7.14 8.86
N GLY A 447 11.82 -6.26 9.82
CA GLY A 447 12.59 -5.03 9.92
C GLY A 447 11.79 -3.77 9.68
N THR A 448 10.51 -3.89 9.36
CA THR A 448 9.68 -2.71 9.10
C THR A 448 9.11 -2.19 10.41
N ASN A 449 9.33 -0.91 10.67
CA ASN A 449 8.85 -0.25 11.88
C ASN A 449 7.82 0.79 11.51
N ALA A 450 6.75 0.83 12.31
CA ALA A 450 5.63 1.72 12.08
C ALA A 450 5.29 2.45 13.37
N HIS A 451 4.95 3.74 13.24
CA HIS A 451 4.55 4.55 14.38
C HIS A 451 3.33 5.36 13.98
N VAL A 452 2.38 5.50 14.90
CA VAL A 452 1.13 6.21 14.63
C VAL A 452 0.76 7.05 15.84
N ILE A 453 0.07 8.16 15.59
CA ILE A 453 -0.38 9.07 16.64
C ILE A 453 -1.91 9.09 16.65
N VAL A 454 -2.48 9.39 17.81
CA VAL A 454 -3.92 9.39 17.99
C VAL A 454 -4.30 10.52 18.95
N GLU A 455 -5.46 11.12 18.70
CA GLU A 455 -5.96 12.27 19.44
C GLU A 455 -7.42 12.06 19.80
N GLU A 456 -7.87 12.70 20.87
CA GLU A 456 -9.25 12.56 21.29
C GLU A 456 -10.17 13.27 20.29
N ALA A 457 -11.41 12.80 20.21
CA ALA A 457 -12.36 13.36 19.27
C ALA A 457 -12.71 14.78 19.67
N PRO A 458 -13.08 15.64 18.72
CA PRO A 458 -13.44 17.02 19.07
C PRO A 458 -14.72 17.09 19.88
N GLU A 459 -14.88 18.19 20.60
CA GLU A 459 -16.02 18.37 21.48
C GLU A 459 -17.32 18.38 20.68
N ARG A 460 -18.40 18.00 21.34
CA ARG A 460 -19.73 18.04 20.76
C ARG A 460 -20.76 18.36 21.83
N ASP A 469 -42.98 11.83 25.55
CA ASP A 469 -44.25 11.73 24.85
C ASP A 469 -44.80 10.30 24.94
N GLY A 470 -46.06 10.13 24.53
CA GLY A 470 -46.70 8.83 24.61
C GLY A 470 -47.35 8.39 23.31
N ARG A 471 -46.72 8.72 22.20
CA ARG A 471 -47.24 8.38 20.88
C ARG A 471 -47.02 6.90 20.58
N PRO A 472 -47.79 6.34 19.65
CA PRO A 472 -47.53 4.97 19.22
C PRO A 472 -46.17 4.85 18.55
N VAL A 473 -45.57 3.67 18.66
CA VAL A 473 -44.23 3.39 18.16
C VAL A 473 -44.24 2.03 17.50
N PRO A 474 -43.82 1.91 16.23
CA PRO A 474 -43.65 0.57 15.63
C PRO A 474 -42.23 0.04 15.80
N LEU A 475 -42.10 -1.24 16.14
CA LEU A 475 -40.80 -1.91 16.26
C LEU A 475 -40.73 -3.01 15.22
N VAL A 476 -39.69 -2.98 14.40
CA VAL A 476 -39.52 -3.92 13.31
C VAL A 476 -38.29 -4.78 13.57
N VAL A 477 -38.38 -6.06 13.23
CA VAL A 477 -37.24 -6.96 13.30
C VAL A 477 -37.26 -7.85 12.07
N SER A 478 -36.08 -8.28 11.65
CA SER A 478 -35.95 -9.10 10.46
C SER A 478 -34.73 -9.99 10.59
N ALA A 479 -34.72 -11.06 9.80
CA ALA A 479 -33.62 -12.00 9.81
C ALA A 479 -33.75 -12.92 8.60
N ARG A 480 -32.69 -13.67 8.33
CA ARG A 480 -32.69 -14.64 7.24
C ARG A 480 -33.13 -16.03 7.68
N SER A 481 -33.51 -16.20 8.95
CA SER A 481 -34.03 -17.47 9.42
C SER A 481 -34.96 -17.20 10.59
N THR A 482 -35.90 -18.13 10.80
CA THR A 482 -36.87 -17.98 11.88
C THR A 482 -36.18 -17.98 13.24
N ALA A 483 -35.27 -18.93 13.46
CA ALA A 483 -34.58 -19.01 14.74
C ALA A 483 -33.79 -17.73 15.00
N ALA A 484 -33.12 -17.22 13.98
CA ALA A 484 -32.41 -15.96 14.12
C ALA A 484 -33.37 -14.83 14.45
N LEU A 485 -34.56 -14.84 13.84
CA LEU A 485 -35.56 -13.81 14.14
C LEU A 485 -35.99 -13.86 15.60
N ARG A 486 -36.22 -15.06 16.13
N ARG A 486 -36.22 -15.07 16.12
CA ARG A 486 -36.62 -15.21 17.52
CA ARG A 486 -36.62 -15.20 17.53
C ARG A 486 -35.49 -14.77 18.45
C ARG A 486 -35.49 -14.76 18.45
N ALA A 487 -34.25 -15.11 18.11
CA ALA A 487 -33.11 -14.68 18.91
C ALA A 487 -33.00 -13.15 18.91
N GLN A 488 -33.20 -12.54 17.75
CA GLN A 488 -33.17 -11.08 17.65
C GLN A 488 -34.26 -10.46 18.51
N ALA A 489 -35.46 -11.01 18.46
CA ALA A 489 -36.56 -10.50 19.26
C ALA A 489 -36.25 -10.61 20.75
N ALA A 490 -35.67 -11.75 21.15
CA ALA A 490 -35.28 -11.90 22.55
C ALA A 490 -34.25 -10.85 22.95
N GLN A 491 -33.27 -10.60 22.09
CA GLN A 491 -32.27 -9.58 22.39
C GLN A 491 -32.91 -8.22 22.57
N ILE A 492 -33.84 -7.86 21.69
CA ILE A 492 -34.46 -6.55 21.75
C ILE A 492 -35.33 -6.43 23.00
N ALA A 493 -36.03 -7.51 23.36
CA ALA A 493 -36.83 -7.49 24.57
C ALA A 493 -35.96 -7.30 25.81
N GLU A 494 -34.82 -8.00 25.85
CA GLU A 494 -33.90 -7.81 26.97
C GLU A 494 -33.37 -6.38 27.01
N LEU A 495 -33.10 -5.80 25.84
CA LEU A 495 -32.69 -4.41 25.79
C LEU A 495 -33.75 -3.49 26.37
N LEU A 496 -35.02 -3.72 26.03
CA LEU A 496 -36.10 -2.89 26.52
C LEU A 496 -36.37 -3.08 28.01
N GLU A 497 -36.09 -4.27 28.55
CA GLU A 497 -36.37 -4.50 29.96
C GLU A 497 -35.57 -3.59 30.89
N ARG A 498 -34.49 -2.97 30.40
CA ARG A 498 -33.70 -2.11 31.26
C ARG A 498 -34.50 -0.86 31.63
N PRO A 499 -34.22 -0.27 32.80
CA PRO A 499 -34.90 0.97 33.17
C PRO A 499 -34.49 2.15 32.31
N ASP A 500 -33.25 2.13 31.83
CA ASP A 500 -32.75 3.24 31.02
C ASP A 500 -33.22 3.16 29.57
N ALA A 501 -33.86 2.06 29.18
CA ALA A 501 -34.23 1.86 27.78
C ALA A 501 -35.15 2.98 27.30
N ASP A 502 -34.86 3.49 26.11
CA ASP A 502 -35.68 4.51 25.47
C ASP A 502 -36.45 3.84 24.33
N LEU A 503 -37.76 4.07 24.30
CA LEU A 503 -38.61 3.36 23.34
C LEU A 503 -38.45 3.92 21.93
N ALA A 504 -38.63 5.23 21.79
CA ALA A 504 -38.52 5.85 20.47
C ALA A 504 -37.13 5.68 19.87
N GLY A 505 -36.10 5.83 20.70
CA GLY A 505 -34.75 5.65 20.20
C GLY A 505 -34.51 4.24 19.67
N VAL A 506 -34.98 3.23 20.41
CA VAL A 506 -34.83 1.85 19.97
C VAL A 506 -35.59 1.62 18.67
N GLY A 507 -36.82 2.15 18.60
CA GLY A 507 -37.59 1.99 17.38
C GLY A 507 -36.90 2.60 16.18
N LEU A 508 -36.40 3.83 16.33
CA LEU A 508 -35.74 4.49 15.21
C LEU A 508 -34.45 3.77 14.83
N GLY A 509 -33.70 3.29 15.83
CA GLY A 509 -32.49 2.55 15.53
C GLY A 509 -32.77 1.27 14.75
N LEU A 510 -33.83 0.56 15.11
CA LEU A 510 -34.23 -0.59 14.32
C LEU A 510 -34.66 -0.17 12.92
N ALA A 511 -35.38 0.94 12.80
CA ALA A 511 -35.93 1.34 11.51
C ALA A 511 -34.83 1.72 10.53
N THR A 512 -33.83 2.47 10.99
CA THR A 512 -32.90 3.13 10.08
C THR A 512 -31.50 2.54 10.07
N THR A 513 -31.10 1.80 11.09
CA THR A 513 -29.72 1.35 11.24
C THR A 513 -29.57 -0.16 11.13
N ARG A 514 -30.50 -0.83 10.45
CA ARG A 514 -30.43 -2.28 10.28
C ARG A 514 -31.00 -2.66 8.93
N ALA A 515 -30.33 -3.60 8.26
CA ALA A 515 -30.79 -4.07 6.96
C ALA A 515 -32.11 -4.84 7.12
N ARG A 516 -32.90 -4.85 6.05
CA ARG A 516 -34.17 -5.53 6.04
C ARG A 516 -34.02 -6.86 5.31
N HIS A 517 -34.36 -7.95 5.99
CA HIS A 517 -34.09 -9.30 5.53
C HIS A 517 -35.39 -9.98 5.11
N GLU A 518 -35.30 -11.27 4.78
CA GLU A 518 -36.45 -11.98 4.24
C GLU A 518 -37.54 -12.14 5.28
N HIS A 519 -37.25 -12.86 6.36
CA HIS A 519 -38.24 -13.06 7.42
C HIS A 519 -38.37 -11.79 8.24
N ARG A 520 -39.60 -11.34 8.47
CA ARG A 520 -39.85 -10.06 9.12
C ARG A 520 -40.96 -10.22 10.14
N ALA A 521 -40.92 -9.35 11.15
CA ALA A 521 -41.96 -9.27 12.16
C ALA A 521 -42.05 -7.83 12.65
N ALA A 522 -43.24 -7.44 13.11
CA ALA A 522 -43.49 -6.09 13.56
C ALA A 522 -44.44 -6.08 14.75
N VAL A 523 -44.14 -5.22 15.72
CA VAL A 523 -44.95 -5.05 16.92
C VAL A 523 -45.16 -3.56 17.15
N VAL A 524 -46.41 -3.13 17.17
CA VAL A 524 -46.73 -1.75 17.47
C VAL A 524 -47.06 -1.65 18.95
N ALA A 525 -46.49 -0.66 19.63
CA ALA A 525 -46.72 -0.51 21.06
C ALA A 525 -46.51 0.94 21.46
N SER A 526 -47.13 1.32 22.58
CA SER A 526 -46.97 2.64 23.15
C SER A 526 -46.22 2.64 24.48
N THR A 527 -46.07 1.49 25.12
CA THR A 527 -45.32 1.36 26.37
C THR A 527 -44.43 0.13 26.28
N ARG A 528 -43.34 0.15 27.04
CA ARG A 528 -42.36 -0.92 26.97
C ARG A 528 -42.95 -2.27 27.35
N GLU A 529 -44.07 -2.29 28.08
CA GLU A 529 -44.68 -3.54 28.51
C GLU A 529 -45.31 -4.30 27.35
N GLU A 530 -46.17 -3.63 26.57
CA GLU A 530 -46.71 -4.26 25.38
C GLU A 530 -45.59 -4.67 24.43
N ALA A 531 -44.58 -3.83 24.28
CA ALA A 531 -43.46 -4.17 23.41
C ALA A 531 -42.80 -5.46 23.85
N VAL A 532 -42.44 -5.56 25.13
CA VAL A 532 -41.71 -6.73 25.59
C VAL A 532 -42.58 -7.98 25.48
N ARG A 533 -43.87 -7.86 25.82
CA ARG A 533 -44.74 -9.02 25.67
C ARG A 533 -44.81 -9.48 24.22
N GLY A 534 -45.01 -8.54 23.29
CA GLY A 534 -45.09 -8.91 21.89
C GLY A 534 -43.82 -9.55 21.38
N LEU A 535 -42.68 -9.00 21.77
CA LEU A 535 -41.40 -9.59 21.38
C LEU A 535 -41.28 -11.00 21.93
N ARG A 536 -41.71 -11.22 23.17
CA ARG A 536 -41.64 -12.56 23.73
C ARG A 536 -42.55 -13.53 22.96
N GLU A 537 -43.74 -13.08 22.57
CA GLU A 537 -44.61 -13.96 21.77
C GLU A 537 -43.96 -14.31 20.44
N ILE A 538 -43.33 -13.32 19.79
CA ILE A 538 -42.60 -13.62 18.57
C ILE A 538 -41.51 -14.66 18.86
N ALA A 539 -40.78 -14.48 19.95
CA ALA A 539 -39.72 -15.42 20.30
C ALA A 539 -40.26 -16.81 20.58
N ALA A 540 -41.53 -16.91 20.98
CA ALA A 540 -42.12 -18.22 21.25
C ALA A 540 -42.57 -18.92 19.96
N GLY A 541 -42.66 -18.20 18.85
CA GLY A 541 -43.12 -18.79 17.61
C GLY A 541 -44.61 -18.86 17.44
N ALA A 542 -45.39 -18.17 18.27
CA ALA A 542 -46.84 -18.16 18.19
C ALA A 542 -47.33 -16.73 18.07
N ALA A 543 -47.60 -16.30 16.84
CA ALA A 543 -48.09 -14.94 16.58
C ALA A 543 -49.59 -14.84 16.81
N THR A 544 -50.04 -15.27 17.99
CA THR A 544 -51.46 -15.28 18.32
C THR A 544 -52.00 -13.90 18.65
N ALA A 545 -51.19 -13.03 19.24
CA ALA A 545 -51.68 -11.74 19.69
C ALA A 545 -52.13 -10.89 18.49
N ASP A 546 -52.74 -9.75 18.81
CA ASP A 546 -53.26 -8.83 17.81
C ASP A 546 -52.24 -7.81 17.34
N ALA A 547 -51.57 -7.11 18.26
CA ALA A 547 -50.60 -6.09 17.88
C ALA A 547 -49.26 -6.72 17.57
N VAL A 548 -49.27 -7.76 16.72
CA VAL A 548 -48.05 -8.45 16.32
C VAL A 548 -48.32 -9.07 14.96
N VAL A 549 -47.39 -8.88 14.03
CA VAL A 549 -47.52 -9.44 12.69
C VAL A 549 -46.18 -10.03 12.29
N GLU A 550 -46.23 -11.02 11.40
CA GLU A 550 -45.03 -11.68 10.90
C GLU A 550 -45.23 -12.02 9.44
N GLY A 551 -44.14 -12.33 8.76
CA GLY A 551 -44.24 -12.72 7.37
C GLY A 551 -42.89 -13.02 6.77
N VAL A 552 -42.92 -13.46 5.52
CA VAL A 552 -41.72 -13.73 4.75
C VAL A 552 -41.91 -13.16 3.35
N THR A 553 -40.90 -12.44 2.87
CA THR A 553 -40.97 -11.80 1.56
C THR A 553 -39.67 -12.05 0.82
N GLU A 554 -39.75 -12.02 -0.50
CA GLU A 554 -38.61 -12.27 -1.37
C GLU A 554 -38.16 -11.04 -2.13
N VAL A 555 -39.08 -10.15 -2.47
CA VAL A 555 -38.77 -8.94 -3.22
C VAL A 555 -38.80 -7.76 -2.28
N ASP A 556 -37.93 -6.78 -2.54
CA ASP A 556 -37.86 -5.57 -1.74
C ASP A 556 -38.72 -4.44 -2.30
N GLY A 557 -39.46 -4.70 -3.39
CA GLY A 557 -40.34 -3.70 -3.95
C GLY A 557 -41.62 -4.34 -4.44
N ARG A 558 -42.60 -3.48 -4.74
CA ARG A 558 -43.89 -3.94 -5.21
C ARG A 558 -44.49 -2.91 -6.15
N ASN A 559 -45.18 -3.39 -7.19
CA ASN A 559 -45.99 -2.53 -8.03
C ASN A 559 -47.34 -2.35 -7.33
N VAL A 560 -47.50 -1.25 -6.63
CA VAL A 560 -48.63 -1.05 -5.74
C VAL A 560 -49.82 -0.47 -6.51
N VAL A 561 -51.01 -0.74 -6.00
CA VAL A 561 -52.24 -0.25 -6.61
C VAL A 561 -53.17 0.23 -5.51
N PHE A 562 -53.91 1.29 -5.79
CA PHE A 562 -54.87 1.85 -4.85
C PHE A 562 -56.29 1.52 -5.30
N LEU A 563 -57.14 1.18 -4.33
CA LEU A 563 -58.52 0.82 -4.58
C LEU A 563 -59.44 1.71 -3.76
N PHE A 564 -60.46 2.26 -4.40
CA PHE A 564 -61.43 3.14 -3.75
C PHE A 564 -62.81 2.51 -3.81
N PRO A 565 -63.31 1.92 -2.73
CA PRO A 565 -64.64 1.33 -2.75
C PRO A 565 -65.73 2.38 -2.76
N GLY A 566 -66.97 1.91 -2.85
CA GLY A 566 -68.12 2.79 -2.90
C GLY A 566 -68.74 3.01 -1.53
N GLN A 567 -70.04 2.75 -1.41
CA GLN A 567 -70.74 2.93 -0.16
C GLN A 567 -70.58 1.70 0.73
N GLY A 568 -70.74 1.92 2.04
CA GLY A 568 -70.71 0.83 2.99
C GLY A 568 -69.67 1.00 4.07
N SER A 569 -68.58 1.71 3.77
CA SER A 569 -67.49 1.84 4.73
C SER A 569 -67.72 2.95 5.74
N GLN A 570 -68.79 3.72 5.61
CA GLN A 570 -69.03 4.80 6.56
C GLN A 570 -69.46 4.24 7.91
N TRP A 571 -69.15 4.99 8.97
CA TRP A 571 -69.66 4.69 10.31
C TRP A 571 -69.38 5.91 11.18
N ALA A 572 -69.91 5.89 12.40
CA ALA A 572 -69.85 7.04 13.28
C ALA A 572 -68.49 7.12 13.96
N GLY A 573 -67.93 8.33 14.01
CA GLY A 573 -66.69 8.58 14.72
C GLY A 573 -65.43 8.22 13.97
N MET A 574 -65.55 7.74 12.73
CA MET A 574 -64.37 7.36 11.97
C MET A 574 -63.48 8.57 11.74
N GLY A 575 -62.24 8.50 12.22
CA GLY A 575 -61.28 9.55 12.03
C GLY A 575 -61.16 10.54 13.16
N ALA A 576 -61.77 10.27 14.31
CA ALA A 576 -61.66 11.20 15.43
C ALA A 576 -60.21 11.33 15.91
N GLU A 577 -59.52 10.20 16.10
CA GLU A 577 -58.14 10.26 16.58
C GLU A 577 -57.22 10.88 15.55
N LEU A 578 -57.46 10.61 14.26
CA LEU A 578 -56.57 11.10 13.21
C LEU A 578 -56.56 12.61 13.09
N LEU A 579 -57.70 13.27 13.33
CA LEU A 579 -57.76 14.72 13.25
C LEU A 579 -56.75 15.36 14.19
N SER A 580 -56.39 14.64 15.27
CA SER A 580 -55.50 15.21 16.27
C SER A 580 -54.09 14.63 16.15
N SER A 581 -53.98 13.37 15.75
CA SER A 581 -52.69 12.69 15.74
C SER A 581 -51.98 12.75 14.40
N SER A 582 -52.52 13.44 13.40
CA SER A 582 -51.92 13.48 12.06
C SER A 582 -52.11 14.85 11.44
N PRO A 583 -51.08 15.69 11.41
CA PRO A 583 -51.23 16.99 10.73
C PRO A 583 -51.57 16.88 9.26
N VAL A 584 -51.06 15.86 8.56
CA VAL A 584 -51.29 15.75 7.12
C VAL A 584 -52.76 15.49 6.84
N PHE A 585 -53.34 14.50 7.54
CA PHE A 585 -54.73 14.13 7.32
C PHE A 585 -55.66 15.31 7.62
N ALA A 586 -55.45 15.95 8.77
CA ALA A 586 -56.26 17.10 9.14
C ALA A 586 -56.09 18.24 8.16
N GLY A 587 -54.86 18.48 7.70
CA GLY A 587 -54.64 19.52 6.71
C GLY A 587 -55.40 19.27 5.43
N LYS A 588 -55.36 18.03 4.94
CA LYS A 588 -56.07 17.71 3.71
C LYS A 588 -57.58 17.84 3.88
N ILE A 589 -58.11 17.38 5.01
CA ILE A 589 -59.56 17.45 5.22
C ILE A 589 -59.99 18.91 5.36
N ARG A 590 -59.17 19.72 6.03
CA ARG A 590 -59.44 21.14 6.15
C ARG A 590 -59.42 21.82 4.78
N ALA A 591 -58.46 21.44 3.93
CA ALA A 591 -58.41 21.97 2.58
C ALA A 591 -59.67 21.60 1.80
N CYS A 592 -60.14 20.36 1.97
CA CYS A 592 -61.39 19.95 1.34
C CYS A 592 -62.55 20.81 1.82
N ASP A 593 -62.62 21.06 3.13
CA ASP A 593 -63.68 21.92 3.66
C ASP A 593 -63.61 23.32 3.04
N GLU A 594 -62.41 23.89 2.95
CA GLU A 594 -62.27 25.22 2.36
C GLU A 594 -62.74 25.21 0.91
N SER A 595 -62.33 24.19 0.16
CA SER A 595 -62.75 24.05 -1.23
C SER A 595 -64.26 23.88 -1.33
N MET A 596 -64.87 23.35 -0.27
CA MET A 596 -66.29 23.04 -0.29
C MET A 596 -67.17 24.18 0.21
N ALA A 597 -66.58 25.32 0.57
CA ALA A 597 -67.33 26.33 1.29
C ALA A 597 -68.54 26.87 0.53
N PRO A 598 -68.42 27.35 -0.73
CA PRO A 598 -69.53 28.04 -1.39
C PRO A 598 -70.50 27.10 -2.10
N MET A 599 -70.80 25.98 -1.47
CA MET A 599 -71.83 25.07 -1.98
C MET A 599 -72.73 24.58 -0.84
N GLN A 600 -72.22 24.60 0.38
CA GLN A 600 -72.92 24.07 1.54
C GLN A 600 -72.57 24.92 2.75
N ASP A 601 -72.92 24.44 3.93
CA ASP A 601 -72.67 25.16 5.17
C ASP A 601 -71.84 24.37 6.17
N TRP A 602 -72.09 23.07 6.31
CA TRP A 602 -71.41 22.28 7.32
C TRP A 602 -69.93 22.08 6.94
N LYS A 603 -69.14 21.71 7.93
CA LYS A 603 -67.75 21.31 7.73
C LYS A 603 -67.64 19.84 8.10
N VAL A 604 -67.06 19.03 7.20
CA VAL A 604 -66.97 17.60 7.45
C VAL A 604 -66.29 17.32 8.77
N SER A 605 -65.43 18.24 9.24
CA SER A 605 -64.83 18.09 10.55
C SER A 605 -65.90 18.04 11.63
N ASP A 606 -66.98 18.81 11.48
CA ASP A 606 -68.07 18.75 12.45
C ASP A 606 -68.68 17.36 12.49
N VAL A 607 -68.93 16.78 11.31
CA VAL A 607 -69.54 15.45 11.25
C VAL A 607 -68.62 14.42 11.88
N LEU A 608 -67.34 14.45 11.54
CA LEU A 608 -66.41 13.48 12.11
C LEU A 608 -66.34 13.63 13.62
N ARG A 609 -66.13 14.86 14.11
CA ARG A 609 -66.16 15.11 15.54
C ARG A 609 -67.57 14.98 16.11
N GLN A 610 -68.58 14.86 15.25
CA GLN A 610 -69.97 14.77 15.68
C GLN A 610 -70.36 16.01 16.49
N ALA A 611 -69.86 17.16 16.06
CA ALA A 611 -70.16 18.39 16.76
C ALA A 611 -71.66 18.67 16.70
N PRO A 612 -72.23 19.29 17.74
CA PRO A 612 -73.66 19.56 17.73
C PRO A 612 -74.04 20.45 16.57
N GLY A 613 -75.21 20.19 16.00
CA GLY A 613 -75.67 20.95 14.85
C GLY A 613 -75.14 20.48 13.52
N ALA A 614 -74.59 19.26 13.45
CA ALA A 614 -74.09 18.72 12.19
C ALA A 614 -74.98 17.58 11.71
N PRO A 615 -75.25 17.51 10.40
CA PRO A 615 -76.11 16.43 9.89
C PRO A 615 -75.58 15.04 10.21
N GLY A 616 -76.47 14.10 10.47
CA GLY A 616 -76.09 12.73 10.72
C GLY A 616 -75.68 12.00 9.45
N LEU A 617 -75.15 10.79 9.64
CA LEU A 617 -74.67 9.98 8.52
C LEU A 617 -75.80 9.10 7.97
N ASP A 618 -76.93 9.74 7.69
CA ASP A 618 -78.07 9.04 7.12
C ASP A 618 -78.44 9.65 5.76
N ARG A 619 -78.44 10.97 5.69
CA ARG A 619 -78.79 11.64 4.44
C ARG A 619 -77.69 11.42 3.41
N VAL A 620 -78.09 11.04 2.20
CA VAL A 620 -77.11 10.73 1.16
C VAL A 620 -76.36 11.97 0.72
N ASP A 621 -76.96 13.14 0.92
CA ASP A 621 -76.31 14.39 0.51
C ASP A 621 -75.08 14.71 1.35
N VAL A 622 -74.85 14.02 2.47
CA VAL A 622 -73.71 14.25 3.33
C VAL A 622 -72.74 13.09 3.33
N VAL A 623 -73.24 11.86 3.17
CA VAL A 623 -72.38 10.67 3.33
C VAL A 623 -71.26 10.68 2.29
N GLN A 624 -71.62 10.87 1.02
CA GLN A 624 -70.64 10.69 -0.05
C GLN A 624 -69.48 11.69 0.04
N PRO A 625 -69.71 12.99 0.21
CA PRO A 625 -68.57 13.91 0.33
C PRO A 625 -67.66 13.57 1.49
N VAL A 626 -68.21 13.06 2.60
CA VAL A 626 -67.39 12.68 3.74
C VAL A 626 -66.44 11.55 3.35
N LEU A 627 -66.98 10.53 2.67
CA LEU A 627 -66.12 9.45 2.20
C LEU A 627 -65.07 9.96 1.24
N PHE A 628 -65.45 10.87 0.34
CA PHE A 628 -64.48 11.46 -0.58
C PHE A 628 -63.32 12.09 0.18
N ALA A 629 -63.65 12.96 1.15
CA ALA A 629 -62.62 13.67 1.89
C ALA A 629 -61.73 12.70 2.66
N VAL A 630 -62.34 11.72 3.33
CA VAL A 630 -61.56 10.76 4.12
C VAL A 630 -60.64 9.96 3.22
N MET A 631 -61.14 9.52 2.07
CA MET A 631 -60.32 8.72 1.17
C MET A 631 -59.14 9.51 0.64
N VAL A 632 -59.36 10.76 0.22
CA VAL A 632 -58.24 11.55 -0.29
C VAL A 632 -57.23 11.82 0.82
N SER A 633 -57.73 12.07 2.04
CA SER A 633 -56.82 12.30 3.16
C SER A 633 -55.97 11.08 3.44
N LEU A 634 -56.58 9.90 3.45
CA LEU A 634 -55.82 8.66 3.67
C LEU A 634 -54.84 8.42 2.54
N ALA A 635 -55.21 8.74 1.30
CA ALA A 635 -54.28 8.59 0.19
C ALA A 635 -53.06 9.48 0.40
N GLU A 636 -53.26 10.72 0.83
CA GLU A 636 -52.13 11.58 1.14
C GLU A 636 -51.29 11.02 2.27
N LEU A 637 -51.94 10.46 3.30
CA LEU A 637 -51.22 9.86 4.40
C LEU A 637 -50.33 8.72 3.91
N TRP A 638 -50.87 7.86 3.04
CA TRP A 638 -50.09 6.79 2.45
C TRP A 638 -48.91 7.35 1.67
N ARG A 639 -49.15 8.39 0.86
CA ARG A 639 -48.07 8.98 0.08
C ARG A 639 -46.95 9.48 0.96
N SER A 640 -47.29 10.16 2.06
CA SER A 640 -46.27 10.78 2.91
C SER A 640 -45.25 9.77 3.42
N TYR A 641 -45.61 8.49 3.52
CA TYR A 641 -44.70 7.46 4.00
C TYR A 641 -43.95 6.78 2.87
N GLY A 642 -44.09 7.25 1.64
CA GLY A 642 -43.34 6.74 0.52
C GLY A 642 -44.02 5.66 -0.30
N VAL A 643 -45.28 5.34 0.00
CA VAL A 643 -46.03 4.32 -0.73
C VAL A 643 -46.72 5.03 -1.90
N GLU A 644 -45.98 5.20 -3.00
CA GLU A 644 -46.53 5.85 -4.18
C GLU A 644 -47.25 4.83 -5.03
N PRO A 645 -48.48 5.08 -5.49
CA PRO A 645 -49.21 4.06 -6.21
C PRO A 645 -48.82 4.00 -7.67
N ALA A 646 -48.70 2.79 -8.20
CA ALA A 646 -48.45 2.63 -9.63
C ALA A 646 -49.73 2.85 -10.44
N ALA A 647 -50.88 2.61 -9.84
CA ALA A 647 -52.16 2.81 -10.53
C ALA A 647 -53.26 2.89 -9.49
N VAL A 648 -54.40 3.43 -9.93
CA VAL A 648 -55.56 3.60 -9.06
C VAL A 648 -56.79 3.03 -9.75
N VAL A 649 -57.75 2.61 -8.94
CA VAL A 649 -59.02 2.05 -9.44
C VAL A 649 -60.11 2.45 -8.46
N GLY A 650 -61.28 2.77 -9.01
CA GLY A 650 -62.38 3.24 -8.19
C GLY A 650 -63.64 2.46 -8.46
N HIS A 651 -64.50 2.40 -7.44
CA HIS A 651 -65.81 1.77 -7.53
C HIS A 651 -66.86 2.86 -7.34
N SER A 652 -67.69 3.06 -8.36
CA SER A 652 -68.74 4.09 -8.29
C SER A 652 -68.06 5.44 -8.04
N GLN A 653 -68.71 6.29 -7.24
CA GLN A 653 -68.19 7.63 -6.97
C GLN A 653 -66.73 7.60 -6.51
N GLY A 654 -66.27 6.44 -6.05
CA GLY A 654 -64.88 6.32 -5.65
C GLY A 654 -63.92 6.82 -6.71
N GLU A 655 -64.24 6.58 -7.98
CA GLU A 655 -63.36 7.04 -9.05
C GLU A 655 -63.06 8.53 -8.90
N ILE A 656 -64.06 9.32 -8.54
CA ILE A 656 -63.85 10.75 -8.33
C ILE A 656 -62.67 10.96 -7.38
N ALA A 657 -62.73 10.34 -6.22
CA ALA A 657 -61.60 10.41 -5.30
C ALA A 657 -60.33 9.96 -5.98
N ALA A 658 -60.37 8.80 -6.64
CA ALA A 658 -59.20 8.34 -7.39
C ALA A 658 -58.74 9.41 -8.37
N ALA A 659 -59.68 10.03 -9.09
CA ALA A 659 -59.32 11.05 -10.06
C ALA A 659 -58.55 12.18 -9.41
N HIS A 660 -58.87 12.53 -8.17
CA HIS A 660 -58.12 13.56 -7.47
C HIS A 660 -56.75 13.05 -7.04
N VAL A 661 -56.66 11.80 -6.59
CA VAL A 661 -55.38 11.24 -6.19
C VAL A 661 -54.45 11.15 -7.40
N ALA A 662 -54.98 10.69 -8.54
CA ALA A 662 -54.19 10.62 -9.75
C ALA A 662 -53.71 12.01 -10.19
N GLY A 663 -54.60 13.00 -10.12
CA GLY A 663 -54.27 14.36 -10.52
C GLY A 663 -55.08 14.88 -11.68
N ALA A 664 -56.00 14.08 -12.22
CA ALA A 664 -56.78 14.52 -13.37
C ALA A 664 -57.73 15.65 -13.01
N LEU A 665 -58.20 15.68 -11.76
CA LEU A 665 -59.18 16.67 -11.32
C LEU A 665 -58.63 17.48 -10.15
N THR A 666 -59.01 18.75 -10.11
CA THR A 666 -58.69 19.59 -8.97
C THR A 666 -59.62 19.27 -7.80
N LEU A 667 -59.15 19.58 -6.58
CA LEU A 667 -59.96 19.33 -5.39
C LEU A 667 -61.32 20.02 -5.50
N GLU A 668 -61.33 21.28 -5.92
CA GLU A 668 -62.59 22.00 -6.07
C GLU A 668 -63.49 21.34 -7.12
N ASP A 669 -62.91 20.92 -8.24
CA ASP A 669 -63.71 20.29 -9.28
C ASP A 669 -64.31 18.98 -8.81
N ALA A 670 -63.51 18.18 -8.10
CA ALA A 670 -64.02 16.93 -7.54
C ALA A 670 -65.14 17.21 -6.54
N ALA A 671 -64.97 18.24 -5.71
CA ALA A 671 -66.04 18.60 -4.78
C ALA A 671 -67.31 18.96 -5.54
N LYS A 672 -67.18 19.76 -6.60
CA LYS A 672 -68.33 20.11 -7.42
C LYS A 672 -69.05 18.85 -7.91
N LEU A 673 -68.29 17.95 -8.53
CA LEU A 673 -68.90 16.76 -9.13
C LEU A 673 -69.58 15.89 -8.06
N VAL A 674 -68.89 15.65 -6.96
CA VAL A 674 -69.42 14.74 -5.94
C VAL A 674 -70.66 15.36 -5.30
N VAL A 675 -70.61 16.66 -5.01
CA VAL A 675 -71.76 17.32 -4.41
C VAL A 675 -72.95 17.29 -5.35
N GLY A 676 -72.72 17.54 -6.64
CA GLY A 676 -73.79 17.49 -7.60
C GLY A 676 -74.42 16.12 -7.66
N ARG A 677 -73.59 15.08 -7.73
CA ARG A 677 -74.12 13.73 -7.80
C ARG A 677 -74.91 13.40 -6.54
N SER A 678 -74.39 13.79 -5.38
CA SER A 678 -75.09 13.54 -4.13
C SER A 678 -76.45 14.21 -4.10
N ARG A 679 -76.51 15.48 -4.52
CA ARG A 679 -77.79 16.20 -4.50
C ARG A 679 -78.78 15.59 -5.48
N LEU A 680 -78.32 15.26 -6.68
CA LEU A 680 -79.22 14.65 -7.66
C LEU A 680 -79.70 13.29 -7.19
N MET A 681 -78.88 12.57 -6.44
CA MET A 681 -79.35 11.30 -5.88
C MET A 681 -80.35 11.52 -4.76
N ARG A 682 -80.12 12.53 -3.92
CA ARG A 682 -81.12 12.92 -2.94
C ARG A 682 -82.45 13.26 -3.60
N SER A 683 -82.39 13.86 -4.78
CA SER A 683 -83.63 14.25 -5.47
C SER A 683 -84.53 13.06 -5.73
N LEU A 684 -83.97 11.85 -5.82
CA LEU A 684 -84.73 10.64 -6.11
C LEU A 684 -84.88 9.74 -4.89
N SER A 685 -85.04 10.33 -3.71
CA SER A 685 -85.13 9.56 -2.48
C SER A 685 -86.37 8.68 -2.48
N GLY A 686 -86.21 7.44 -2.00
CA GLY A 686 -87.33 6.55 -1.83
C GLY A 686 -88.00 6.14 -3.12
N GLU A 687 -87.24 5.95 -4.20
CA GLU A 687 -87.79 5.52 -5.48
C GLU A 687 -87.06 4.31 -6.06
N GLY A 688 -86.14 3.72 -5.30
CA GLY A 688 -85.38 2.59 -5.82
C GLY A 688 -84.71 1.82 -4.70
N GLY A 689 -84.08 0.72 -5.09
CA GLY A 689 -83.40 -0.14 -4.14
C GLY A 689 -82.32 -0.96 -4.80
N MET A 690 -81.43 -1.50 -3.97
CA MET A 690 -80.35 -2.35 -4.42
C MET A 690 -80.23 -3.55 -3.49
N ALA A 691 -79.64 -4.61 -4.01
CA ALA A 691 -79.33 -5.80 -3.20
C ALA A 691 -78.16 -6.53 -3.84
N ALA A 692 -77.52 -7.36 -3.04
CA ALA A 692 -76.39 -8.15 -3.49
C ALA A 692 -76.89 -9.49 -4.04
N VAL A 693 -75.96 -10.39 -4.32
CA VAL A 693 -76.30 -11.71 -4.86
C VAL A 693 -75.32 -12.75 -4.32
N GLY A 696 -73.30 -15.43 -10.20
CA GLY A 696 -73.05 -15.68 -11.60
C GLY A 696 -73.77 -14.68 -12.48
N GLU A 697 -73.01 -13.98 -13.32
CA GLU A 697 -73.59 -12.93 -14.16
C GLU A 697 -74.61 -13.51 -15.13
N ALA A 698 -74.27 -14.62 -15.79
CA ALA A 698 -75.19 -15.23 -16.74
C ALA A 698 -76.44 -15.73 -16.04
N ALA A 699 -76.28 -16.37 -14.88
CA ALA A 699 -77.42 -16.90 -14.15
C ALA A 699 -78.39 -15.80 -13.74
N VAL A 700 -77.88 -14.60 -13.47
CA VAL A 700 -78.76 -13.51 -13.08
C VAL A 700 -79.34 -12.82 -14.31
N ARG A 701 -78.56 -12.70 -15.39
CA ARG A 701 -79.08 -12.09 -16.61
C ARG A 701 -80.24 -12.90 -17.19
N GLU A 702 -80.11 -14.22 -17.18
CA GLU A 702 -81.23 -15.05 -17.64
C GLU A 702 -82.42 -14.92 -16.72
N ARG A 703 -82.19 -14.65 -15.43
CA ARG A 703 -83.28 -14.48 -14.48
C ARG A 703 -83.97 -13.12 -14.65
N LEU A 704 -83.24 -12.11 -15.10
CA LEU A 704 -83.75 -10.74 -15.11
C LEU A 704 -84.61 -10.42 -16.33
N ARG A 705 -84.61 -11.28 -17.34
CA ARG A 705 -85.30 -10.98 -18.59
C ARG A 705 -86.76 -10.61 -18.37
N PRO A 706 -87.50 -11.33 -17.52
CA PRO A 706 -88.92 -10.97 -17.34
C PRO A 706 -89.15 -9.53 -16.95
N TRP A 707 -88.49 -9.04 -15.91
CA TRP A 707 -88.65 -7.67 -15.46
C TRP A 707 -87.73 -6.76 -16.27
N GLN A 708 -87.66 -5.47 -15.92
CA GLN A 708 -86.79 -4.52 -16.60
C GLN A 708 -86.33 -3.50 -15.56
N ASP A 709 -85.14 -3.73 -15.02
CA ASP A 709 -84.58 -2.84 -14.00
C ASP A 709 -83.05 -2.84 -14.05
N VAL A 713 -79.52 -5.09 -13.41
CA VAL A 713 -78.13 -5.35 -13.09
C VAL A 713 -77.42 -4.03 -12.78
N ALA A 714 -76.58 -4.05 -11.75
CA ALA A 714 -75.88 -2.86 -11.29
C ALA A 714 -74.37 -2.97 -11.44
N ALA A 715 -73.78 -4.05 -10.93
CA ALA A 715 -72.33 -4.19 -10.93
C ALA A 715 -71.97 -5.67 -10.93
N VAL A 716 -70.67 -5.95 -10.99
CA VAL A 716 -70.15 -7.31 -10.99
C VAL A 716 -68.90 -7.30 -10.12
N ASN A 717 -68.97 -7.93 -8.94
CA ASN A 717 -67.87 -7.95 -8.01
C ASN A 717 -66.99 -9.19 -8.13
N GLY A 718 -67.45 -10.22 -8.83
CA GLY A 718 -66.71 -11.45 -8.95
C GLY A 718 -67.46 -12.51 -9.71
N PRO A 719 -66.92 -13.72 -9.76
CA PRO A 719 -67.58 -14.79 -10.51
C PRO A 719 -68.96 -15.11 -9.96
N ARG A 720 -69.16 -14.87 -8.68
CA ARG A 720 -70.42 -15.16 -8.01
C ARG A 720 -71.04 -13.95 -7.32
N SER A 721 -70.23 -12.98 -6.90
CA SER A 721 -70.72 -11.79 -6.21
C SER A 721 -71.23 -10.80 -7.26
N VAL A 722 -72.54 -10.55 -7.25
CA VAL A 722 -73.18 -9.67 -8.22
C VAL A 722 -74.12 -8.73 -7.47
N VAL A 723 -74.38 -7.57 -8.08
CA VAL A 723 -75.23 -6.55 -7.48
C VAL A 723 -76.37 -6.25 -8.45
N VAL A 724 -77.56 -6.03 -7.88
CA VAL A 724 -78.76 -5.76 -8.65
C VAL A 724 -79.45 -4.53 -8.09
N SER A 725 -80.07 -3.76 -8.98
CA SER A 725 -80.78 -2.55 -8.61
C SER A 725 -82.12 -2.53 -9.34
N GLY A 726 -83.09 -1.85 -8.75
CA GLY A 726 -84.38 -1.72 -9.39
C GLY A 726 -85.43 -1.20 -8.44
N GLU A 727 -86.67 -1.19 -8.94
CA GLU A 727 -87.79 -0.67 -8.18
C GLU A 727 -88.10 -1.58 -6.99
N PRO A 728 -88.73 -1.03 -5.94
CA PRO A 728 -88.98 -1.86 -4.75
C PRO A 728 -89.79 -3.11 -5.03
N GLY A 729 -90.80 -3.02 -5.88
CA GLY A 729 -91.65 -4.19 -6.12
C GLY A 729 -90.91 -5.32 -6.79
N ALA A 730 -90.24 -5.03 -7.91
CA ALA A 730 -89.45 -6.04 -8.58
C ALA A 730 -88.30 -6.52 -7.69
N LEU A 731 -87.74 -5.61 -6.90
CA LEU A 731 -86.68 -5.99 -5.97
C LEU A 731 -87.17 -7.05 -4.99
N ARG A 732 -88.33 -6.82 -4.37
CA ARG A 732 -88.85 -7.77 -3.40
C ARG A 732 -89.25 -9.07 -4.08
N ALA A 733 -89.81 -8.98 -5.30
CA ALA A 733 -90.16 -10.20 -6.03
C ALA A 733 -88.92 -11.04 -6.30
N PHE A 734 -87.85 -10.40 -6.76
CA PHE A 734 -86.61 -11.12 -7.04
C PHE A 734 -86.02 -11.71 -5.76
N SER A 735 -86.06 -10.96 -4.66
CA SER A 735 -85.56 -11.48 -3.40
C SER A 735 -86.35 -12.71 -2.96
N GLU A 736 -87.68 -12.65 -3.08
CA GLU A 736 -88.52 -13.79 -2.72
C GLU A 736 -88.20 -14.99 -3.61
N ASP A 737 -88.05 -14.76 -4.90
CA ASP A 737 -87.78 -15.86 -5.83
C ASP A 737 -86.44 -16.52 -5.53
N CYS A 738 -85.40 -15.71 -5.29
CA CYS A 738 -84.08 -16.26 -5.06
C CYS A 738 -83.99 -16.92 -3.67
N ALA A 739 -84.75 -16.42 -2.71
CA ALA A 739 -84.71 -16.99 -1.36
C ALA A 739 -85.17 -18.45 -1.38
N ALA A 740 -86.18 -18.75 -2.19
CA ALA A 740 -86.74 -20.11 -2.27
C ALA A 740 -86.01 -20.96 -3.29
N GLU A 741 -84.75 -20.59 -3.59
CA GLU A 741 -83.97 -21.31 -4.58
C GLU A 741 -82.55 -21.64 -4.13
N GLY A 742 -82.03 -21.00 -3.09
CA GLY A 742 -80.65 -21.25 -2.70
C GLY A 742 -79.97 -20.07 -2.02
N ILE A 743 -78.87 -19.62 -2.61
CA ILE A 743 -78.00 -18.64 -1.95
C ILE A 743 -78.80 -17.40 -1.56
N ARG A 744 -78.32 -16.74 -0.51
CA ARG A 744 -79.02 -15.60 0.07
C ARG A 744 -78.92 -14.37 -0.84
N VAL A 745 -79.66 -13.33 -0.47
CA VAL A 745 -79.63 -12.04 -1.14
C VAL A 745 -79.61 -10.97 -0.06
N ARG A 746 -78.43 -10.44 0.23
CA ARG A 746 -78.31 -9.37 1.21
C ARG A 746 -78.83 -8.05 0.63
N ASP A 747 -79.48 -7.27 1.49
CA ASP A 747 -80.00 -5.97 1.08
C ASP A 747 -78.98 -4.88 1.37
N ILE A 748 -79.28 -3.65 0.94
CA ILE A 748 -78.42 -2.50 1.13
C ILE A 748 -79.26 -1.35 1.66
N ASP A 749 -78.70 -0.64 2.63
CA ASP A 749 -79.36 0.52 3.22
C ASP A 749 -79.16 1.73 2.32
N VAL A 750 -80.20 2.07 1.57
CA VAL A 750 -80.15 3.19 0.64
C VAL A 750 -81.57 3.52 0.19
N ASP A 751 -81.80 4.78 -0.21
CA ASP A 751 -83.13 5.26 -0.57
C ASP A 751 -83.26 5.51 -2.06
N TYR A 752 -82.65 4.66 -2.88
CA TYR A 752 -82.74 4.85 -4.33
C TYR A 752 -82.23 3.65 -5.12
N ALA A 753 -82.22 3.79 -6.45
CA ALA A 753 -81.69 2.77 -7.36
C ALA A 753 -80.61 3.44 -8.20
N SER A 754 -79.46 2.78 -8.29
CA SER A 754 -78.31 3.32 -8.99
C SER A 754 -77.96 2.47 -10.20
N HIS A 755 -77.33 3.12 -11.18
CA HIS A 755 -76.90 2.46 -12.42
C HIS A 755 -78.07 1.71 -13.06
N SER A 756 -79.08 2.48 -13.48
CA SER A 756 -80.31 1.92 -14.00
C SER A 756 -80.98 2.93 -14.93
N PRO A 757 -82.03 2.57 -15.65
CA PRO A 757 -82.78 3.56 -16.44
C PRO A 757 -83.39 4.67 -15.59
N GLN A 758 -83.58 4.45 -14.28
CA GLN A 758 -84.09 5.50 -13.42
C GLN A 758 -83.25 6.77 -13.55
N ILE A 759 -81.93 6.61 -13.66
CA ILE A 759 -81.01 7.73 -13.60
C ILE A 759 -81.21 8.70 -14.76
N GLU A 760 -81.69 8.22 -15.91
CA GLU A 760 -81.74 9.05 -17.11
C GLU A 760 -82.60 10.29 -16.94
N ARG A 761 -83.37 10.38 -15.86
CA ARG A 761 -84.22 11.55 -15.65
C ARG A 761 -83.39 12.80 -15.38
N VAL A 762 -82.38 12.69 -14.52
CA VAL A 762 -81.66 13.85 -14.02
C VAL A 762 -80.40 14.09 -14.84
N ARG A 763 -80.32 13.46 -16.02
CA ARG A 763 -79.15 13.60 -16.88
C ARG A 763 -78.86 15.07 -17.16
N GLU A 764 -79.79 15.75 -17.83
CA GLU A 764 -79.49 17.05 -18.42
C GLU A 764 -79.08 18.06 -17.36
N GLU A 765 -79.77 18.06 -16.21
CA GLU A 765 -79.41 18.99 -15.15
C GLU A 765 -77.99 18.75 -14.68
N LEU A 766 -77.61 17.48 -14.54
CA LEU A 766 -76.25 17.14 -14.16
C LEU A 766 -75.27 17.70 -15.18
N LEU A 767 -75.56 17.50 -16.46
CA LEU A 767 -74.63 17.98 -17.49
C LEU A 767 -74.49 19.50 -17.44
N GLU A 768 -75.61 20.22 -17.33
CA GLU A 768 -75.52 21.68 -17.30
C GLU A 768 -74.76 22.16 -16.07
N THR A 769 -75.06 21.59 -14.90
CA THR A 769 -74.46 22.08 -13.67
C THR A 769 -72.95 21.88 -13.67
N THR A 770 -72.49 20.73 -14.14
CA THR A 770 -71.10 20.34 -14.04
C THR A 770 -70.36 20.41 -15.38
N GLY A 771 -70.74 21.34 -16.25
CA GLY A 771 -70.09 21.48 -17.54
C GLY A 771 -68.87 22.37 -17.55
N ASP A 772 -68.46 22.90 -16.41
CA ASP A 772 -67.35 23.85 -16.33
C ASP A 772 -66.01 23.20 -16.01
N ILE A 773 -65.96 21.87 -15.87
CA ILE A 773 -64.72 21.24 -15.46
C ILE A 773 -63.71 21.26 -16.60
N ALA A 774 -62.43 21.30 -16.23
CA ALA A 774 -61.31 21.33 -17.17
C ALA A 774 -60.29 20.29 -16.73
N PRO A 775 -60.51 19.02 -17.07
CA PRO A 775 -59.57 17.97 -16.67
C PRO A 775 -58.16 18.24 -17.17
N ARG A 776 -57.22 17.45 -16.66
CA ARG A 776 -55.81 17.60 -16.99
C ARG A 776 -55.20 16.24 -17.30
N PRO A 777 -53.97 16.20 -17.84
CA PRO A 777 -53.26 14.92 -17.95
C PRO A 777 -53.05 14.29 -16.58
N ALA A 778 -53.08 12.97 -16.54
CA ALA A 778 -52.98 12.22 -15.29
C ALA A 778 -51.55 11.72 -15.10
N ARG A 779 -50.96 12.03 -13.95
CA ARG A 779 -49.60 11.61 -13.66
C ARG A 779 -49.48 10.13 -13.34
N VAL A 780 -50.60 9.45 -13.05
CA VAL A 780 -50.57 8.06 -12.64
C VAL A 780 -51.61 7.29 -13.46
N THR A 781 -51.33 6.01 -13.68
CA THR A 781 -52.22 5.17 -14.46
C THR A 781 -53.58 5.10 -13.81
N PHE A 782 -54.62 5.43 -14.57
CA PHE A 782 -56.00 5.42 -14.10
C PHE A 782 -56.76 4.36 -14.89
N HIS A 783 -56.91 3.18 -14.29
CA HIS A 783 -57.57 2.06 -14.97
C HIS A 783 -59.07 2.17 -14.69
N SER A 784 -59.76 2.94 -15.53
CA SER A 784 -61.19 3.10 -15.37
C SER A 784 -61.90 1.76 -15.48
N THR A 785 -62.85 1.53 -14.57
CA THR A 785 -63.69 0.36 -14.64
C THR A 785 -64.91 0.56 -15.52
N VAL A 786 -65.17 1.79 -15.96
CA VAL A 786 -66.31 2.07 -16.82
C VAL A 786 -66.12 1.45 -18.21
N GLU A 787 -64.92 1.50 -18.75
CA GLU A 787 -64.64 0.99 -20.09
C GLU A 787 -63.56 -0.09 -20.08
N SER A 788 -63.11 -0.53 -18.92
CA SER A 788 -62.19 -1.66 -18.80
C SER A 788 -60.89 -1.40 -19.54
N ARG A 789 -60.25 -0.28 -19.23
CA ARG A 789 -58.92 0.02 -19.75
C ARG A 789 -58.38 1.25 -19.04
N SER A 790 -57.11 1.53 -19.29
CA SER A 790 -56.51 2.79 -18.84
C SER A 790 -57.00 3.92 -19.72
N MET A 791 -57.18 5.10 -19.12
CA MET A 791 -57.70 6.26 -19.82
C MET A 791 -56.84 7.48 -19.50
N ASP A 792 -56.73 8.38 -20.48
CA ASP A 792 -56.09 9.66 -20.22
C ASP A 792 -57.07 10.59 -19.50
N GLY A 793 -56.52 11.51 -18.71
CA GLY A 793 -57.37 12.38 -17.92
C GLY A 793 -58.28 13.24 -18.77
N THR A 794 -57.79 13.73 -19.91
CA THR A 794 -58.58 14.65 -20.73
C THR A 794 -59.90 14.04 -21.18
N GLU A 795 -59.98 12.72 -21.28
CA GLU A 795 -61.22 12.08 -21.72
C GLU A 795 -62.30 12.12 -20.66
N LEU A 796 -61.95 12.40 -19.40
CA LEU A 796 -62.92 12.33 -18.30
C LEU A 796 -63.69 13.64 -18.22
N ASP A 797 -64.74 13.72 -19.06
CA ASP A 797 -65.60 14.89 -19.12
C ASP A 797 -66.91 14.61 -18.38
N ALA A 798 -67.81 15.60 -18.37
CA ALA A 798 -69.09 15.41 -17.70
C ALA A 798 -69.86 14.25 -18.30
N ARG A 799 -69.75 14.08 -19.63
CA ARG A 799 -70.40 12.94 -20.27
C ARG A 799 -69.88 11.63 -19.70
N TYR A 800 -68.56 11.54 -19.51
CA TYR A 800 -67.97 10.33 -18.95
C TYR A 800 -68.50 10.06 -17.55
N TRP A 801 -68.60 11.12 -16.72
CA TRP A 801 -69.03 10.92 -15.34
C TRP A 801 -70.51 10.55 -15.28
N TYR A 802 -71.33 11.12 -16.16
CA TYR A 802 -72.72 10.68 -16.26
C TYR A 802 -72.77 9.20 -16.61
N ARG A 803 -71.97 8.78 -17.60
CA ARG A 803 -71.93 7.37 -17.97
C ARG A 803 -71.49 6.50 -16.80
N ASN A 804 -70.50 6.96 -16.05
CA ASN A 804 -70.05 6.27 -14.85
C ASN A 804 -71.21 6.07 -13.89
N LEU A 805 -71.94 7.15 -13.60
CA LEU A 805 -73.11 7.05 -12.76
C LEU A 805 -74.19 6.14 -13.35
N ARG A 806 -74.16 5.92 -14.66
CA ARG A 806 -75.19 5.15 -15.35
C ARG A 806 -74.77 3.70 -15.64
N GLU A 807 -73.61 3.50 -16.26
CA GLU A 807 -73.27 2.22 -16.83
C GLU A 807 -72.72 1.27 -15.76
N THR A 808 -72.82 -0.02 -16.03
CA THR A 808 -72.48 -1.07 -15.08
C THR A 808 -70.99 -1.02 -14.72
N VAL A 809 -70.66 -1.64 -13.58
CA VAL A 809 -69.31 -1.70 -13.06
C VAL A 809 -68.70 -3.05 -13.40
N ARG A 810 -67.39 -3.08 -13.64
CA ARG A 810 -66.68 -4.31 -13.99
C ARG A 810 -65.48 -4.51 -13.08
N PHE A 811 -65.71 -4.40 -11.76
CA PHE A 811 -64.60 -4.41 -10.80
C PHE A 811 -63.72 -5.63 -10.96
N ALA A 812 -64.32 -6.81 -11.12
CA ALA A 812 -63.53 -8.04 -11.20
C ALA A 812 -62.62 -8.03 -12.42
N ASP A 813 -63.13 -7.55 -13.56
CA ASP A 813 -62.31 -7.51 -14.76
C ASP A 813 -61.10 -6.61 -14.58
N ALA A 814 -61.30 -5.44 -13.98
CA ALA A 814 -60.17 -4.56 -13.71
C ALA A 814 -59.17 -5.20 -12.77
N VAL A 815 -59.65 -5.86 -11.72
CA VAL A 815 -58.76 -6.52 -10.79
C VAL A 815 -57.91 -7.55 -11.52
N THR A 816 -58.55 -8.39 -12.34
CA THR A 816 -57.83 -9.43 -13.06
C THR A 816 -56.80 -8.84 -14.01
N ARG A 817 -57.20 -7.82 -14.77
CA ARG A 817 -56.29 -7.21 -15.74
C ARG A 817 -55.07 -6.63 -15.05
N LEU A 818 -55.28 -5.89 -13.96
CA LEU A 818 -54.14 -5.35 -13.24
C LEU A 818 -53.28 -6.46 -12.65
N ALA A 819 -53.91 -7.53 -12.15
CA ALA A 819 -53.15 -8.62 -11.57
C ALA A 819 -52.21 -9.26 -12.60
N GLU A 820 -52.78 -9.76 -13.70
CA GLU A 820 -51.95 -10.43 -14.69
C GLU A 820 -50.99 -9.46 -15.39
N SER A 821 -51.20 -8.15 -15.25
CA SER A 821 -50.32 -7.18 -15.86
C SER A 821 -49.05 -6.94 -15.04
N GLY A 822 -48.87 -7.67 -13.93
CA GLY A 822 -47.67 -7.57 -13.11
C GLY A 822 -47.88 -6.96 -11.75
N TYR A 823 -48.95 -6.20 -11.55
CA TYR A 823 -49.23 -5.62 -10.25
C TYR A 823 -49.53 -6.72 -9.24
N ASP A 824 -49.02 -6.56 -8.02
CA ASP A 824 -49.13 -7.59 -7.00
C ASP A 824 -49.60 -7.10 -5.65
N ALA A 825 -49.46 -5.80 -5.35
CA ALA A 825 -49.88 -5.27 -4.06
C ALA A 825 -51.07 -4.34 -4.27
N PHE A 826 -52.17 -4.63 -3.58
CA PHE A 826 -53.39 -3.83 -3.69
C PHE A 826 -53.73 -3.27 -2.32
N ILE A 827 -53.99 -1.97 -2.26
CA ILE A 827 -54.28 -1.28 -1.01
C ILE A 827 -55.68 -0.67 -1.12
N GLU A 828 -56.52 -0.98 -0.14
CA GLU A 828 -57.87 -0.44 -0.06
C GLU A 828 -57.83 0.77 0.87
N VAL A 829 -57.75 1.96 0.29
CA VAL A 829 -57.73 3.19 1.05
C VAL A 829 -59.17 3.57 1.40
N SER A 830 -59.64 3.13 2.56
CA SER A 830 -61.00 3.40 2.98
C SER A 830 -61.07 3.30 4.50
N PRO A 831 -62.11 3.85 5.12
CA PRO A 831 -62.21 3.75 6.59
C PRO A 831 -62.60 2.36 7.06
N HIS A 832 -62.94 1.45 6.16
CA HIS A 832 -63.28 0.08 6.53
C HIS A 832 -63.11 -0.80 5.30
N PRO A 833 -62.62 -2.03 5.46
CA PRO A 833 -62.49 -2.94 4.32
C PRO A 833 -63.83 -3.55 3.95
N VAL A 834 -64.26 -3.33 2.70
CA VAL A 834 -65.50 -3.90 2.21
C VAL A 834 -65.32 -4.72 0.93
N VAL A 835 -64.13 -4.71 0.34
CA VAL A 835 -63.85 -5.43 -0.89
C VAL A 835 -62.58 -6.28 -0.80
N VAL A 836 -62.06 -6.49 0.42
CA VAL A 836 -60.84 -7.26 0.56
C VAL A 836 -61.05 -8.70 0.12
N GLN A 837 -62.16 -9.30 0.55
CA GLN A 837 -62.43 -10.69 0.20
C GLN A 837 -62.58 -10.88 -1.30
N ALA A 838 -63.33 -9.98 -1.94
CA ALA A 838 -63.54 -10.07 -3.38
C ALA A 838 -62.23 -9.93 -4.14
N VAL A 839 -61.39 -8.96 -3.75
CA VAL A 839 -60.11 -8.78 -4.42
C VAL A 839 -59.22 -9.99 -4.22
N GLU A 840 -59.20 -10.53 -3.00
CA GLU A 840 -58.37 -11.71 -2.73
C GLU A 840 -58.79 -12.87 -3.62
N GLU A 841 -60.09 -13.13 -3.70
CA GLU A 841 -60.57 -14.17 -4.60
C GLU A 841 -60.16 -13.86 -6.03
N ALA A 842 -60.44 -12.64 -6.49
CA ALA A 842 -60.14 -12.29 -7.88
C ALA A 842 -58.70 -12.56 -8.22
N VAL A 843 -57.76 -12.19 -7.34
CA VAL A 843 -56.36 -12.47 -7.61
C VAL A 843 -56.09 -13.97 -7.54
N GLU A 844 -56.87 -14.71 -6.75
CA GLU A 844 -56.61 -16.13 -6.64
C GLU A 844 -56.76 -16.85 -7.98
N GLU A 845 -57.82 -16.57 -8.75
CA GLU A 845 -57.99 -17.27 -10.02
C GLU A 845 -57.30 -16.58 -11.19
N ALA A 846 -56.54 -15.53 -10.95
CA ALA A 846 -55.81 -14.86 -12.01
C ALA A 846 -54.57 -15.67 -12.37
N ASP A 847 -53.81 -15.16 -13.33
CA ASP A 847 -52.57 -15.79 -13.78
C ASP A 847 -51.38 -14.87 -13.57
N GLY A 848 -51.41 -14.08 -12.51
CA GLY A 848 -50.30 -13.22 -12.16
C GLY A 848 -49.46 -13.79 -11.04
N ALA A 849 -48.84 -12.92 -10.26
CA ALA A 849 -48.03 -13.38 -9.14
C ALA A 849 -48.90 -14.14 -8.15
N GLU A 850 -48.33 -15.19 -7.56
CA GLU A 850 -49.04 -16.01 -6.58
C GLU A 850 -48.88 -15.49 -5.17
N ASP A 851 -48.05 -14.47 -4.95
CA ASP A 851 -47.82 -13.91 -3.63
C ASP A 851 -48.42 -12.51 -3.48
N ALA A 852 -49.42 -12.16 -4.30
CA ALA A 852 -50.01 -10.83 -4.22
C ALA A 852 -50.55 -10.58 -2.83
N VAL A 853 -50.31 -9.37 -2.33
CA VAL A 853 -50.73 -8.98 -0.99
C VAL A 853 -51.88 -7.98 -1.12
N VAL A 854 -52.85 -8.11 -0.23
CA VAL A 854 -54.01 -7.21 -0.16
C VAL A 854 -54.17 -6.77 1.27
N VAL A 855 -54.47 -5.49 1.48
CA VAL A 855 -54.53 -4.93 2.82
C VAL A 855 -55.46 -3.73 2.80
N GLY A 856 -56.15 -3.50 3.91
CA GLY A 856 -57.02 -2.35 4.08
C GLY A 856 -56.28 -1.20 4.73
N SER A 857 -57.05 -0.31 5.35
CA SER A 857 -56.49 0.86 6.02
C SER A 857 -56.97 1.03 7.45
N LEU A 858 -58.21 0.70 7.76
CA LEU A 858 -58.75 0.85 9.10
C LEU A 858 -59.76 -0.26 9.34
N HIS A 859 -60.57 -0.10 10.38
CA HIS A 859 -61.62 -1.06 10.71
C HIS A 859 -62.71 -0.35 11.48
N ARG A 860 -63.92 -0.92 11.43
CA ARG A 860 -65.02 -0.39 12.21
C ARG A 860 -64.64 -0.30 13.68
N ASP A 861 -64.03 -1.36 14.21
CA ASP A 861 -63.53 -1.38 15.58
C ASP A 861 -62.07 -0.96 15.55
N GLY A 862 -61.82 0.31 15.83
CA GLY A 862 -60.46 0.82 15.83
C GLY A 862 -60.17 1.66 14.60
N GLY A 863 -59.93 2.95 14.80
CA GLY A 863 -59.60 3.84 13.71
C GLY A 863 -58.52 4.84 14.06
N ASP A 864 -57.75 4.54 15.10
CA ASP A 864 -56.68 5.41 15.57
C ASP A 864 -55.39 5.13 14.79
N LEU A 865 -54.40 5.97 15.04
CA LEU A 865 -53.14 5.87 14.30
C LEU A 865 -52.51 4.49 14.45
N SER A 866 -52.71 3.84 15.59
CA SER A 866 -52.11 2.53 15.82
C SER A 866 -52.63 1.49 14.83
N ALA A 867 -53.93 1.52 14.55
CA ALA A 867 -54.50 0.58 13.59
C ALA A 867 -53.93 0.78 12.20
N PHE A 868 -53.79 2.05 11.79
CA PHE A 868 -53.19 2.35 10.51
C PHE A 868 -51.74 1.86 10.46
N LEU A 869 -51.00 2.05 11.56
CA LEU A 869 -49.64 1.54 11.61
C LEU A 869 -49.60 0.02 11.51
N ARG A 870 -50.57 -0.66 12.14
CA ARG A 870 -50.63 -2.11 12.00
C ARG A 870 -50.89 -2.52 10.56
N SER A 871 -51.76 -1.79 9.87
CA SER A 871 -52.00 -2.06 8.45
C SER A 871 -50.72 -1.88 7.64
N MET A 872 -49.99 -0.79 7.89
CA MET A 872 -48.73 -0.59 7.18
C MET A 872 -47.71 -1.66 7.53
N ALA A 873 -47.74 -2.18 8.76
CA ALA A 873 -46.86 -3.28 9.12
C ALA A 873 -47.22 -4.55 8.37
N THR A 874 -48.52 -4.84 8.25
CA THR A 874 -48.95 -5.97 7.45
C THR A 874 -48.50 -5.83 6.00
N ALA A 875 -48.47 -4.59 5.49
CA ALA A 875 -47.97 -4.36 4.15
C ALA A 875 -46.45 -4.54 4.08
N HIS A 876 -45.73 -4.04 5.09
CA HIS A 876 -44.27 -4.05 5.06
C HIS A 876 -43.72 -5.47 5.19
N VAL A 877 -44.32 -6.29 6.06
CA VAL A 877 -43.87 -7.67 6.19
C VAL A 877 -44.09 -8.47 4.92
N SER A 878 -44.74 -7.90 3.91
CA SER A 878 -44.92 -8.53 2.61
C SER A 878 -44.14 -7.83 1.51
N GLY A 879 -43.16 -7.00 1.86
CA GLY A 879 -42.25 -6.43 0.88
C GLY A 879 -42.49 -4.99 0.50
N VAL A 880 -43.59 -4.37 0.92
CA VAL A 880 -43.87 -3.00 0.54
C VAL A 880 -42.98 -2.07 1.37
N ASP A 881 -42.28 -1.16 0.70
CA ASP A 881 -41.39 -0.24 1.39
C ASP A 881 -42.19 0.75 2.22
N ILE A 882 -41.66 1.10 3.39
CA ILE A 882 -42.26 2.09 4.27
C ILE A 882 -41.15 2.96 4.85
N ARG A 883 -41.40 4.27 4.93
CA ARG A 883 -40.46 5.21 5.52
C ARG A 883 -40.87 5.44 6.97
N TRP A 884 -40.39 4.56 7.85
CA TRP A 884 -40.85 4.57 9.24
C TRP A 884 -40.44 5.83 9.98
N ASP A 885 -39.22 6.32 9.72
CA ASP A 885 -38.69 7.43 10.51
C ASP A 885 -39.65 8.61 10.58
N VAL A 886 -40.59 8.73 9.63
CA VAL A 886 -41.59 9.79 9.71
C VAL A 886 -42.45 9.60 10.95
N ALA A 887 -42.69 8.35 11.34
CA ALA A 887 -43.48 8.08 12.54
C ALA A 887 -42.74 8.42 13.81
N LEU A 888 -41.41 8.46 13.77
CA LEU A 888 -40.62 8.71 14.98
C LEU A 888 -39.84 10.01 14.83
N PRO A 889 -40.51 11.15 14.72
CA PRO A 889 -39.79 12.42 14.58
C PRO A 889 -38.99 12.76 15.84
N GLY A 890 -37.82 13.37 15.63
CA GLY A 890 -37.02 13.88 16.71
C GLY A 890 -36.33 12.85 17.58
N ALA A 891 -36.70 11.58 17.48
CA ALA A 891 -36.11 10.57 18.33
C ALA A 891 -34.64 10.37 17.99
N ALA A 892 -33.82 10.22 19.04
CA ALA A 892 -32.39 9.97 18.84
C ALA A 892 -32.11 8.48 18.78
N PRO A 893 -31.37 8.01 17.78
CA PRO A 893 -31.15 6.57 17.64
C PRO A 893 -30.40 6.00 18.84
N PHE A 894 -30.57 4.69 19.04
CA PHE A 894 -30.03 4.00 20.19
C PHE A 894 -29.18 2.82 19.73
N ALA A 895 -28.14 2.52 20.52
CA ALA A 895 -27.25 1.42 20.20
C ALA A 895 -27.95 0.08 20.42
N LEU A 896 -27.73 -0.84 19.50
CA LEU A 896 -28.41 -2.13 19.48
C LEU A 896 -27.39 -3.24 19.33
N PRO A 897 -27.72 -4.45 19.77
CA PRO A 897 -26.82 -5.59 19.54
C PRO A 897 -26.82 -6.01 18.08
N THR A 898 -25.80 -6.78 17.71
CA THR A 898 -25.62 -7.19 16.33
C THR A 898 -26.44 -8.44 16.01
N TYR A 899 -26.26 -8.94 14.80
CA TYR A 899 -27.06 -10.06 14.32
C TYR A 899 -26.73 -11.33 15.12
N PRO A 900 -27.73 -12.12 15.51
CA PRO A 900 -27.43 -13.38 16.22
C PRO A 900 -27.13 -14.53 15.28
N PHE A 901 -25.88 -14.64 14.82
CA PHE A 901 -25.52 -15.69 13.88
C PHE A 901 -25.81 -17.07 14.47
N GLN A 902 -26.33 -17.96 13.63
CA GLN A 902 -26.49 -19.36 13.99
C GLN A 902 -25.33 -20.14 13.39
N ARG A 903 -24.52 -20.76 14.25
CA ARG A 903 -23.24 -21.32 13.87
C ARG A 903 -23.28 -22.84 13.86
N LYS A 904 -22.53 -23.42 12.92
CA LYS A 904 -22.34 -24.86 12.84
C LYS A 904 -20.86 -25.14 12.66
N ARG A 905 -20.48 -26.38 12.92
CA ARG A 905 -19.08 -26.78 12.86
C ARG A 905 -18.70 -27.14 11.43
N TYR A 906 -17.64 -26.50 10.92
CA TYR A 906 -17.07 -26.81 9.62
C TYR A 906 -15.56 -26.89 9.79
N TRP A 907 -14.99 -28.08 9.63
CA TRP A 907 -13.57 -28.28 9.90
C TRP A 907 -13.06 -29.46 9.08
N LEU A 908 -11.99 -29.25 8.33
CA LEU A 908 -11.36 -30.34 7.58
C LEU A 908 -10.39 -31.05 8.50
N GLN A 909 -10.73 -32.27 8.90
CA GLN A 909 -9.89 -33.07 9.77
C GLN A 909 -8.93 -33.92 8.95
N PRO A 910 -7.80 -34.34 9.54
CA PRO A 910 -6.90 -35.25 8.82
C PRO A 910 -7.56 -36.58 8.47
N VAL B 2 7.86 56.19 -1.66
CA VAL B 2 7.10 55.18 -2.38
C VAL B 2 5.61 55.51 -2.31
N THR B 3 4.90 55.24 -3.39
CA THR B 3 3.49 55.55 -3.51
C THR B 3 2.65 54.32 -3.17
N ASP B 4 1.35 54.54 -3.01
CA ASP B 4 0.44 53.46 -2.63
C ASP B 4 0.33 52.39 -3.71
N SER B 5 0.29 52.80 -4.98
CA SER B 5 0.07 51.84 -6.06
C SER B 5 1.17 50.79 -6.10
N GLU B 6 2.43 51.22 -5.99
CA GLU B 6 3.53 50.26 -6.04
C GLU B 6 3.53 49.36 -4.80
N LYS B 7 3.17 49.90 -3.65
CA LYS B 7 3.06 49.08 -2.45
C LYS B 7 1.98 48.02 -2.60
N VAL B 8 0.86 48.34 -3.25
CA VAL B 8 -0.15 47.32 -3.53
C VAL B 8 0.39 46.32 -4.55
N ALA B 9 1.14 46.81 -5.54
CA ALA B 9 1.64 45.94 -6.59
C ALA B 9 2.59 44.89 -6.04
N GLU B 10 3.44 45.27 -5.08
CA GLU B 10 4.37 44.29 -4.51
C GLU B 10 3.62 43.19 -3.78
N TYR B 11 2.58 43.56 -3.01
CA TYR B 11 1.77 42.55 -2.35
C TYR B 11 1.12 41.62 -3.36
N LEU B 12 0.58 42.20 -4.45
CA LEU B 12 -0.06 41.40 -5.47
C LEU B 12 0.94 40.42 -6.10
N ARG B 13 2.16 40.91 -6.38
N ARG B 13 2.16 40.91 -6.38
CA ARG B 13 3.18 40.05 -6.98
CA ARG B 13 3.18 40.05 -6.98
C ARG B 13 3.54 38.90 -6.05
C ARG B 13 3.54 38.90 -6.05
N ARG B 14 3.71 39.19 -4.76
CA ARG B 14 4.03 38.15 -3.80
C ARG B 14 2.90 37.13 -3.70
N ALA B 15 1.66 37.60 -3.69
CA ALA B 15 0.51 36.69 -3.65
C ALA B 15 0.48 35.79 -4.89
N THR B 16 0.73 36.37 -6.06
CA THR B 16 0.73 35.57 -7.28
C THR B 16 1.84 34.53 -7.27
N LEU B 17 3.03 34.91 -6.80
CA LEU B 17 4.12 33.95 -6.71
C LEU B 17 3.78 32.82 -5.75
N ASP B 18 3.19 33.15 -4.60
CA ASP B 18 2.78 32.11 -3.66
C ASP B 18 1.72 31.20 -4.28
N LEU B 19 0.79 31.78 -5.04
CA LEU B 19 -0.22 30.97 -5.71
C LEU B 19 0.41 30.01 -6.70
N ARG B 20 1.39 30.49 -7.47
CA ARG B 20 2.08 29.62 -8.42
C ARG B 20 2.79 28.48 -7.69
N ALA B 21 3.47 28.81 -6.58
CA ALA B 21 4.16 27.79 -5.81
C ALA B 21 3.19 26.75 -5.25
N ALA B 22 2.04 27.22 -4.76
CA ALA B 22 1.04 26.31 -4.23
C ALA B 22 0.52 25.38 -5.31
N ARG B 23 0.25 25.91 -6.49
CA ARG B 23 -0.19 25.07 -7.59
C ARG B 23 0.87 24.04 -7.96
N GLN B 24 2.13 24.44 -7.95
CA GLN B 24 3.21 23.50 -8.22
C GLN B 24 3.24 22.39 -7.18
N ARG B 25 3.08 22.74 -5.89
CA ARG B 25 3.06 21.72 -4.85
C ARG B 25 1.88 20.76 -5.03
N ILE B 26 0.71 21.31 -5.38
CA ILE B 26 -0.46 20.47 -5.59
C ILE B 26 -0.23 19.50 -6.73
N ARG B 27 0.33 19.99 -7.85
N ARG B 27 0.33 20.00 -7.85
CA ARG B 27 0.64 19.12 -8.97
CA ARG B 27 0.64 19.12 -8.97
C ARG B 27 1.66 18.06 -8.56
C ARG B 27 1.66 18.06 -8.56
N GLU B 28 2.66 18.45 -7.77
CA GLU B 28 3.66 17.50 -7.32
C GLU B 28 3.02 16.38 -6.50
N LEU B 29 2.10 16.75 -5.61
CA LEU B 29 1.46 15.75 -4.76
C LEU B 29 0.46 14.89 -5.52
N GLU B 30 -0.14 15.42 -6.60
CA GLU B 30 -1.20 14.71 -7.31
C GLU B 30 -0.67 13.89 -8.48
N SER B 31 -0.04 14.53 -9.46
CA SER B 31 0.32 13.88 -10.72
C SER B 31 1.76 14.23 -11.12
N ASP B 32 2.69 14.09 -10.19
CA ASP B 32 4.09 14.31 -10.53
C ASP B 32 4.58 13.19 -11.44
N PRO B 33 5.14 13.50 -12.60
CA PRO B 33 5.63 12.43 -13.48
C PRO B 33 6.69 11.59 -12.78
N ILE B 34 6.60 10.27 -12.97
CA ILE B 34 7.53 9.32 -12.39
C ILE B 34 8.27 8.63 -13.52
N ALA B 35 9.59 8.59 -13.42
CA ALA B 35 10.45 8.05 -14.46
C ALA B 35 10.88 6.64 -14.10
N ILE B 36 11.42 5.95 -15.10
CA ILE B 36 11.93 4.59 -14.96
C ILE B 36 13.40 4.61 -15.34
N VAL B 37 14.24 3.99 -14.51
CA VAL B 37 15.68 4.11 -14.66
C VAL B 37 16.30 2.83 -15.22
N SER B 38 15.70 1.69 -14.91
CA SER B 38 16.25 0.42 -15.37
C SER B 38 15.21 -0.68 -15.14
N MET B 39 15.62 -1.92 -15.39
CA MET B 39 14.73 -3.07 -15.27
C MET B 39 15.57 -4.33 -15.31
N ALA B 40 15.03 -5.40 -14.72
CA ALA B 40 15.70 -6.70 -14.71
C ALA B 40 14.66 -7.79 -14.68
N CYS B 41 15.05 -8.98 -15.16
CA CYS B 41 14.09 -10.06 -15.31
C CYS B 41 14.80 -11.40 -15.44
N ARG B 42 14.24 -12.42 -14.79
CA ARG B 42 14.54 -13.82 -15.06
C ARG B 42 13.30 -14.46 -15.65
N LEU B 43 13.42 -15.04 -16.85
CA LEU B 43 12.25 -15.55 -17.54
C LEU B 43 12.56 -16.88 -18.22
N PRO B 44 11.54 -17.64 -18.60
CA PRO B 44 11.79 -18.97 -19.16
C PRO B 44 12.64 -18.92 -20.43
N GLY B 45 13.08 -20.10 -20.85
CA GLY B 45 13.88 -20.21 -22.06
C GLY B 45 15.23 -19.53 -21.94
N GLY B 46 15.84 -19.58 -20.77
CA GLY B 46 17.16 -18.99 -20.61
C GLY B 46 17.19 -17.51 -20.94
N VAL B 47 16.17 -16.78 -20.55
CA VAL B 47 16.08 -15.34 -20.81
C VAL B 47 16.34 -14.62 -19.50
N ASN B 48 17.38 -13.77 -19.48
N ASN B 48 17.38 -13.79 -19.47
CA ASN B 48 17.74 -13.04 -18.27
CA ASN B 48 17.74 -13.05 -18.28
C ASN B 48 18.14 -11.60 -18.57
C ASN B 48 18.13 -11.61 -18.58
N THR B 49 17.83 -11.11 -19.78
CA THR B 49 18.13 -9.74 -20.13
C THR B 49 16.95 -9.16 -20.90
N PRO B 50 16.65 -7.87 -20.72
CA PRO B 50 15.58 -7.27 -21.53
C PRO B 50 15.86 -7.33 -23.02
N GLN B 51 17.12 -7.25 -23.44
CA GLN B 51 17.45 -7.34 -24.86
C GLN B 51 17.04 -8.70 -25.42
N ARG B 52 17.32 -9.78 -24.69
CA ARG B 52 16.94 -11.11 -25.15
C ARG B 52 15.43 -11.23 -25.27
N LEU B 53 14.70 -10.71 -24.28
CA LEU B 53 13.24 -10.75 -24.33
C LEU B 53 12.72 -9.98 -25.53
N TRP B 54 13.30 -8.80 -25.79
CA TRP B 54 12.86 -8.02 -26.94
C TRP B 54 13.10 -8.77 -28.23
N GLU B 55 14.28 -9.40 -28.36
CA GLU B 55 14.56 -10.20 -29.53
C GLU B 55 13.50 -11.29 -29.71
N LEU B 56 13.23 -12.04 -28.64
CA LEU B 56 12.24 -13.10 -28.72
C LEU B 56 10.89 -12.54 -29.17
N LEU B 57 10.42 -11.50 -28.50
CA LEU B 57 9.10 -10.94 -28.81
C LEU B 57 9.01 -10.49 -30.25
N ARG B 58 9.98 -9.68 -30.70
N ARG B 58 9.98 -9.68 -30.70
CA ARG B 58 9.94 -9.13 -32.05
CA ARG B 58 9.94 -9.13 -32.05
C ARG B 58 10.03 -10.24 -33.09
C ARG B 58 10.03 -10.24 -33.09
N GLU B 59 10.89 -11.23 -32.86
CA GLU B 59 10.96 -12.38 -33.74
C GLU B 59 9.65 -13.17 -33.72
N GLY B 60 9.04 -13.30 -32.55
CA GLY B 60 7.76 -13.99 -32.42
C GLY B 60 7.90 -15.44 -32.02
N GLY B 61 8.65 -15.70 -30.95
CA GLY B 61 8.89 -17.04 -30.47
C GLY B 61 8.14 -17.33 -29.17
N GLU B 62 8.33 -18.58 -28.72
CA GLU B 62 7.70 -19.05 -27.49
C GLU B 62 8.74 -19.79 -26.67
N THR B 63 8.44 -19.97 -25.38
CA THR B 63 9.34 -20.67 -24.46
C THR B 63 8.69 -21.91 -23.86
N LEU B 64 7.55 -22.35 -24.39
CA LEU B 64 6.87 -23.52 -23.84
C LEU B 64 7.76 -24.75 -23.97
N SER B 65 7.79 -25.57 -22.92
CA SER B 65 8.62 -26.76 -22.90
C SER B 65 8.02 -27.75 -21.92
N GLY B 66 8.63 -28.93 -21.84
CA GLY B 66 8.18 -29.97 -20.94
C GLY B 66 8.41 -29.61 -19.49
N PHE B 67 7.97 -30.50 -18.62
CA PHE B 67 8.08 -30.25 -17.19
C PHE B 67 9.54 -30.32 -16.75
N PRO B 68 9.91 -29.65 -15.66
CA PRO B 68 11.27 -29.80 -15.12
C PRO B 68 11.49 -31.20 -14.60
N THR B 69 12.77 -31.60 -14.56
CA THR B 69 13.16 -32.93 -14.14
C THR B 69 14.12 -32.95 -12.97
N ASP B 70 14.54 -31.79 -12.46
CA ASP B 70 15.52 -31.72 -11.38
C ASP B 70 14.90 -31.28 -10.06
N ARG B 71 13.57 -31.23 -9.98
CA ARG B 71 12.88 -30.74 -8.80
C ARG B 71 12.29 -31.87 -7.96
N GLY B 72 12.69 -33.10 -8.21
CA GLY B 72 12.21 -34.23 -7.44
C GLY B 72 10.80 -34.66 -7.74
N TRP B 73 10.18 -34.11 -8.77
CA TRP B 73 8.81 -34.47 -9.12
C TRP B 73 8.74 -35.90 -9.61
N ASP B 74 7.58 -36.53 -9.43
CA ASP B 74 7.33 -37.88 -9.92
C ASP B 74 6.44 -37.76 -11.15
N LEU B 75 7.05 -37.63 -12.32
CA LEU B 75 6.28 -37.38 -13.53
C LEU B 75 5.38 -38.57 -13.89
N ALA B 76 5.80 -39.79 -13.53
CA ALA B 76 5.02 -40.97 -13.91
C ALA B 76 3.59 -40.86 -13.39
N ARG B 77 3.43 -40.78 -12.06
CA ARG B 77 2.10 -40.72 -11.48
C ARG B 77 1.41 -39.39 -11.78
N LEU B 78 2.20 -38.35 -12.08
CA LEU B 78 1.62 -37.03 -12.28
C LEU B 78 0.79 -36.96 -13.55
N HIS B 79 1.20 -37.68 -14.59
CA HIS B 79 0.54 -37.59 -15.88
C HIS B 79 -0.59 -38.60 -15.99
N HIS B 80 -1.72 -38.14 -16.51
CA HIS B 80 -2.86 -39.02 -16.81
C HIS B 80 -3.79 -38.33 -17.81
N PRO B 81 -4.34 -39.07 -18.78
CA PRO B 81 -5.22 -38.41 -19.77
C PRO B 81 -6.54 -37.95 -19.19
N ASP B 82 -7.22 -38.78 -18.41
CA ASP B 82 -8.56 -38.44 -17.93
C ASP B 82 -8.50 -37.21 -17.02
N PRO B 83 -9.22 -36.13 -17.36
CA PRO B 83 -9.27 -34.99 -16.43
C PRO B 83 -9.85 -35.34 -15.07
N ASP B 84 -10.78 -36.29 -15.01
CA ASP B 84 -11.49 -36.56 -13.77
C ASP B 84 -10.63 -37.31 -12.76
N ASN B 85 -9.61 -38.03 -13.23
CA ASN B 85 -8.80 -38.83 -12.32
C ASN B 85 -8.13 -37.93 -11.30
N PRO B 86 -8.16 -38.27 -10.01
CA PRO B 86 -7.60 -37.36 -8.99
C PRO B 86 -6.09 -37.45 -8.93
N GLY B 87 -5.49 -36.42 -8.33
CA GLY B 87 -4.05 -36.39 -8.16
C GLY B 87 -3.27 -36.46 -9.45
N THR B 88 -3.83 -35.97 -10.55
CA THR B 88 -3.18 -36.06 -11.84
C THR B 88 -3.58 -34.86 -12.68
N SER B 89 -2.79 -34.59 -13.72
CA SER B 89 -3.05 -33.50 -14.63
C SER B 89 -3.00 -34.03 -16.05
N TYR B 90 -3.69 -33.32 -16.95
CA TYR B 90 -3.79 -33.72 -18.35
C TYR B 90 -2.96 -32.84 -19.27
N VAL B 91 -2.04 -32.04 -18.72
CA VAL B 91 -1.16 -31.20 -19.52
C VAL B 91 0.28 -31.46 -19.11
N ASP B 92 1.19 -31.35 -20.08
CA ASP B 92 2.60 -31.56 -19.82
C ASP B 92 3.46 -30.47 -20.46
N LYS B 93 2.90 -29.29 -20.67
CA LYS B 93 3.62 -28.16 -21.28
C LYS B 93 3.47 -26.96 -20.37
N GLY B 94 4.57 -26.23 -20.17
CA GLY B 94 4.51 -25.03 -19.36
C GLY B 94 5.84 -24.32 -19.38
N GLY B 95 5.79 -23.04 -19.02
CA GLY B 95 7.00 -22.24 -18.92
C GLY B 95 7.71 -22.52 -17.60
N PHE B 96 9.03 -22.58 -17.67
CA PHE B 96 9.83 -22.90 -16.49
C PHE B 96 11.20 -22.24 -16.63
N LEU B 97 11.87 -22.09 -15.50
CA LEU B 97 13.19 -21.48 -15.47
C LEU B 97 14.27 -22.55 -15.58
N ASP B 98 15.34 -22.21 -16.30
CA ASP B 98 16.37 -23.20 -16.63
C ASP B 98 17.10 -23.68 -15.38
N ASP B 99 17.51 -22.76 -14.51
CA ASP B 99 18.40 -23.08 -13.40
C ASP B 99 17.86 -22.49 -12.09
N ALA B 100 16.58 -22.74 -11.82
CA ALA B 100 15.96 -22.18 -10.62
C ALA B 100 16.67 -22.64 -9.35
N ALA B 101 17.41 -23.76 -9.42
CA ALA B 101 18.08 -24.29 -8.24
C ALA B 101 19.44 -23.66 -7.98
N GLY B 102 19.90 -22.73 -8.81
CA GLY B 102 21.21 -22.15 -8.66
C GLY B 102 21.20 -20.91 -7.76
N PHE B 103 22.33 -20.69 -7.08
CA PHE B 103 22.49 -19.53 -6.21
C PHE B 103 23.93 -19.48 -5.71
N ASP B 104 24.38 -18.26 -5.42
CA ASP B 104 25.75 -18.01 -4.96
C ASP B 104 25.67 -17.49 -3.52
N ALA B 105 25.75 -18.43 -2.57
CA ALA B 105 25.52 -18.07 -1.17
C ALA B 105 26.59 -17.11 -0.65
N GLU B 106 27.86 -17.37 -0.99
CA GLU B 106 28.95 -16.59 -0.41
C GLU B 106 28.85 -15.12 -0.77
N PHE B 107 28.46 -14.82 -2.02
CA PHE B 107 28.39 -13.42 -2.44
C PHE B 107 27.46 -12.61 -1.54
N PHE B 108 26.41 -13.23 -1.03
CA PHE B 108 25.44 -12.55 -0.17
C PHE B 108 25.65 -12.85 1.31
N GLY B 109 26.73 -13.54 1.66
CA GLY B 109 27.00 -13.84 3.06
C GLY B 109 25.97 -14.73 3.70
N VAL B 110 25.60 -15.81 3.02
CA VAL B 110 24.60 -16.77 3.51
C VAL B 110 25.29 -18.12 3.69
N SER B 111 25.01 -18.77 4.81
CA SER B 111 25.58 -20.08 5.07
C SER B 111 24.88 -21.14 4.22
N PRO B 112 25.51 -22.30 4.02
CA PRO B 112 24.91 -23.33 3.16
C PRO B 112 23.56 -23.82 3.64
N ARG B 113 23.45 -24.13 4.93
CA ARG B 113 22.20 -24.66 5.47
C ARG B 113 21.06 -23.66 5.32
N GLU B 114 21.33 -22.39 5.65
CA GLU B 114 20.31 -21.36 5.47
C GLU B 114 19.94 -21.21 4.00
N ALA B 115 20.93 -21.30 3.11
CA ALA B 115 20.64 -21.22 1.69
C ALA B 115 19.72 -22.35 1.25
N ALA B 116 19.98 -23.56 1.71
CA ALA B 116 19.12 -24.69 1.38
C ALA B 116 17.71 -24.47 1.91
N ALA B 117 17.60 -23.99 3.15
CA ALA B 117 16.29 -23.73 3.74
C ALA B 117 15.57 -22.60 3.00
N MET B 118 16.32 -21.74 2.33
CA MET B 118 15.72 -20.58 1.68
C MET B 118 14.87 -20.98 0.49
N ASP B 119 13.76 -20.28 0.33
CA ASP B 119 12.94 -20.43 -0.87
C ASP B 119 13.69 -19.92 -2.09
N PRO B 120 13.67 -20.64 -3.21
CA PRO B 120 14.35 -20.14 -4.42
C PRO B 120 13.88 -18.77 -4.86
N GLN B 121 12.62 -18.42 -4.60
CA GLN B 121 12.14 -17.10 -4.94
C GLN B 121 13.03 -16.01 -4.34
N GLN B 122 13.33 -16.12 -3.04
CA GLN B 122 14.14 -15.10 -2.40
C GLN B 122 15.51 -14.98 -3.05
N ARG B 123 16.13 -16.13 -3.36
CA ARG B 123 17.43 -16.12 -4.00
C ARG B 123 17.38 -15.38 -5.34
N LEU B 124 16.38 -15.69 -6.15
CA LEU B 124 16.26 -15.03 -7.44
C LEU B 124 15.98 -13.54 -7.28
N LEU B 125 15.17 -13.14 -6.29
CA LEU B 125 15.00 -11.72 -6.04
C LEU B 125 16.30 -11.05 -5.67
N LEU B 126 17.12 -11.68 -4.83
CA LEU B 126 18.41 -11.08 -4.49
C LEU B 126 19.25 -10.85 -5.74
N GLU B 127 19.40 -11.88 -6.56
CA GLU B 127 20.23 -11.75 -7.75
C GLU B 127 19.68 -10.68 -8.70
N THR B 128 18.37 -10.71 -8.95
CA THR B 128 17.78 -9.77 -9.89
C THR B 128 17.85 -8.35 -9.37
N SER B 129 17.72 -8.16 -8.05
CA SER B 129 17.84 -6.82 -7.48
C SER B 129 19.25 -6.28 -7.66
N TRP B 130 20.26 -7.13 -7.41
CA TRP B 130 21.63 -6.68 -7.65
C TRP B 130 21.84 -6.29 -9.10
N GLU B 131 21.37 -7.12 -10.03
CA GLU B 131 21.53 -6.79 -11.44
C GLU B 131 20.76 -5.53 -11.82
N LEU B 132 19.57 -5.35 -11.26
CA LEU B 132 18.81 -4.13 -11.52
C LEU B 132 19.56 -2.89 -11.10
N VAL B 133 20.07 -2.88 -9.87
CA VAL B 133 20.78 -1.70 -9.40
C VAL B 133 22.03 -1.46 -10.23
N GLU B 134 22.69 -2.55 -10.66
CA GLU B 134 23.85 -2.38 -11.53
C GLU B 134 23.46 -1.75 -12.86
N ASN B 135 22.33 -2.17 -13.44
CA ASN B 135 21.97 -1.70 -14.77
C ASN B 135 21.72 -0.21 -14.81
N ALA B 136 21.07 0.34 -13.78
CA ALA B 136 20.73 1.76 -13.80
C ALA B 136 21.95 2.66 -13.89
N GLY B 137 23.12 2.14 -13.54
CA GLY B 137 24.33 2.94 -13.56
C GLY B 137 24.62 3.56 -12.22
N ILE B 138 24.44 2.78 -11.16
CA ILE B 138 24.59 3.25 -9.79
C ILE B 138 25.43 2.23 -9.03
N ASP B 139 26.33 2.73 -8.19
CA ASP B 139 27.09 1.83 -7.33
C ASP B 139 26.16 1.25 -6.27
N PRO B 140 26.02 -0.06 -6.17
CA PRO B 140 25.12 -0.61 -5.14
C PRO B 140 25.49 -0.17 -3.74
N HIS B 141 26.78 -0.02 -3.45
CA HIS B 141 27.19 0.38 -2.11
C HIS B 141 26.80 1.82 -1.81
N SER B 142 26.51 2.61 -2.84
CA SER B 142 26.14 4.00 -2.63
C SER B 142 24.74 4.16 -2.04
N LEU B 143 23.93 3.09 -2.03
CA LEU B 143 22.57 3.16 -1.53
C LEU B 143 22.46 2.82 -0.05
N ARG B 144 23.53 2.37 0.58
CA ARG B 144 23.48 2.04 2.00
C ARG B 144 23.12 3.26 2.83
N GLY B 145 21.95 3.22 3.45
CA GLY B 145 21.50 4.33 4.28
C GLY B 145 20.75 5.37 3.49
N THR B 146 19.78 4.94 2.68
CA THR B 146 18.98 5.84 1.87
C THR B 146 17.51 5.43 1.96
N ALA B 147 16.62 6.42 1.84
CA ALA B 147 15.18 6.18 1.91
C ALA B 147 14.74 5.55 0.60
N THR B 148 14.95 4.25 0.50
CA THR B 148 14.58 3.47 -0.68
C THR B 148 13.57 2.41 -0.28
N GLY B 149 12.48 2.34 -1.03
CA GLY B 149 11.41 1.41 -0.72
C GLY B 149 11.41 0.16 -1.57
N VAL B 150 10.79 -0.90 -1.07
CA VAL B 150 10.67 -2.16 -1.79
C VAL B 150 9.20 -2.57 -1.78
N PHE B 151 8.68 -2.88 -2.97
CA PHE B 151 7.27 -3.27 -3.10
C PHE B 151 7.22 -4.48 -4.03
N LEU B 152 6.76 -5.61 -3.50
CA LEU B 152 6.77 -6.87 -4.24
C LEU B 152 5.43 -7.57 -4.10
N GLY B 153 5.11 -8.37 -5.10
CA GLY B 153 3.97 -9.27 -5.03
C GLY B 153 4.45 -10.70 -5.07
N VAL B 154 4.32 -11.42 -3.94
CA VAL B 154 4.87 -12.75 -3.82
C VAL B 154 3.87 -13.61 -3.04
N ALA B 155 3.87 -14.90 -3.34
CA ALA B 155 2.99 -15.85 -2.67
C ALA B 155 3.73 -17.17 -2.50
N LYS B 156 3.27 -17.96 -1.54
CA LYS B 156 3.88 -19.25 -1.26
C LYS B 156 3.42 -20.28 -2.28
N PHE B 157 4.35 -21.17 -2.65
CA PHE B 157 4.10 -22.24 -3.60
C PHE B 157 4.50 -23.59 -3.02
N GLY B 158 4.36 -23.72 -1.70
CA GLY B 158 4.58 -25.00 -1.06
C GLY B 158 6.00 -25.52 -1.17
N TYR B 159 7.00 -24.68 -0.91
CA TYR B 159 8.38 -25.14 -0.98
C TYR B 159 8.81 -25.75 0.35
N GLY B 160 9.27 -27.00 0.29
CA GLY B 160 9.91 -27.64 1.43
C GLY B 160 8.98 -28.13 2.51
N GLU B 161 7.66 -28.06 2.30
N GLU B 161 7.66 -28.05 2.31
CA GLU B 161 6.75 -28.52 3.35
CA GLU B 161 6.75 -28.52 3.35
C GLU B 161 6.91 -30.01 3.60
C GLU B 161 6.90 -30.01 3.60
N ASP B 162 7.04 -30.81 2.54
CA ASP B 162 7.16 -32.27 2.67
C ASP B 162 8.50 -32.68 3.27
N THR B 163 9.44 -31.74 3.38
CA THR B 163 10.73 -32.02 3.98
C THR B 163 10.53 -32.40 5.44
N ALA B 164 11.02 -33.57 5.83
CA ALA B 164 10.90 -34.02 7.21
C ALA B 164 11.54 -33.01 8.15
N ALA B 165 10.86 -32.76 9.27
CA ALA B 165 11.34 -31.80 10.24
C ALA B 165 12.76 -32.14 10.67
N ALA B 166 13.71 -31.26 10.38
CA ALA B 166 15.11 -31.42 10.76
C ALA B 166 15.48 -30.38 11.80
N GLU B 167 16.55 -30.65 12.54
CA GLU B 167 17.00 -29.70 13.56
C GLU B 167 17.26 -28.35 12.92
N ASP B 168 16.73 -27.30 13.54
CA ASP B 168 16.90 -25.94 13.03
C ASP B 168 16.93 -25.01 14.23
N VAL B 169 18.14 -24.73 14.74
CA VAL B 169 18.26 -23.87 15.91
C VAL B 169 17.99 -22.41 15.57
N GLU B 170 18.34 -21.98 14.36
CA GLU B 170 18.30 -20.57 13.98
C GLU B 170 16.97 -20.18 13.35
N GLY B 171 16.01 -21.09 13.28
CA GLY B 171 14.70 -20.76 12.75
C GLY B 171 14.73 -20.49 11.25
N TYR B 172 15.65 -21.13 10.54
CA TYR B 172 15.72 -20.99 9.09
C TYR B 172 14.41 -21.44 8.45
N SER B 173 13.69 -22.33 9.13
CA SER B 173 12.44 -22.86 8.57
C SER B 173 11.44 -21.74 8.29
N VAL B 174 11.42 -20.73 9.14
CA VAL B 174 10.45 -19.64 8.99
C VAL B 174 10.97 -18.62 7.99
N THR B 175 12.13 -18.02 8.28
CA THR B 175 12.61 -16.91 7.47
C THR B 175 12.80 -17.32 6.02
N GLY B 176 12.95 -18.61 5.75
CA GLY B 176 13.11 -19.07 4.38
C GLY B 176 11.83 -19.09 3.58
N VAL B 177 10.67 -19.06 4.25
CA VAL B 177 9.38 -19.21 3.57
C VAL B 177 8.44 -18.04 3.79
N ALA B 178 8.75 -17.14 4.72
CA ALA B 178 7.85 -16.04 5.02
C ALA B 178 7.87 -15.02 3.88
N PRO B 179 6.73 -14.69 3.27
CA PRO B 179 6.75 -13.71 2.18
C PRO B 179 7.30 -12.35 2.58
N ALA B 180 7.05 -11.90 3.81
CA ALA B 180 7.58 -10.61 4.24
C ALA B 180 9.10 -10.61 4.21
N VAL B 181 9.71 -11.72 4.63
CA VAL B 181 11.16 -11.83 4.59
C VAL B 181 11.68 -11.68 3.17
N ALA B 182 10.83 -11.92 2.17
CA ALA B 182 11.25 -11.78 0.78
C ALA B 182 11.82 -10.39 0.53
N SER B 183 11.08 -9.35 0.94
CA SER B 183 11.58 -7.99 0.78
C SER B 183 12.45 -7.56 1.95
N GLY B 184 12.19 -8.11 3.14
CA GLY B 184 13.04 -7.80 4.28
C GLY B 184 14.50 -8.14 4.04
N ARG B 185 14.77 -9.26 3.37
CA ARG B 185 16.14 -9.67 3.15
C ARG B 185 16.82 -8.77 2.13
N ILE B 186 16.10 -8.32 1.10
CA ILE B 186 16.66 -7.36 0.16
C ILE B 186 17.04 -6.08 0.89
N SER B 187 16.13 -5.57 1.73
CA SER B 187 16.45 -4.36 2.48
C SER B 187 17.65 -4.59 3.39
N TYR B 188 17.70 -5.74 4.05
CA TYR B 188 18.77 -6.03 4.99
C TYR B 188 20.13 -6.08 4.28
N THR B 189 20.21 -6.82 3.17
CA THR B 189 21.46 -6.98 2.45
C THR B 189 21.92 -5.69 1.79
N MET B 190 21.02 -4.97 1.12
CA MET B 190 21.42 -3.73 0.46
C MET B 190 21.53 -2.58 1.45
N GLY B 191 20.96 -2.71 2.64
CA GLY B 191 21.06 -1.65 3.62
C GLY B 191 20.11 -0.50 3.41
N LEU B 192 18.91 -0.75 2.91
CA LEU B 192 17.95 0.29 2.62
C LEU B 192 17.08 0.57 3.85
N GLU B 193 16.58 1.79 3.94
CA GLU B 193 15.76 2.20 5.07
C GLU B 193 14.33 2.60 4.71
N GLY B 194 13.98 2.68 3.44
CA GLY B 194 12.63 3.01 3.06
C GLY B 194 11.67 1.88 3.39
N PRO B 195 10.37 2.13 3.26
CA PRO B 195 9.38 1.10 3.60
C PRO B 195 9.57 -0.16 2.75
N SER B 196 9.33 -1.30 3.37
CA SER B 196 9.40 -2.59 2.71
C SER B 196 8.05 -3.29 2.86
N ILE B 197 7.41 -3.59 1.74
CA ILE B 197 6.05 -4.11 1.73
C ILE B 197 5.96 -5.27 0.76
N SER B 198 5.21 -6.29 1.15
CA SER B 198 4.92 -7.45 0.30
C SER B 198 3.41 -7.61 0.25
N VAL B 199 2.83 -7.37 -0.91
CA VAL B 199 1.38 -7.44 -1.11
C VAL B 199 1.05 -8.78 -1.75
N ASP B 200 -0.24 -9.12 -1.74
CA ASP B 200 -0.72 -10.37 -2.34
C ASP B 200 -2.19 -10.12 -2.72
N THR B 201 -2.42 -9.81 -4.00
CA THR B 201 -3.75 -9.54 -4.53
C THR B 201 -3.96 -10.30 -5.83
N ALA B 202 -3.64 -11.59 -5.81
CA ALA B 202 -3.82 -12.46 -6.96
C ALA B 202 -2.84 -12.08 -8.07
N CYS B 203 -3.28 -12.15 -9.33
CA CYS B 203 -2.38 -11.94 -10.46
C CYS B 203 -2.08 -10.48 -10.74
N SER B 204 -2.84 -9.55 -10.14
CA SER B 204 -2.60 -8.12 -10.32
C SER B 204 -1.68 -7.55 -9.25
N SER B 205 -1.00 -8.40 -8.49
CA SER B 205 -0.23 -7.92 -7.35
C SER B 205 0.83 -6.92 -7.79
N SER B 206 1.61 -7.26 -8.82
CA SER B 206 2.74 -6.41 -9.20
C SER B 206 2.29 -4.97 -9.45
N LEU B 207 1.28 -4.78 -10.31
CA LEU B 207 0.81 -3.43 -10.58
C LEU B 207 0.33 -2.75 -9.31
N VAL B 208 -0.34 -3.48 -8.42
CA VAL B 208 -0.72 -2.90 -7.14
C VAL B 208 0.51 -2.37 -6.43
N ALA B 209 1.55 -3.20 -6.35
CA ALA B 209 2.80 -2.77 -5.74
C ALA B 209 3.33 -1.52 -6.42
N LEU B 210 3.12 -1.39 -7.73
CA LEU B 210 3.52 -0.17 -8.42
C LEU B 210 2.73 1.02 -7.90
N HIS B 211 1.39 0.91 -7.87
CA HIS B 211 0.57 2.06 -7.51
C HIS B 211 1.00 2.63 -6.17
N LEU B 212 1.06 1.79 -5.14
CA LEU B 212 1.50 2.25 -3.83
C LEU B 212 2.84 2.97 -3.94
N ALA B 213 3.81 2.34 -4.62
CA ALA B 213 5.12 2.96 -4.75
C ALA B 213 5.02 4.38 -5.29
N VAL B 214 4.21 4.58 -6.33
CA VAL B 214 4.10 5.91 -6.91
C VAL B 214 3.70 6.92 -5.83
N GLU B 215 2.67 6.58 -5.05
CA GLU B 215 2.25 7.47 -3.98
C GLU B 215 3.41 7.78 -3.05
N SER B 216 4.16 6.75 -2.66
CA SER B 216 5.29 6.95 -1.76
C SER B 216 6.28 7.93 -2.37
N LEU B 217 6.52 7.83 -3.68
CA LEU B 217 7.45 8.74 -4.32
C LEU B 217 6.89 10.15 -4.41
N ARG B 218 5.56 10.26 -4.50
CA ARG B 218 4.95 11.59 -4.60
C ARG B 218 4.84 12.25 -3.23
N LYS B 219 4.76 11.47 -2.17
CA LYS B 219 4.72 11.99 -0.81
C LYS B 219 6.10 12.36 -0.29
N GLY B 220 7.13 12.27 -1.13
CA GLY B 220 8.47 12.61 -0.73
C GLY B 220 9.00 11.74 0.37
N GLU B 221 8.41 10.55 0.53
CA GLU B 221 8.79 9.64 1.59
C GLU B 221 9.82 8.60 1.16
N SER B 222 9.93 8.33 -0.13
CA SER B 222 10.94 7.43 -0.67
C SER B 222 11.65 8.09 -1.83
N SER B 223 12.99 8.06 -1.78
CA SER B 223 13.77 8.62 -2.89
C SER B 223 13.72 7.71 -4.10
N MET B 224 13.79 6.39 -3.88
CA MET B 224 13.76 5.41 -4.95
C MET B 224 12.80 4.30 -4.56
N ALA B 225 12.28 3.61 -5.56
CA ALA B 225 11.37 2.49 -5.33
C ALA B 225 11.80 1.30 -6.18
N VAL B 226 11.79 0.12 -5.58
CA VAL B 226 12.02 -1.13 -6.30
C VAL B 226 10.70 -1.88 -6.35
N VAL B 227 10.18 -2.08 -7.55
CA VAL B 227 8.84 -2.62 -7.74
C VAL B 227 8.90 -3.80 -8.69
N GLY B 228 8.22 -4.89 -8.33
CA GLY B 228 8.17 -6.03 -9.23
C GLY B 228 7.47 -7.21 -8.60
N GLY B 229 7.73 -8.37 -9.17
CA GLY B 229 7.08 -9.59 -8.72
C GLY B 229 7.93 -10.81 -8.98
N ALA B 230 7.51 -11.93 -8.40
CA ALA B 230 8.22 -13.19 -8.53
C ALA B 230 7.23 -14.34 -8.42
N ALA B 231 7.48 -15.39 -9.19
CA ALA B 231 6.62 -16.57 -9.16
C ALA B 231 7.47 -17.77 -9.59
N VAL B 232 7.76 -18.67 -8.66
CA VAL B 232 8.54 -19.87 -8.91
C VAL B 232 7.85 -20.99 -8.17
N MET B 233 7.12 -21.84 -8.89
CA MET B 233 6.35 -22.91 -8.29
C MET B 233 7.27 -24.10 -8.04
N ALA B 234 7.41 -24.49 -6.77
CA ALA B 234 8.29 -25.59 -6.42
C ALA B 234 7.60 -26.94 -6.52
N THR B 235 6.28 -26.95 -6.60
CA THR B 235 5.50 -28.18 -6.66
C THR B 235 4.41 -28.05 -7.71
N PRO B 236 3.88 -29.17 -8.21
CA PRO B 236 2.91 -29.11 -9.32
C PRO B 236 1.48 -28.90 -8.86
N GLY B 237 1.28 -28.46 -7.62
CA GLY B 237 -0.06 -28.37 -7.08
C GLY B 237 -1.00 -27.53 -7.92
N VAL B 238 -0.50 -26.39 -8.42
CA VAL B 238 -1.35 -25.50 -9.20
C VAL B 238 -1.88 -26.21 -10.43
N PHE B 239 -1.03 -26.99 -11.10
CA PHE B 239 -1.48 -27.69 -12.30
C PHE B 239 -2.61 -28.65 -11.97
N VAL B 240 -2.45 -29.42 -10.89
CA VAL B 240 -3.51 -30.37 -10.51
C VAL B 240 -4.80 -29.64 -10.22
N ASP B 241 -4.71 -28.57 -9.40
CA ASP B 241 -5.92 -27.85 -9.01
C ASP B 241 -6.63 -27.26 -10.21
N PHE B 242 -5.91 -26.63 -11.13
CA PHE B 242 -6.55 -26.00 -12.27
C PHE B 242 -6.98 -27.03 -13.31
N SER B 243 -6.37 -28.21 -13.29
CA SER B 243 -6.84 -29.33 -14.09
C SER B 243 -8.18 -29.85 -13.61
N ARG B 244 -8.39 -29.91 -12.29
CA ARG B 244 -9.69 -30.30 -11.78
C ARG B 244 -10.80 -29.42 -12.36
N GLN B 245 -10.53 -28.12 -12.49
CA GLN B 245 -11.52 -27.19 -13.02
C GLN B 245 -11.51 -27.12 -14.54
N ARG B 246 -10.59 -27.82 -15.20
CA ARG B 246 -10.48 -27.77 -16.66
C ARG B 246 -10.21 -26.35 -17.14
N ALA B 247 -9.42 -25.60 -16.39
CA ALA B 247 -9.07 -24.23 -16.74
C ALA B 247 -7.74 -24.13 -17.47
N LEU B 248 -7.16 -25.24 -17.89
CA LEU B 248 -5.85 -25.27 -18.51
C LEU B 248 -5.98 -25.62 -19.98
N ALA B 249 -5.22 -24.90 -20.81
CA ALA B 249 -5.17 -25.18 -22.24
C ALA B 249 -4.56 -26.56 -22.46
N ALA B 250 -5.16 -27.33 -23.37
CA ALA B 250 -4.68 -28.68 -23.61
C ALA B 250 -3.24 -28.67 -24.11
N ASP B 251 -2.93 -27.77 -25.04
CA ASP B 251 -1.57 -27.67 -25.56
C ASP B 251 -0.68 -26.77 -24.71
N GLY B 252 -1.25 -26.02 -23.78
CA GLY B 252 -0.48 -25.14 -22.93
C GLY B 252 -0.15 -23.79 -23.50
N ARG B 253 -0.93 -23.30 -24.45
CA ARG B 253 -0.72 -22.00 -25.07
C ARG B 253 -1.83 -21.05 -24.66
N SER B 254 -1.48 -19.78 -24.48
CA SER B 254 -2.44 -18.73 -24.16
C SER B 254 -2.82 -18.02 -25.44
N LYS B 255 -3.98 -18.37 -26.00
CA LYS B 255 -4.42 -17.82 -27.28
C LYS B 255 -5.34 -16.62 -27.03
N ALA B 256 -4.73 -15.53 -26.61
CA ALA B 256 -5.48 -14.32 -26.32
C ALA B 256 -6.26 -13.86 -27.54
N PHE B 257 -7.56 -13.68 -27.38
CA PHE B 257 -8.46 -13.22 -28.42
C PHE B 257 -8.51 -14.14 -29.64
N GLY B 258 -7.99 -15.36 -29.51
CA GLY B 258 -8.05 -16.31 -30.60
C GLY B 258 -9.33 -17.13 -30.57
N ALA B 259 -9.73 -17.61 -31.74
CA ALA B 259 -10.95 -18.40 -31.83
C ALA B 259 -10.87 -19.66 -30.97
N GLY B 260 -9.67 -20.22 -30.82
CA GLY B 260 -9.47 -21.45 -30.08
C GLY B 260 -9.06 -21.28 -28.64
N ALA B 261 -9.27 -20.12 -28.04
CA ALA B 261 -8.91 -19.92 -26.65
C ALA B 261 -9.62 -20.94 -25.77
N ASP B 262 -8.86 -21.57 -24.87
CA ASP B 262 -9.43 -22.61 -24.02
C ASP B 262 -8.92 -22.59 -22.59
N GLY B 263 -8.06 -21.63 -22.21
CA GLY B 263 -7.61 -21.60 -20.83
C GLY B 263 -6.31 -20.87 -20.60
N PHE B 264 -5.52 -21.37 -19.65
CA PHE B 264 -4.30 -20.72 -19.18
C PHE B 264 -3.07 -21.52 -19.59
N GLY B 265 -1.99 -20.81 -19.87
CA GLY B 265 -0.67 -21.42 -19.93
C GLY B 265 0.22 -20.79 -18.88
N PHE B 266 0.52 -21.53 -17.81
CA PHE B 266 1.24 -20.95 -16.68
C PHE B 266 2.73 -20.97 -16.93
N SER B 267 3.44 -20.09 -16.22
CA SER B 267 4.88 -19.98 -16.34
C SER B 267 5.44 -19.32 -15.10
N GLU B 268 6.73 -19.48 -14.90
CA GLU B 268 7.45 -18.85 -13.80
C GLU B 268 8.13 -17.59 -14.31
N GLY B 269 8.62 -16.78 -13.37
CA GLY B 269 9.36 -15.60 -13.77
C GLY B 269 9.50 -14.62 -12.62
N VAL B 270 10.55 -13.82 -12.71
CA VAL B 270 10.84 -12.76 -11.76
C VAL B 270 11.11 -11.49 -12.55
N THR B 271 10.57 -10.36 -12.08
CA THR B 271 10.75 -9.10 -12.79
C THR B 271 10.83 -7.96 -11.79
N LEU B 272 11.62 -6.95 -12.11
CA LEU B 272 11.83 -5.81 -11.23
C LEU B 272 12.11 -4.58 -12.08
N VAL B 273 11.72 -3.42 -11.53
CA VAL B 273 12.00 -2.12 -12.13
C VAL B 273 12.33 -1.15 -11.01
N LEU B 274 13.08 -0.11 -11.35
CA LEU B 274 13.49 0.92 -10.41
C LEU B 274 12.86 2.24 -10.80
N LEU B 275 12.25 2.91 -9.83
CA LEU B 275 11.45 4.10 -10.07
C LEU B 275 11.97 5.27 -9.24
N GLU B 276 11.96 6.44 -9.85
CA GLU B 276 12.36 7.68 -9.20
C GLU B 276 11.57 8.82 -9.81
N ARG B 277 11.46 9.92 -9.07
CA ARG B 277 10.81 11.11 -9.60
C ARG B 277 11.58 11.64 -10.81
N LEU B 278 10.83 12.09 -11.82
CA LEU B 278 11.47 12.56 -13.04
C LEU B 278 12.43 13.72 -12.77
N SER B 279 11.99 14.69 -11.97
CA SER B 279 12.84 15.85 -11.69
C SER B 279 14.10 15.43 -10.95
N GLU B 280 13.96 14.51 -9.99
CA GLU B 280 15.14 14.03 -9.28
C GLU B 280 16.06 13.25 -10.20
N ALA B 281 15.51 12.49 -11.15
CA ALA B 281 16.34 11.81 -12.13
C ALA B 281 17.13 12.82 -12.95
N ARG B 282 16.47 13.90 -13.38
CA ARG B 282 17.17 14.95 -14.12
C ARG B 282 18.28 15.57 -13.28
N ARG B 283 17.98 15.84 -12.01
CA ARG B 283 18.95 16.49 -11.14
C ARG B 283 20.16 15.60 -10.89
N ASN B 284 19.94 14.31 -10.62
CA ASN B 284 21.03 13.38 -10.35
C ASN B 284 21.74 12.93 -11.61
N GLY B 285 21.21 13.25 -12.79
CA GLY B 285 21.85 12.87 -14.03
C GLY B 285 21.61 11.45 -14.46
N HIS B 286 20.66 10.75 -13.85
CA HIS B 286 20.35 9.37 -14.21
C HIS B 286 19.72 9.31 -15.60
N GLU B 287 19.69 8.11 -16.16
CA GLU B 287 19.10 7.88 -17.46
C GLU B 287 17.64 7.44 -17.31
N VAL B 288 16.83 7.83 -18.27
CA VAL B 288 15.39 7.60 -18.25
C VAL B 288 15.01 6.72 -19.44
N LEU B 289 14.27 5.66 -19.17
CA LEU B 289 13.74 4.78 -20.21
C LEU B 289 12.33 5.15 -20.63
N ALA B 290 11.47 5.50 -19.68
CA ALA B 290 10.10 5.88 -19.96
C ALA B 290 9.58 6.67 -18.77
N VAL B 291 8.31 7.06 -18.85
CA VAL B 291 7.68 7.86 -17.80
C VAL B 291 6.30 7.30 -17.51
N VAL B 292 5.95 7.25 -16.23
CA VAL B 292 4.63 6.86 -15.77
C VAL B 292 3.85 8.12 -15.47
N ARG B 293 2.55 8.11 -15.81
CA ARG B 293 1.70 9.28 -15.67
C ARG B 293 0.60 9.09 -14.63
N GLY B 294 -0.19 8.03 -14.76
CA GLY B 294 -1.30 7.84 -13.85
C GLY B 294 -1.65 6.37 -13.72
N SER B 295 -2.40 6.06 -12.67
CA SER B 295 -2.82 4.70 -12.40
C SER B 295 -4.13 4.73 -11.63
N ALA B 296 -4.84 3.60 -11.68
CA ALA B 296 -6.14 3.49 -11.03
C ALA B 296 -6.37 2.06 -10.59
N LEU B 297 -7.08 1.94 -9.45
CA LEU B 297 -7.42 0.67 -8.85
C LEU B 297 -8.89 0.69 -8.45
N ASN B 298 -9.51 -0.48 -8.41
CA ASN B 298 -10.88 -0.60 -7.87
C ASN B 298 -11.22 -2.08 -7.77
N GLN B 299 -12.45 -2.36 -7.34
CA GLN B 299 -12.96 -3.71 -7.18
C GLN B 299 -14.16 -3.93 -8.08
N ASP B 300 -14.30 -5.16 -8.56
CA ASP B 300 -15.48 -5.51 -9.34
C ASP B 300 -16.77 -5.36 -8.55
N GLY B 301 -16.70 -5.48 -7.22
CA GLY B 301 -17.89 -5.38 -6.41
C GLY B 301 -18.69 -6.67 -6.46
N ALA B 302 -19.99 -6.56 -6.28
CA ALA B 302 -20.89 -7.72 -6.30
C ALA B 302 -21.04 -8.16 -7.75
N SER B 303 -20.15 -9.04 -8.20
CA SER B 303 -20.15 -9.55 -9.55
C SER B 303 -20.93 -10.87 -9.59
N ASN B 304 -21.07 -11.44 -10.78
CA ASN B 304 -21.80 -12.69 -10.98
C ASN B 304 -20.86 -13.85 -10.67
N GLY B 305 -20.75 -14.17 -9.39
CA GLY B 305 -19.80 -15.15 -8.92
C GLY B 305 -18.51 -14.51 -8.46
N LEU B 306 -17.83 -15.23 -7.56
CA LEU B 306 -16.62 -14.68 -6.94
C LEU B 306 -15.52 -14.42 -7.95
N SER B 307 -15.34 -15.32 -8.92
CA SER B 307 -14.21 -15.25 -9.85
C SER B 307 -14.59 -14.70 -11.21
N ALA B 308 -15.83 -14.29 -11.42
CA ALA B 308 -16.21 -13.78 -12.73
C ALA B 308 -15.76 -12.33 -12.90
N PRO B 309 -15.31 -11.94 -14.08
CA PRO B 309 -14.94 -10.54 -14.32
C PRO B 309 -16.17 -9.65 -14.49
N SER B 310 -15.90 -8.35 -14.52
CA SER B 310 -16.96 -7.34 -14.62
C SER B 310 -16.51 -6.24 -15.58
N GLY B 311 -17.30 -6.01 -16.62
CA GLY B 311 -16.99 -4.99 -17.60
C GLY B 311 -17.10 -3.57 -17.07
N PRO B 312 -18.21 -3.26 -16.38
CA PRO B 312 -18.37 -1.89 -15.86
C PRO B 312 -17.25 -1.46 -14.95
N ALA B 313 -16.74 -2.36 -14.12
CA ALA B 313 -15.60 -2.02 -13.27
C ALA B 313 -14.38 -1.66 -14.11
N GLN B 314 -14.14 -2.42 -15.18
CA GLN B 314 -13.02 -2.13 -16.07
C GLN B 314 -13.18 -0.76 -16.72
N ARG B 315 -14.38 -0.45 -17.19
CA ARG B 315 -14.61 0.87 -17.77
C ARG B 315 -14.37 1.97 -16.75
N ARG B 316 -14.87 1.79 -15.53
CA ARG B 316 -14.69 2.80 -14.50
C ARG B 316 -13.21 3.01 -14.18
N VAL B 317 -12.45 1.93 -14.04
CA VAL B 317 -11.04 2.07 -13.68
C VAL B 317 -10.27 2.71 -14.82
N ILE B 318 -10.60 2.37 -16.07
CA ILE B 318 -9.94 2.99 -17.21
C ILE B 318 -10.18 4.49 -17.20
N ARG B 319 -11.45 4.88 -17.02
CA ARG B 319 -11.78 6.30 -17.02
C ARG B 319 -11.10 7.03 -15.87
N GLN B 320 -11.05 6.41 -14.69
CA GLN B 320 -10.37 7.02 -13.55
C GLN B 320 -8.89 7.21 -13.84
N ALA B 321 -8.25 6.20 -14.41
CA ALA B 321 -6.83 6.31 -14.72
C ALA B 321 -6.58 7.45 -15.71
N LEU B 322 -7.44 7.56 -16.72
CA LEU B 322 -7.27 8.63 -17.70
C LEU B 322 -7.47 10.00 -17.05
N GLU B 323 -8.48 10.12 -16.19
CA GLU B 323 -8.82 11.43 -15.64
C GLU B 323 -7.80 11.87 -14.59
N SER B 324 -7.20 10.91 -13.87
CA SER B 324 -6.26 11.25 -12.82
C SER B 324 -5.07 12.02 -13.40
N CYS B 325 -4.58 11.57 -14.55
CA CYS B 325 -3.44 12.23 -15.20
C CYS B 325 -3.86 13.35 -16.12
N GLY B 326 -5.15 13.66 -16.22
CA GLY B 326 -5.60 14.77 -17.04
C GLY B 326 -5.35 14.58 -18.52
N LEU B 327 -5.74 13.43 -19.05
CA LEU B 327 -5.60 13.12 -20.46
C LEU B 327 -6.96 12.79 -21.05
N GLU B 328 -6.96 12.40 -22.32
CA GLU B 328 -8.17 12.05 -23.05
C GLU B 328 -7.95 10.73 -23.77
N PRO B 329 -9.01 9.97 -24.07
CA PRO B 329 -8.80 8.65 -24.65
C PRO B 329 -8.13 8.67 -26.01
N GLY B 330 -8.23 9.78 -26.74
CA GLY B 330 -7.54 9.87 -28.01
C GLY B 330 -6.04 10.06 -27.85
N ASP B 331 -5.58 10.25 -26.61
CA ASP B 331 -4.16 10.48 -26.37
C ASP B 331 -3.35 9.19 -26.35
N VAL B 332 -4.00 8.04 -26.19
CA VAL B 332 -3.34 6.76 -26.07
C VAL B 332 -3.25 6.10 -27.44
N ASP B 333 -2.24 5.27 -27.65
CA ASP B 333 -2.00 4.65 -28.93
C ASP B 333 -2.05 3.13 -28.91
N ALA B 334 -1.80 2.50 -27.77
CA ALA B 334 -1.78 1.04 -27.71
C ALA B 334 -2.06 0.59 -26.28
N VAL B 335 -2.46 -0.68 -26.16
CA VAL B 335 -2.80 -1.28 -24.88
C VAL B 335 -2.21 -2.67 -24.81
N GLU B 336 -1.55 -2.96 -23.69
CA GLU B 336 -1.09 -4.30 -23.37
C GLU B 336 -2.12 -4.97 -22.48
N ALA B 337 -3.24 -5.36 -23.06
CA ALA B 337 -4.35 -5.89 -22.27
C ALA B 337 -3.95 -7.17 -21.55
N HIS B 338 -4.77 -7.56 -20.58
CA HIS B 338 -4.51 -8.79 -19.83
C HIS B 338 -4.52 -10.00 -20.77
N GLY B 339 -5.68 -10.29 -21.35
CA GLY B 339 -5.79 -11.35 -22.34
C GLY B 339 -5.14 -12.65 -21.92
N THR B 340 -5.67 -13.29 -20.89
CA THR B 340 -5.12 -14.57 -20.43
C THR B 340 -5.57 -15.74 -21.27
N GLY B 341 -6.31 -15.50 -22.34
CA GLY B 341 -6.82 -16.60 -23.15
C GLY B 341 -8.00 -17.31 -22.55
N THR B 342 -8.60 -16.75 -21.50
CA THR B 342 -9.79 -17.35 -20.93
C THR B 342 -10.95 -17.24 -21.92
N ALA B 343 -11.72 -18.32 -22.01
CA ALA B 343 -12.83 -18.37 -22.95
C ALA B 343 -13.87 -17.30 -22.69
N LEU B 344 -14.21 -17.04 -21.43
CA LEU B 344 -15.27 -16.11 -21.08
C LEU B 344 -14.80 -14.68 -20.92
N GLY B 345 -13.51 -14.46 -20.65
CA GLY B 345 -13.06 -13.12 -20.29
C GLY B 345 -12.71 -12.24 -21.47
N ASP B 346 -12.08 -12.79 -22.50
CA ASP B 346 -11.58 -11.96 -23.59
C ASP B 346 -12.66 -11.07 -24.20
N PRO B 347 -13.85 -11.56 -24.51
CA PRO B 347 -14.87 -10.69 -25.11
C PRO B 347 -15.20 -9.51 -24.22
N ILE B 348 -15.23 -9.73 -22.91
CA ILE B 348 -15.59 -8.69 -21.95
C ILE B 348 -14.54 -7.58 -22.02
N GLU B 349 -13.27 -7.96 -21.96
CA GLU B 349 -12.20 -6.98 -22.01
C GLU B 349 -12.23 -6.21 -23.32
N ALA B 350 -12.44 -6.93 -24.44
CA ALA B 350 -12.47 -6.26 -25.73
C ALA B 350 -13.62 -5.27 -25.81
N ASN B 351 -14.79 -5.65 -25.29
CA ASN B 351 -15.94 -4.75 -25.32
C ASN B 351 -15.69 -3.52 -24.46
N ALA B 352 -15.08 -3.71 -23.28
CA ALA B 352 -14.75 -2.55 -22.45
C ALA B 352 -13.81 -1.61 -23.17
N LEU B 353 -12.78 -2.15 -23.82
CA LEU B 353 -11.84 -1.30 -24.56
C LEU B 353 -12.54 -0.59 -25.70
N LEU B 354 -13.44 -1.28 -26.40
CA LEU B 354 -14.20 -0.64 -27.47
C LEU B 354 -15.03 0.51 -26.93
N ASP B 355 -15.64 0.33 -25.76
CA ASP B 355 -16.52 1.35 -25.20
C ASP B 355 -15.77 2.52 -24.56
N THR B 356 -14.52 2.34 -24.17
CA THR B 356 -13.74 3.43 -23.56
C THR B 356 -12.86 4.13 -24.58
N TYR B 357 -11.95 3.41 -25.24
CA TYR B 357 -11.09 4.03 -26.24
C TYR B 357 -11.69 3.98 -27.64
N GLY B 358 -12.27 2.85 -28.02
CA GLY B 358 -12.75 2.66 -29.37
C GLY B 358 -13.84 3.61 -29.80
N ARG B 359 -14.58 4.19 -28.86
CA ARG B 359 -15.66 5.09 -29.21
C ARG B 359 -15.12 6.41 -29.74
N ASP B 360 -15.67 6.85 -30.85
CA ASP B 360 -15.34 8.16 -31.43
C ASP B 360 -13.84 8.24 -31.75
N ARG B 361 -13.24 7.09 -32.01
CA ARG B 361 -11.84 7.03 -32.35
C ARG B 361 -11.63 7.53 -33.78
N ASP B 362 -10.48 8.18 -34.00
CA ASP B 362 -10.13 8.61 -35.34
C ASP B 362 -10.14 7.42 -36.28
N ALA B 363 -10.80 7.59 -37.43
CA ALA B 363 -10.95 6.48 -38.36
C ALA B 363 -9.61 5.97 -38.85
N ASP B 364 -8.57 6.82 -38.84
CA ASP B 364 -7.26 6.45 -39.35
C ASP B 364 -6.30 5.96 -38.28
N ARG B 365 -6.52 6.33 -37.01
CA ARG B 365 -5.59 6.00 -35.95
C ARG B 365 -6.26 5.07 -34.94
N PRO B 366 -6.51 3.81 -35.32
CA PRO B 366 -7.14 2.88 -34.38
C PRO B 366 -6.18 2.48 -33.26
N LEU B 367 -6.77 1.95 -32.20
CA LEU B 367 -6.00 1.53 -31.03
C LEU B 367 -5.43 0.15 -31.27
N TRP B 368 -4.11 0.02 -31.17
CA TRP B 368 -3.45 -1.27 -31.33
C TRP B 368 -3.53 -2.05 -30.02
N LEU B 369 -3.96 -3.31 -30.12
CA LEU B 369 -4.19 -4.17 -28.97
C LEU B 369 -3.33 -5.42 -29.11
N GLY B 370 -2.55 -5.73 -28.08
CA GLY B 370 -1.71 -6.90 -28.08
C GLY B 370 -1.59 -7.46 -26.68
N SER B 371 -0.93 -8.61 -26.57
CA SER B 371 -0.74 -9.27 -25.29
C SER B 371 0.63 -9.94 -25.26
N VAL B 372 1.32 -9.79 -24.13
CA VAL B 372 2.61 -10.47 -23.97
C VAL B 372 2.41 -11.91 -23.55
N LYS B 373 1.29 -12.23 -22.90
CA LYS B 373 1.06 -13.58 -22.42
C LYS B 373 1.02 -14.59 -23.55
N SER B 374 0.77 -14.14 -24.78
CA SER B 374 0.79 -15.04 -25.92
C SER B 374 2.17 -15.66 -26.12
N ASN B 375 3.22 -14.94 -25.75
CA ASN B 375 4.59 -15.39 -25.95
C ASN B 375 5.17 -16.09 -24.73
N ILE B 376 5.14 -15.43 -23.57
CA ILE B 376 5.84 -15.92 -22.39
C ILE B 376 4.93 -16.73 -21.47
N GLY B 377 3.62 -16.68 -21.69
CA GLY B 377 2.71 -17.42 -20.83
C GLY B 377 2.04 -16.52 -19.81
N HIS B 378 1.92 -17.01 -18.58
CA HIS B 378 1.19 -16.29 -17.54
C HIS B 378 1.88 -16.56 -16.20
N THR B 379 2.51 -15.54 -15.63
CA THR B 379 3.26 -15.69 -14.39
C THR B 379 2.49 -15.22 -13.16
N GLN B 380 1.26 -14.76 -13.32
CA GLN B 380 0.45 -14.29 -12.19
C GLN B 380 1.17 -13.18 -11.44
N ALA B 381 1.90 -13.51 -10.37
CA ALA B 381 2.44 -12.49 -9.48
C ALA B 381 3.28 -11.47 -10.23
N ALA B 382 3.96 -11.91 -11.28
CA ALA B 382 4.82 -11.03 -12.08
C ALA B 382 4.24 -10.77 -13.47
N ALA B 383 2.91 -10.66 -13.56
CA ALA B 383 2.27 -10.54 -14.86
C ALA B 383 2.28 -9.10 -15.35
N GLY B 384 1.78 -8.17 -14.54
CA GLY B 384 1.62 -6.79 -14.97
C GLY B 384 2.93 -6.09 -15.29
N VAL B 385 3.91 -6.26 -14.41
CA VAL B 385 5.21 -5.62 -14.60
C VAL B 385 5.81 -6.13 -15.90
N THR B 386 5.47 -7.36 -16.29
CA THR B 386 5.96 -7.89 -17.56
C THR B 386 5.37 -7.10 -18.73
N GLY B 387 4.09 -6.79 -18.68
CA GLY B 387 3.50 -5.95 -19.71
C GLY B 387 4.11 -4.57 -19.74
N LEU B 388 4.36 -4.00 -18.56
CA LEU B 388 5.04 -2.72 -18.48
C LEU B 388 6.41 -2.79 -19.17
N LEU B 389 7.16 -3.85 -18.91
CA LEU B 389 8.47 -4.01 -19.49
C LEU B 389 8.39 -4.16 -21.00
N LYS B 390 7.38 -4.89 -21.48
CA LYS B 390 7.15 -4.97 -22.92
C LYS B 390 6.91 -3.60 -23.51
N VAL B 391 6.08 -2.78 -22.86
CA VAL B 391 5.82 -1.44 -23.36
C VAL B 391 7.10 -0.61 -23.40
N VAL B 392 7.92 -0.72 -22.35
CA VAL B 392 9.17 0.03 -22.32
C VAL B 392 10.07 -0.38 -23.47
N LEU B 393 10.21 -1.68 -23.69
CA LEU B 393 11.05 -2.14 -24.80
C LEU B 393 10.52 -1.67 -26.13
N ALA B 394 9.19 -1.69 -26.31
CA ALA B 394 8.61 -1.17 -27.54
C ALA B 394 8.95 0.30 -27.73
N LEU B 395 8.88 1.08 -26.66
CA LEU B 395 9.25 2.50 -26.76
C LEU B 395 10.71 2.68 -27.15
N ARG B 396 11.61 1.94 -26.50
CA ARG B 396 13.03 2.13 -26.77
C ARG B 396 13.38 1.73 -28.20
N ASN B 397 12.84 0.62 -28.67
CA ASN B 397 13.13 0.15 -30.02
C ASN B 397 12.24 0.80 -31.07
N GLY B 398 11.22 1.54 -30.67
CA GLY B 398 10.34 2.17 -31.63
C GLY B 398 9.58 1.21 -32.50
N GLU B 399 9.01 0.15 -31.92
CA GLU B 399 8.31 -0.86 -32.69
C GLU B 399 7.32 -1.56 -31.76
N LEU B 400 6.24 -2.07 -32.35
CA LEU B 400 5.20 -2.77 -31.59
C LEU B 400 5.20 -4.24 -31.98
N PRO B 401 5.67 -5.14 -31.11
CA PRO B 401 5.72 -6.56 -31.48
C PRO B 401 4.35 -7.11 -31.82
N ALA B 402 4.34 -8.04 -32.77
CA ALA B 402 3.10 -8.70 -33.14
C ALA B 402 2.68 -9.70 -32.07
N THR B 403 1.37 -9.83 -31.88
CA THR B 403 0.80 -10.77 -30.94
C THR B 403 0.40 -12.05 -31.68
N LEU B 404 0.69 -13.19 -31.06
CA LEU B 404 0.57 -14.49 -31.71
C LEU B 404 -0.84 -15.05 -31.58
N HIS B 405 -1.18 -15.95 -32.49
CA HIS B 405 -2.40 -16.75 -32.41
C HIS B 405 -3.64 -15.89 -32.63
N VAL B 406 -3.51 -14.85 -33.44
CA VAL B 406 -4.62 -13.95 -33.73
C VAL B 406 -4.92 -14.04 -35.22
N GLU B 407 -4.58 -15.17 -35.83
CA GLU B 407 -4.87 -15.34 -37.25
C GLU B 407 -6.37 -15.26 -37.52
N GLU B 408 -7.16 -15.89 -36.67
CA GLU B 408 -8.62 -15.84 -36.77
C GLU B 408 -9.18 -15.18 -35.52
N PRO B 409 -9.51 -13.89 -35.54
CA PRO B 409 -10.04 -13.26 -34.33
C PRO B 409 -11.36 -13.88 -33.90
N THR B 410 -11.61 -13.83 -32.60
CA THR B 410 -12.85 -14.38 -32.08
C THR B 410 -14.05 -13.63 -32.67
N PRO B 411 -15.12 -14.32 -33.06
CA PRO B 411 -16.27 -13.62 -33.64
C PRO B 411 -17.11 -12.87 -32.62
N HIS B 412 -16.88 -13.07 -31.33
CA HIS B 412 -17.75 -12.52 -30.30
C HIS B 412 -17.55 -11.02 -30.09
N VAL B 413 -16.50 -10.44 -30.65
CA VAL B 413 -16.24 -9.01 -30.54
C VAL B 413 -16.44 -8.39 -31.91
N ASP B 414 -17.35 -7.43 -31.99
CA ASP B 414 -17.67 -6.80 -33.27
C ASP B 414 -16.58 -5.83 -33.69
N TRP B 415 -15.55 -6.34 -34.37
CA TRP B 415 -14.47 -5.49 -34.84
C TRP B 415 -14.89 -4.56 -35.96
N SER B 416 -16.09 -4.76 -36.51
CA SER B 416 -16.59 -3.91 -37.60
C SER B 416 -16.63 -2.46 -37.16
N SER B 417 -16.74 -2.22 -35.85
CA SER B 417 -16.68 -0.86 -35.34
C SER B 417 -15.41 -0.17 -35.81
N GLY B 418 -14.29 -0.89 -35.78
CA GLY B 418 -13.04 -0.38 -36.28
C GLY B 418 -12.26 0.49 -35.31
N GLY B 419 -12.71 0.60 -34.06
CA GLY B 419 -12.03 1.43 -33.10
C GLY B 419 -10.71 0.83 -32.64
N VAL B 420 -10.58 -0.49 -32.73
CA VAL B 420 -9.41 -1.21 -32.24
C VAL B 420 -8.96 -2.19 -33.31
N ALA B 421 -7.71 -2.62 -33.20
CA ALA B 421 -7.15 -3.60 -34.13
C ALA B 421 -6.02 -4.34 -33.43
N LEU B 422 -5.90 -5.63 -33.74
CA LEU B 422 -4.90 -6.49 -33.13
C LEU B 422 -3.65 -6.53 -33.99
N LEU B 423 -2.49 -6.48 -33.33
CA LEU B 423 -1.21 -6.42 -34.03
C LEU B 423 -0.91 -7.79 -34.64
N ALA B 424 -1.41 -7.99 -35.85
CA ALA B 424 -1.11 -9.21 -36.59
C ALA B 424 0.34 -9.25 -37.04
N GLY B 425 1.01 -8.10 -37.10
CA GLY B 425 2.41 -8.05 -37.50
C GLY B 425 3.10 -6.87 -36.85
N ASN B 426 4.42 -6.93 -36.84
CA ASN B 426 5.21 -5.85 -36.25
C ASN B 426 4.88 -4.53 -36.93
N GLN B 427 4.64 -3.50 -36.13
CA GLN B 427 4.24 -2.20 -36.63
C GLN B 427 5.25 -1.15 -36.19
N PRO B 428 5.79 -0.35 -37.10
CA PRO B 428 6.68 0.74 -36.68
C PRO B 428 5.95 1.74 -35.79
N TRP B 429 6.66 2.22 -34.77
CA TRP B 429 6.11 3.15 -33.80
C TRP B 429 7.13 4.24 -33.51
N ARG B 430 7.75 4.77 -34.56
CA ARG B 430 8.89 5.65 -34.41
C ARG B 430 8.49 6.97 -33.77
N ARG B 431 9.49 7.64 -33.21
CA ARG B 431 9.28 8.93 -32.58
C ARG B 431 8.91 9.99 -33.62
N GLY B 432 8.14 10.97 -33.18
CA GLY B 432 7.73 12.04 -34.07
C GLY B 432 7.13 13.19 -33.30
N GLU B 433 6.45 14.08 -34.03
CA GLU B 433 5.84 15.23 -33.39
C GLU B 433 4.81 14.80 -32.35
N ARG B 434 3.94 13.87 -32.72
CA ARG B 434 2.94 13.36 -31.80
C ARG B 434 3.59 12.58 -30.67
N THR B 435 2.97 12.63 -29.50
CA THR B 435 3.49 11.96 -28.31
C THR B 435 3.03 10.50 -28.32
N ARG B 436 3.91 9.61 -27.85
CA ARG B 436 3.60 8.20 -27.78
C ARG B 436 3.16 7.84 -26.37
N ARG B 437 2.09 7.05 -26.27
CA ARG B 437 1.55 6.62 -24.99
C ARG B 437 0.95 5.24 -25.12
N ALA B 438 0.86 4.54 -23.99
CA ALA B 438 0.32 3.19 -23.96
C ALA B 438 -0.33 2.94 -22.60
N ALA B 439 -1.14 1.89 -22.53
CA ALA B 439 -1.87 1.57 -21.31
C ALA B 439 -1.72 0.09 -20.98
N VAL B 440 -1.42 -0.20 -19.71
CA VAL B 440 -1.26 -1.56 -19.23
C VAL B 440 -2.37 -1.87 -18.24
N SER B 441 -2.89 -3.10 -18.30
CA SER B 441 -4.04 -3.49 -17.50
C SER B 441 -3.76 -4.82 -16.80
N ALA B 442 -4.42 -5.02 -15.67
CA ALA B 442 -4.37 -6.29 -14.96
C ALA B 442 -5.66 -6.46 -14.18
N PHE B 443 -6.14 -7.70 -14.10
CA PHE B 443 -7.41 -8.00 -13.44
C PHE B 443 -7.20 -9.24 -12.57
N GLY B 444 -7.10 -9.02 -11.27
CA GLY B 444 -6.94 -10.12 -10.34
C GLY B 444 -8.17 -11.01 -10.26
N ILE B 445 -7.97 -12.28 -9.91
CA ILE B 445 -9.12 -13.16 -9.73
C ILE B 445 -9.90 -12.75 -8.49
N SER B 446 -9.21 -12.24 -7.47
CA SER B 446 -9.91 -11.80 -6.26
C SER B 446 -10.90 -10.69 -6.51
N GLY B 447 -10.76 -9.97 -7.62
CA GLY B 447 -11.68 -8.91 -7.98
C GLY B 447 -11.04 -7.56 -8.17
N THR B 448 -9.81 -7.36 -7.70
CA THR B 448 -9.15 -6.08 -7.85
C THR B 448 -8.68 -5.87 -9.28
N ASN B 449 -8.76 -4.64 -9.76
CA ASN B 449 -8.35 -4.29 -11.11
C ASN B 449 -7.34 -3.15 -11.03
N ALA B 450 -6.46 -3.10 -12.04
CA ALA B 450 -5.42 -2.08 -12.07
C ALA B 450 -5.20 -1.64 -13.50
N HIS B 451 -5.06 -0.33 -13.68
CA HIS B 451 -4.81 0.23 -15.00
C HIS B 451 -3.78 1.34 -14.88
N VAL B 452 -2.77 1.33 -15.73
CA VAL B 452 -1.66 2.27 -15.66
C VAL B 452 -1.41 2.85 -17.05
N ILE B 453 -0.93 4.11 -17.06
CA ILE B 453 -0.63 4.83 -18.30
C ILE B 453 0.87 5.08 -18.35
N VAL B 454 1.46 4.85 -19.52
CA VAL B 454 2.89 5.01 -19.72
C VAL B 454 3.12 5.93 -20.91
N GLU B 455 4.09 6.85 -20.76
CA GLU B 455 4.38 7.83 -21.79
C GLU B 455 5.88 7.80 -22.09
N GLU B 456 6.23 8.19 -23.31
CA GLU B 456 7.61 8.15 -23.75
C GLU B 456 8.46 9.14 -22.95
N ALA B 457 9.74 8.82 -22.83
CA ALA B 457 10.66 9.70 -22.12
C ALA B 457 10.87 10.99 -22.92
N PRO B 458 11.19 12.09 -22.24
CA PRO B 458 11.40 13.35 -22.96
C PRO B 458 12.64 13.28 -23.84
N GLU B 459 12.62 14.05 -24.92
CA GLU B 459 13.71 14.02 -25.87
C GLU B 459 15.02 14.47 -25.22
N ARG B 460 16.12 13.89 -25.69
CA ARG B 460 17.43 14.18 -25.13
C ARG B 460 18.44 14.41 -26.26
N ASP B 469 41.38 10.29 -28.15
CA ASP B 469 42.76 10.60 -27.80
C ASP B 469 43.50 9.34 -27.40
N GLY B 470 44.82 9.46 -27.22
CA GLY B 470 45.65 8.31 -26.89
C GLY B 470 46.30 8.40 -25.54
N ARG B 471 45.63 9.07 -24.59
CA ARG B 471 46.16 9.19 -23.24
C ARG B 471 46.04 7.87 -22.49
N PRO B 472 46.82 7.68 -21.43
CA PRO B 472 46.71 6.46 -20.64
C PRO B 472 45.31 6.32 -20.04
N VAL B 473 44.85 5.08 -19.96
CA VAL B 473 43.52 4.76 -19.43
C VAL B 473 43.70 3.69 -18.35
N PRO B 474 43.29 3.95 -17.11
CA PRO B 474 43.29 2.90 -16.09
C PRO B 474 41.96 2.18 -16.02
N LEU B 475 42.05 0.87 -15.77
CA LEU B 475 40.89 0.01 -15.69
C LEU B 475 40.98 -0.81 -14.41
N VAL B 476 39.91 -0.79 -13.63
CA VAL B 476 39.85 -1.50 -12.35
C VAL B 476 38.76 -2.54 -12.42
N VAL B 477 38.99 -3.67 -11.76
CA VAL B 477 38.00 -4.74 -11.69
C VAL B 477 38.09 -5.34 -10.30
N SER B 478 36.94 -5.80 -9.80
CA SER B 478 36.90 -6.36 -8.46
C SER B 478 35.84 -7.44 -8.39
N ALA B 479 35.97 -8.29 -7.37
CA ALA B 479 35.05 -9.38 -7.14
C ALA B 479 35.29 -9.94 -5.75
N ARG B 480 34.41 -10.85 -5.33
CA ARG B 480 34.50 -11.49 -4.02
C ARG B 480 35.18 -12.86 -4.09
N SER B 481 35.54 -13.34 -5.27
CA SER B 481 36.23 -14.61 -5.42
C SER B 481 37.12 -14.56 -6.64
N THR B 482 38.16 -15.39 -6.63
CA THR B 482 39.13 -15.40 -7.73
C THR B 482 38.47 -15.80 -9.04
N ALA B 483 37.63 -16.84 -9.00
CA ALA B 483 36.93 -17.27 -10.21
C ALA B 483 36.04 -16.16 -10.75
N ALA B 484 35.33 -15.48 -9.85
CA ALA B 484 34.48 -14.38 -10.27
C ALA B 484 35.31 -13.26 -10.90
N LEU B 485 36.47 -12.97 -10.31
CA LEU B 485 37.35 -11.95 -10.88
C LEU B 485 37.83 -12.33 -12.27
N ARG B 486 38.24 -13.58 -12.47
N ARG B 486 38.23 -13.59 -12.47
CA ARG B 486 38.66 -14.03 -13.80
CA ARG B 486 38.66 -14.04 -13.79
C ARG B 486 37.52 -13.94 -14.80
C ARG B 486 37.52 -13.95 -14.80
N ALA B 487 36.32 -14.36 -14.39
CA ALA B 487 35.17 -14.30 -15.28
C ALA B 487 34.87 -12.85 -15.66
N GLN B 488 34.95 -11.95 -14.68
CA GLN B 488 34.71 -10.54 -14.95
C GLN B 488 35.72 -10.00 -15.96
N ALA B 489 37.00 -10.34 -15.76
CA ALA B 489 38.03 -9.90 -16.69
C ALA B 489 37.74 -10.42 -18.10
N ALA B 490 37.38 -11.70 -18.21
CA ALA B 490 37.10 -12.27 -19.52
C ALA B 490 35.91 -11.56 -20.18
N GLN B 491 34.86 -11.28 -19.40
CA GLN B 491 33.70 -10.61 -19.95
C GLN B 491 34.04 -9.21 -20.46
N ILE B 492 34.85 -8.48 -19.69
CA ILE B 492 35.24 -7.13 -20.08
C ILE B 492 36.08 -7.22 -21.35
N ALA B 493 36.92 -8.25 -21.45
CA ALA B 493 37.70 -8.46 -22.66
C ALA B 493 36.78 -8.64 -23.86
N GLU B 494 35.79 -9.52 -23.74
CA GLU B 494 34.84 -9.71 -24.84
C GLU B 494 34.17 -8.39 -25.21
N LEU B 495 33.77 -7.62 -24.21
CA LEU B 495 33.13 -6.34 -24.47
C LEU B 495 34.05 -5.42 -25.26
N LEU B 496 35.32 -5.34 -24.86
CA LEU B 496 36.24 -4.37 -25.44
C LEU B 496 36.70 -4.73 -26.84
N GLU B 497 36.49 -5.98 -27.28
CA GLU B 497 36.96 -6.38 -28.60
C GLU B 497 36.12 -5.80 -29.73
N ARG B 498 34.95 -5.22 -29.44
CA ARG B 498 34.14 -4.63 -30.49
C ARG B 498 34.77 -3.34 -30.99
N PRO B 499 34.56 -3.00 -32.26
CA PRO B 499 35.04 -1.70 -32.76
C PRO B 499 34.35 -0.51 -32.11
N ASP B 500 33.16 -0.69 -31.55
CA ASP B 500 32.39 0.42 -31.01
C ASP B 500 32.85 0.85 -29.62
N ALA B 501 33.49 -0.05 -28.87
CA ALA B 501 33.84 0.25 -27.49
C ALA B 501 34.68 1.52 -27.41
N ASP B 502 34.34 2.39 -26.45
CA ASP B 502 35.11 3.60 -26.17
C ASP B 502 35.93 3.31 -24.91
N LEU B 503 37.25 3.19 -25.08
CA LEU B 503 38.11 2.74 -23.99
C LEU B 503 37.95 3.64 -22.77
N ALA B 504 37.94 4.96 -22.98
CA ALA B 504 37.76 5.88 -21.87
C ALA B 504 36.40 5.68 -21.21
N GLY B 505 35.37 5.47 -22.01
CA GLY B 505 34.05 5.24 -21.45
C GLY B 505 34.01 3.99 -20.58
N VAL B 506 34.64 2.92 -21.06
CA VAL B 506 34.69 1.69 -20.28
C VAL B 506 35.42 1.93 -18.97
N GLY B 507 36.55 2.64 -19.03
CA GLY B 507 37.30 2.92 -17.83
C GLY B 507 36.49 3.69 -16.81
N LEU B 508 35.82 4.74 -17.27
CA LEU B 508 35.00 5.55 -16.36
C LEU B 508 33.85 4.73 -15.77
N GLY B 509 33.22 3.91 -16.60
CA GLY B 509 32.14 3.07 -16.11
C GLY B 509 32.59 2.11 -15.04
N LEU B 510 33.76 1.48 -15.24
CA LEU B 510 34.30 0.62 -14.20
C LEU B 510 34.63 1.42 -12.95
N ALA B 511 35.19 2.61 -13.11
CA ALA B 511 35.65 3.38 -11.96
C ALA B 511 34.50 3.88 -11.11
N THR B 512 33.37 4.25 -11.72
CA THR B 512 32.35 5.00 -10.99
C THR B 512 31.05 4.24 -10.79
N THR B 513 30.71 3.32 -11.69
CA THR B 513 29.40 2.66 -11.67
C THR B 513 29.48 1.20 -11.24
N ARG B 514 30.48 0.85 -10.42
CA ARG B 514 30.62 -0.53 -9.95
C ARG B 514 31.21 -0.53 -8.55
N ALA B 515 30.80 -1.50 -7.74
CA ALA B 515 31.26 -1.58 -6.37
C ALA B 515 32.65 -2.21 -6.31
N ARG B 516 33.38 -1.89 -5.24
CA ARG B 516 34.74 -2.38 -5.03
C ARG B 516 34.72 -3.48 -3.98
N HIS B 517 35.11 -4.69 -4.39
CA HIS B 517 35.13 -5.84 -3.50
C HIS B 517 36.57 -6.15 -3.08
N GLU B 518 36.73 -7.22 -2.31
CA GLU B 518 38.04 -7.52 -1.73
C GLU B 518 39.06 -7.91 -2.79
N HIS B 519 38.71 -8.83 -3.67
CA HIS B 519 39.62 -9.20 -4.75
C HIS B 519 39.64 -8.09 -5.79
N ARG B 520 40.82 -7.61 -6.14
CA ARG B 520 40.92 -6.48 -7.05
C ARG B 520 42.06 -6.72 -8.04
N ALA B 521 41.92 -6.15 -9.23
CA ALA B 521 42.93 -6.24 -10.28
C ALA B 521 42.83 -5.02 -11.17
N ALA B 522 43.97 -4.44 -11.50
CA ALA B 522 44.03 -3.20 -12.26
C ALA B 522 44.98 -3.34 -13.44
N VAL B 523 44.60 -2.70 -14.54
CA VAL B 523 45.38 -2.70 -15.78
C VAL B 523 45.38 -1.28 -16.32
N VAL B 524 46.55 -0.70 -16.53
CA VAL B 524 46.68 0.59 -17.20
C VAL B 524 47.12 0.33 -18.63
N ALA B 525 46.42 0.92 -19.59
CA ALA B 525 46.69 0.63 -20.99
C ALA B 525 46.51 1.88 -21.82
N SER B 526 47.20 1.92 -22.95
CA SER B 526 47.07 3.01 -23.92
C SER B 526 46.30 2.60 -25.16
N THR B 527 46.19 1.31 -25.45
CA THR B 527 45.39 0.82 -26.56
C THR B 527 44.67 -0.44 -26.13
N ARG B 528 43.56 -0.72 -26.79
CA ARG B 528 42.69 -1.82 -26.38
C ARG B 528 43.39 -3.18 -26.46
N GLU B 529 44.36 -3.32 -27.36
CA GLU B 529 45.02 -4.62 -27.54
C GLU B 529 45.77 -5.03 -26.29
N GLU B 530 46.55 -4.11 -25.71
CA GLU B 530 47.26 -4.41 -24.48
C GLU B 530 46.29 -4.68 -23.35
N ALA B 531 45.19 -3.93 -23.32
CA ALA B 531 44.18 -4.14 -22.28
C ALA B 531 43.61 -5.54 -22.35
N VAL B 532 43.25 -6.00 -23.55
CA VAL B 532 42.69 -7.34 -23.67
C VAL B 532 43.75 -8.39 -23.35
N ARG B 533 45.00 -8.14 -23.74
CA ARG B 533 46.07 -9.05 -23.35
C ARG B 533 46.14 -9.18 -21.83
N GLY B 534 46.18 -8.06 -21.13
CA GLY B 534 46.24 -8.10 -19.67
C GLY B 534 45.03 -8.76 -19.05
N LEU B 535 43.85 -8.52 -19.61
CA LEU B 535 42.64 -9.16 -19.10
C LEU B 535 42.69 -10.66 -19.30
N ARG B 536 43.23 -11.12 -20.44
CA ARG B 536 43.40 -12.56 -20.64
C ARG B 536 44.40 -13.13 -19.65
N GLU B 537 45.47 -12.38 -19.35
CA GLU B 537 46.41 -12.84 -18.34
C GLU B 537 45.73 -12.99 -16.99
N ILE B 538 44.92 -12.00 -16.61
CA ILE B 538 44.19 -12.07 -15.34
C ILE B 538 43.27 -13.28 -15.34
N ALA B 539 42.53 -13.51 -16.43
CA ALA B 539 41.63 -14.64 -16.51
C ALA B 539 42.38 -15.96 -16.41
N ALA B 540 43.55 -16.06 -17.05
CA ALA B 540 44.34 -17.29 -17.00
C ALA B 540 45.08 -17.44 -15.68
N GLY B 541 45.22 -16.37 -14.90
CA GLY B 541 45.85 -16.44 -13.60
C GLY B 541 47.35 -16.25 -13.60
N ALA B 542 47.93 -15.71 -14.66
CA ALA B 542 49.37 -15.46 -14.74
C ALA B 542 49.60 -14.02 -15.15
N ALA B 543 49.75 -13.14 -14.15
CA ALA B 543 49.95 -11.72 -14.40
C ALA B 543 51.44 -11.40 -14.54
N THR B 544 52.02 -11.87 -15.64
CA THR B 544 53.44 -11.64 -15.88
C THR B 544 53.74 -10.22 -16.34
N ALA B 545 52.82 -9.61 -17.07
CA ALA B 545 53.05 -8.29 -17.64
C ALA B 545 53.15 -7.24 -16.53
N ASP B 546 53.88 -6.17 -16.82
CA ASP B 546 54.05 -5.09 -15.86
C ASP B 546 52.86 -4.13 -15.86
N ALA B 547 51.94 -4.26 -16.82
CA ALA B 547 50.75 -3.44 -16.85
C ALA B 547 49.58 -4.06 -16.11
N VAL B 548 49.82 -5.11 -15.34
CA VAL B 548 48.76 -5.82 -14.62
C VAL B 548 49.17 -5.94 -13.15
N VAL B 549 48.26 -5.58 -12.25
CA VAL B 549 48.48 -5.77 -10.81
C VAL B 549 47.21 -6.35 -10.22
N GLU B 550 47.38 -7.06 -9.10
CA GLU B 550 46.23 -7.65 -8.42
C GLU B 550 46.49 -7.65 -6.92
N GLY B 551 45.44 -7.94 -6.17
CA GLY B 551 45.56 -8.00 -4.73
C GLY B 551 44.25 -8.37 -4.07
N VAL B 552 44.32 -8.53 -2.76
CA VAL B 552 43.15 -8.83 -1.95
C VAL B 552 43.25 -8.02 -0.66
N THR B 553 42.12 -7.45 -0.24
CA THR B 553 42.11 -6.57 0.91
C THR B 553 40.80 -6.75 1.66
N GLU B 554 40.82 -6.39 2.93
CA GLU B 554 39.65 -6.48 3.80
C GLU B 554 39.04 -5.12 4.12
N VAL B 555 39.86 -4.08 4.16
CA VAL B 555 39.41 -2.74 4.55
C VAL B 555 39.39 -1.85 3.32
N ASP B 556 38.39 -0.97 3.24
CA ASP B 556 38.27 -0.03 2.15
C ASP B 556 38.98 1.29 2.42
N GLY B 557 39.70 1.41 3.54
CA GLY B 557 40.43 2.61 3.84
C GLY B 557 41.79 2.32 4.44
N ARG B 558 42.60 3.35 4.61
CA ARG B 558 43.93 3.21 5.17
C ARG B 558 44.30 4.49 5.90
N ASN B 559 45.38 4.43 6.65
CA ASN B 559 46.03 5.62 7.20
C ASN B 559 47.30 5.86 6.41
N VAL B 560 47.27 6.86 5.53
CA VAL B 560 48.32 7.09 4.56
C VAL B 560 49.41 7.97 5.17
N VAL B 561 50.65 7.69 4.78
CA VAL B 561 51.82 8.43 5.26
C VAL B 561 52.71 8.73 4.07
N PHE B 562 53.20 9.97 3.99
CA PHE B 562 54.12 10.38 2.94
C PHE B 562 55.54 10.39 3.48
N LEU B 563 56.44 9.69 2.81
CA LEU B 563 57.84 9.64 3.17
C LEU B 563 58.64 10.49 2.19
N PHE B 564 59.54 11.31 2.71
CA PHE B 564 60.27 12.30 1.91
C PHE B 564 61.76 11.98 2.06
N PRO B 565 62.34 11.18 1.18
CA PRO B 565 63.73 10.75 1.35
C PRO B 565 64.70 11.85 0.97
N GLY B 566 65.99 11.57 1.18
CA GLY B 566 67.04 12.53 0.90
C GLY B 566 67.65 12.37 -0.48
N GLN B 567 68.97 12.20 -0.53
CA GLN B 567 69.66 12.10 -1.80
C GLN B 567 69.59 10.69 -2.36
N GLY B 568 69.78 10.60 -3.68
CA GLY B 568 69.86 9.32 -4.38
C GLY B 568 68.79 9.16 -5.46
N SER B 569 67.62 9.76 -5.26
CA SER B 569 66.51 9.55 -6.18
C SER B 569 66.68 10.27 -7.50
N GLN B 570 67.55 11.28 -7.57
CA GLN B 570 67.64 12.12 -8.76
C GLN B 570 68.19 11.33 -9.94
N TRP B 571 67.81 11.77 -11.14
CA TRP B 571 68.36 11.25 -12.38
C TRP B 571 67.92 12.17 -13.51
N ALA B 572 68.79 12.28 -14.51
CA ALA B 572 68.60 13.27 -15.58
C ALA B 572 67.27 13.04 -16.28
N GLY B 573 66.53 14.12 -16.51
CA GLY B 573 65.32 14.08 -17.29
C GLY B 573 64.07 13.69 -16.54
N MET B 574 64.16 13.39 -15.24
CA MET B 574 62.99 12.99 -14.47
C MET B 574 61.92 14.07 -14.52
N GLY B 575 60.72 13.67 -14.93
CA GLY B 575 59.58 14.57 -14.95
C GLY B 575 59.33 15.29 -16.26
N ALA B 576 60.08 14.98 -17.32
CA ALA B 576 59.89 15.66 -18.59
C ALA B 576 58.48 15.44 -19.12
N GLU B 577 58.05 14.18 -19.20
CA GLU B 577 56.72 13.88 -19.73
C GLU B 577 55.63 14.47 -18.84
N LEU B 578 55.81 14.39 -17.52
CA LEU B 578 54.76 14.85 -16.61
C LEU B 578 54.48 16.33 -16.80
N LEU B 579 55.50 17.12 -17.14
CA LEU B 579 55.30 18.55 -17.35
C LEU B 579 54.25 18.79 -18.42
N SER B 580 54.37 18.09 -19.55
CA SER B 580 53.40 18.28 -20.62
C SER B 580 52.08 17.58 -20.32
N SER B 581 52.10 16.54 -19.49
CA SER B 581 50.89 15.76 -19.26
C SER B 581 50.09 16.16 -18.02
N SER B 582 50.71 16.80 -17.03
CA SER B 582 50.07 17.10 -15.75
C SER B 582 49.98 18.60 -15.52
N PRO B 583 48.84 19.23 -15.82
CA PRO B 583 48.70 20.65 -15.52
C PRO B 583 48.95 20.99 -14.05
N VAL B 584 48.53 20.12 -13.13
CA VAL B 584 48.73 20.38 -11.70
C VAL B 584 50.21 20.39 -11.36
N PHE B 585 50.93 19.34 -11.79
CA PHE B 585 52.35 19.23 -11.52
C PHE B 585 53.10 20.38 -12.19
N ALA B 586 52.76 20.67 -13.44
CA ALA B 586 53.41 21.75 -14.18
C ALA B 586 53.18 23.09 -13.49
N GLY B 587 51.96 23.32 -13.02
CA GLY B 587 51.66 24.56 -12.32
C GLY B 587 52.44 24.69 -11.03
N LYS B 588 52.54 23.60 -10.27
CA LYS B 588 53.33 23.63 -9.04
C LYS B 588 54.78 23.95 -9.35
N ILE B 589 55.33 23.34 -10.40
CA ILE B 589 56.72 23.60 -10.78
C ILE B 589 56.89 25.06 -11.18
N ARG B 590 55.94 25.60 -11.94
CA ARG B 590 56.04 27.01 -12.35
C ARG B 590 55.96 27.93 -11.15
N ALA B 591 55.08 27.62 -10.20
CA ALA B 591 54.96 28.43 -9.00
C ALA B 591 56.26 28.41 -8.21
N CYS B 592 56.86 27.23 -8.08
CA CYS B 592 58.14 27.13 -7.38
C CYS B 592 59.22 27.91 -8.11
N ASP B 593 59.21 27.86 -9.44
CA ASP B 593 60.15 28.64 -10.24
C ASP B 593 60.01 30.13 -9.93
N GLU B 594 58.78 30.64 -9.98
CA GLU B 594 58.58 32.07 -9.75
C GLU B 594 58.96 32.44 -8.32
N SER B 595 58.61 31.60 -7.34
CA SER B 595 58.94 31.89 -5.96
C SER B 595 60.45 31.94 -5.76
N MET B 596 61.16 31.00 -6.37
CA MET B 596 62.61 30.93 -6.22
C MET B 596 63.31 31.97 -7.08
N ALA B 597 62.56 32.70 -7.91
CA ALA B 597 63.15 33.59 -8.91
C ALA B 597 64.10 34.63 -8.34
N PRO B 598 63.78 35.38 -7.27
CA PRO B 598 64.68 36.44 -6.81
C PRO B 598 65.79 35.91 -5.90
N MET B 599 66.35 34.75 -6.26
CA MET B 599 67.50 34.21 -5.55
C MET B 599 68.57 33.72 -6.51
N GLN B 600 68.20 33.48 -7.77
CA GLN B 600 69.08 32.84 -8.73
C GLN B 600 68.62 33.18 -10.13
N ASP B 601 69.22 32.52 -11.13
CA ASP B 601 68.93 32.78 -12.53
C ASP B 601 68.27 31.62 -13.24
N TRP B 602 68.81 30.41 -13.12
CA TRP B 602 68.29 29.27 -13.85
C TRP B 602 66.96 28.82 -13.25
N LYS B 603 66.23 28.04 -14.04
CA LYS B 603 64.89 27.58 -13.66
C LYS B 603 64.86 26.05 -13.65
N VAL B 604 64.21 25.48 -12.63
CA VAL B 604 64.10 24.03 -12.55
C VAL B 604 63.37 23.49 -13.77
N SER B 605 62.44 24.28 -14.32
CA SER B 605 61.73 23.86 -15.51
C SER B 605 62.70 23.64 -16.66
N ASP B 606 63.65 24.56 -16.83
CA ASP B 606 64.70 24.36 -17.83
C ASP B 606 65.59 23.17 -17.50
N VAL B 607 65.90 22.95 -16.23
CA VAL B 607 66.77 21.85 -15.86
C VAL B 607 66.14 20.52 -16.23
N LEU B 608 64.86 20.33 -15.92
CA LEU B 608 64.20 19.07 -16.21
C LEU B 608 64.20 18.78 -17.70
N ARG B 609 63.89 19.78 -18.53
CA ARG B 609 63.88 19.59 -19.97
C ARG B 609 65.28 19.48 -20.55
N GLN B 610 66.32 19.74 -19.75
CA GLN B 610 67.68 19.80 -20.25
C GLN B 610 67.82 20.83 -21.36
N ALA B 611 67.11 21.95 -21.21
CA ALA B 611 67.11 23.02 -22.19
C ALA B 611 68.53 23.57 -22.35
N PRO B 612 68.80 24.39 -23.37
CA PRO B 612 70.17 24.86 -23.60
C PRO B 612 70.54 25.98 -22.63
N GLY B 613 71.56 25.73 -21.81
CA GLY B 613 72.08 26.74 -20.91
C GLY B 613 71.69 26.59 -19.46
N ALA B 614 71.56 25.37 -18.95
CA ALA B 614 71.26 25.16 -17.54
C ALA B 614 72.22 24.14 -16.93
N PRO B 615 72.57 24.28 -15.66
CA PRO B 615 73.45 23.30 -15.02
C PRO B 615 72.88 21.90 -15.11
N GLY B 616 73.72 20.92 -14.79
CA GLY B 616 73.32 19.53 -14.74
C GLY B 616 73.10 19.03 -13.32
N LEU B 617 72.66 17.78 -13.23
CA LEU B 617 72.40 17.15 -11.94
C LEU B 617 73.69 16.59 -11.35
N ASP B 618 74.64 17.48 -11.08
CA ASP B 618 75.91 17.12 -10.47
C ASP B 618 76.30 18.01 -9.30
N ARG B 619 75.77 19.22 -9.19
CA ARG B 619 76.13 20.15 -8.13
C ARG B 619 75.01 20.20 -7.10
N VAL B 620 75.39 20.27 -5.82
CA VAL B 620 74.39 20.20 -4.75
C VAL B 620 73.39 21.34 -4.89
N ASP B 621 73.90 22.55 -5.15
CA ASP B 621 73.06 23.74 -5.15
C ASP B 621 71.92 23.67 -6.16
N VAL B 622 72.04 22.82 -7.18
CA VAL B 622 70.98 22.65 -8.18
C VAL B 622 70.14 21.42 -7.88
N VAL B 623 70.77 20.33 -7.47
CA VAL B 623 70.02 19.09 -7.26
C VAL B 623 69.04 19.25 -6.09
N GLN B 624 69.50 19.82 -4.98
CA GLN B 624 68.63 19.87 -3.80
C GLN B 624 67.36 20.67 -4.06
N PRO B 625 67.42 21.91 -4.54
CA PRO B 625 66.17 22.61 -4.86
C PRO B 625 65.31 21.89 -5.87
N VAL B 626 65.92 21.26 -6.87
CA VAL B 626 65.16 20.57 -7.91
C VAL B 626 64.40 19.39 -7.30
N LEU B 627 65.09 18.61 -6.47
CA LEU B 627 64.44 17.47 -5.82
C LEU B 627 63.31 17.95 -4.91
N PHE B 628 63.56 19.04 -4.17
CA PHE B 628 62.51 19.61 -3.32
C PHE B 628 61.27 19.94 -4.15
N ALA B 629 61.46 20.67 -5.26
CA ALA B 629 60.33 21.07 -6.08
C ALA B 629 59.61 19.86 -6.64
N VAL B 630 60.36 18.89 -7.16
CA VAL B 630 59.74 17.69 -7.74
C VAL B 630 58.91 16.98 -6.69
N MET B 631 59.47 16.82 -5.49
CA MET B 631 58.81 16.05 -4.44
C MET B 631 57.52 16.76 -3.99
N VAL B 632 57.58 18.09 -3.87
CA VAL B 632 56.38 18.85 -3.53
C VAL B 632 55.30 18.67 -4.60
N SER B 633 55.72 18.74 -5.87
CA SER B 633 54.75 18.60 -6.95
C SER B 633 54.12 17.21 -6.95
N LEU B 634 54.90 16.16 -6.68
CA LEU B 634 54.33 14.82 -6.59
C LEU B 634 53.36 14.72 -5.42
N ALA B 635 53.68 15.36 -4.30
CA ALA B 635 52.73 15.38 -3.20
C ALA B 635 51.41 16.04 -3.60
N GLU B 636 51.49 17.17 -4.30
CA GLU B 636 50.28 17.81 -4.80
C GLU B 636 49.51 16.90 -5.73
N LEU B 637 50.22 16.20 -6.62
CA LEU B 637 49.54 15.28 -7.55
C LEU B 637 48.82 14.18 -6.79
N TRP B 638 49.49 13.58 -5.81
CA TRP B 638 48.85 12.54 -5.00
C TRP B 638 47.59 13.08 -4.34
N ARG B 639 47.68 14.24 -3.71
CA ARG B 639 46.49 14.80 -3.06
C ARG B 639 45.39 15.08 -4.07
N SER B 640 45.76 15.42 -5.30
CA SER B 640 44.75 15.71 -6.33
C SER B 640 43.83 14.52 -6.55
N TYR B 641 44.32 13.30 -6.34
CA TYR B 641 43.54 12.09 -6.57
C TYR B 641 42.84 11.59 -5.31
N GLY B 642 42.64 12.46 -4.32
CA GLY B 642 41.91 12.10 -3.13
C GLY B 642 42.72 11.48 -2.02
N VAL B 643 44.04 11.37 -2.17
CA VAL B 643 44.88 10.78 -1.13
C VAL B 643 45.43 11.90 -0.26
N GLU B 644 44.69 12.27 0.78
CA GLU B 644 45.16 13.25 1.75
C GLU B 644 46.01 12.56 2.80
N PRO B 645 47.26 12.96 3.00
CA PRO B 645 48.11 12.27 3.97
C PRO B 645 47.59 12.45 5.39
N ALA B 646 47.90 11.46 6.23
CA ALA B 646 47.57 11.56 7.65
C ALA B 646 48.77 12.04 8.47
N ALA B 647 49.98 11.69 8.04
CA ALA B 647 51.20 12.14 8.70
C ALA B 647 52.30 12.21 7.66
N VAL B 648 53.35 12.97 8.00
CA VAL B 648 54.47 13.19 7.08
C VAL B 648 55.77 12.97 7.84
N VAL B 649 56.70 12.26 7.19
CA VAL B 649 58.03 12.04 7.74
C VAL B 649 59.03 12.38 6.65
N GLY B 650 60.22 12.83 7.07
CA GLY B 650 61.25 13.25 6.15
C GLY B 650 62.59 12.65 6.52
N HIS B 651 63.50 12.68 5.54
CA HIS B 651 64.88 12.23 5.72
C HIS B 651 65.79 13.38 5.32
N SER B 652 66.50 13.93 6.30
CA SER B 652 67.42 15.05 6.07
C SER B 652 66.59 16.21 5.50
N GLN B 653 67.05 16.85 4.42
CA GLN B 653 66.35 18.04 3.92
C GLN B 653 64.95 17.71 3.44
N GLY B 654 64.65 16.43 3.24
CA GLY B 654 63.28 16.05 2.93
C GLY B 654 62.29 16.61 3.93
N GLU B 655 62.72 16.72 5.19
CA GLU B 655 61.85 17.30 6.21
C GLU B 655 61.29 18.64 5.75
N ILE B 656 62.13 19.49 5.18
CA ILE B 656 61.66 20.77 4.64
C ILE B 656 60.42 20.55 3.78
N ALA B 657 60.56 19.71 2.75
CA ALA B 657 59.41 19.43 1.89
C ALA B 657 58.22 18.98 2.72
N ALA B 658 58.44 18.04 3.64
CA ALA B 658 57.36 17.58 4.50
C ALA B 658 56.68 18.75 5.20
N ALA B 659 57.49 19.65 5.77
CA ALA B 659 56.92 20.82 6.43
C ALA B 659 56.04 21.62 5.48
N HIS B 660 56.47 21.79 4.22
CA HIS B 660 55.64 22.50 3.27
C HIS B 660 54.36 21.74 2.98
N VAL B 661 54.43 20.41 2.93
CA VAL B 661 53.23 19.61 2.71
C VAL B 661 52.32 19.69 3.92
N ALA B 662 52.91 19.72 5.12
CA ALA B 662 52.12 19.78 6.34
C ALA B 662 51.44 21.13 6.54
N GLY B 663 51.85 22.14 5.77
CA GLY B 663 51.31 23.47 5.91
C GLY B 663 52.00 24.32 6.95
N ALA B 664 53.02 23.80 7.64
CA ALA B 664 53.70 24.58 8.66
C ALA B 664 54.49 25.73 8.06
N LEU B 665 55.00 25.56 6.84
CA LEU B 665 55.87 26.55 6.21
C LEU B 665 55.26 27.01 4.90
N THR B 666 55.64 28.22 4.48
CA THR B 666 55.26 28.72 3.18
C THR B 666 56.31 28.36 2.14
N LEU B 667 55.92 28.44 0.87
CA LEU B 667 56.82 28.04 -0.21
C LEU B 667 58.08 28.90 -0.24
N GLU B 668 57.94 30.21 -0.11
CA GLU B 668 59.09 31.11 -0.21
C GLU B 668 60.11 30.82 0.89
N ASP B 669 59.63 30.62 2.12
CA ASP B 669 60.54 30.33 3.23
C ASP B 669 61.30 29.04 2.99
N ALA B 670 60.60 28.01 2.49
CA ALA B 670 61.27 26.75 2.19
C ALA B 670 62.32 26.94 1.11
N ALA B 671 62.00 27.74 0.09
CA ALA B 671 62.97 28.02 -0.95
C ALA B 671 64.21 28.70 -0.38
N LYS B 672 63.99 29.70 0.48
CA LYS B 672 65.12 30.37 1.11
C LYS B 672 65.97 29.37 1.87
N LEU B 673 65.34 28.52 2.69
CA LEU B 673 66.08 27.57 3.51
C LEU B 673 66.90 26.64 2.64
N VAL B 674 66.28 26.06 1.60
CA VAL B 674 66.98 25.08 0.78
C VAL B 674 68.14 25.75 0.04
N VAL B 675 67.89 26.93 -0.55
CA VAL B 675 68.96 27.60 -1.29
C VAL B 675 70.12 27.91 -0.36
N GLY B 676 69.84 28.47 0.81
CA GLY B 676 70.87 28.76 1.77
C GLY B 676 71.68 27.50 2.07
N ARG B 677 71.03 26.52 2.71
CA ARG B 677 71.75 25.33 3.14
C ARG B 677 72.54 24.71 2.00
N SER B 678 71.97 24.65 0.80
CA SER B 678 72.67 24.05 -0.33
C SER B 678 73.93 24.83 -0.67
N ARG B 679 73.85 26.16 -0.73
CA ARG B 679 75.05 26.94 -1.04
C ARG B 679 76.11 26.80 0.04
N LEU B 680 75.71 26.89 1.31
CA LEU B 680 76.69 26.79 2.39
C LEU B 680 77.29 25.40 2.46
N MET B 681 76.57 24.38 2.01
CA MET B 681 77.16 23.05 1.94
C MET B 681 78.12 22.93 0.77
N ARG B 682 77.73 23.47 -0.39
CA ARG B 682 78.64 23.50 -1.53
C ARG B 682 79.92 24.24 -1.20
N SER B 683 79.86 25.15 -0.23
CA SER B 683 81.07 25.86 0.18
C SER B 683 82.12 24.90 0.72
N LEU B 684 81.72 23.67 1.08
CA LEU B 684 82.62 22.66 1.59
C LEU B 684 82.93 21.57 0.56
N SER B 685 83.05 21.96 -0.71
CA SER B 685 83.28 20.99 -1.77
C SER B 685 84.59 20.24 -1.52
N GLY B 686 84.56 18.92 -1.70
CA GLY B 686 85.77 18.13 -1.62
C GLY B 686 86.49 18.20 -0.30
N GLU B 687 85.77 18.07 0.82
CA GLU B 687 86.37 18.11 2.13
C GLU B 687 85.86 17.02 3.07
N GLY B 688 84.93 16.18 2.64
CA GLY B 688 84.41 15.12 3.48
C GLY B 688 83.80 14.02 2.61
N GLY B 689 83.32 12.97 3.28
CA GLY B 689 82.75 11.86 2.54
C GLY B 689 81.72 11.14 3.38
N MET B 690 81.01 10.23 2.71
CA MET B 690 79.99 9.41 3.35
C MET B 690 80.11 7.98 2.84
N ALA B 691 79.59 7.05 3.63
CA ALA B 691 79.56 5.65 3.26
C ALA B 691 78.43 4.99 4.02
N ALA B 692 78.04 3.80 3.56
CA ALA B 692 76.97 3.04 4.20
C ALA B 692 77.52 1.84 4.93
N VAL B 693 76.64 1.04 5.53
CA VAL B 693 77.06 -0.12 6.31
C VAL B 693 76.01 -1.22 6.20
N GLY B 696 74.36 -2.97 13.10
CA GLY B 696 74.72 -2.91 14.51
C GLY B 696 75.21 -1.54 14.93
N GLU B 697 74.28 -0.73 15.46
CA GLU B 697 74.62 0.63 15.86
C GLU B 697 75.73 0.62 16.92
N ALA B 698 75.57 -0.21 17.95
CA ALA B 698 76.59 -0.27 19.01
C ALA B 698 77.92 -0.76 18.46
N ALA B 699 77.89 -1.79 17.61
CA ALA B 699 79.12 -2.31 17.01
C ALA B 699 79.78 -1.23 16.17
N VAL B 700 78.97 -0.48 15.42
CA VAL B 700 79.51 0.60 14.60
C VAL B 700 80.18 1.64 15.47
N ARG B 701 79.52 2.03 16.57
CA ARG B 701 80.11 3.03 17.46
C ARG B 701 81.42 2.53 18.05
N GLU B 702 81.45 1.28 18.51
CA GLU B 702 82.68 0.74 19.07
C GLU B 702 83.79 0.73 18.04
N ARG B 703 83.50 0.29 16.82
CA ARG B 703 84.48 0.31 15.76
C ARG B 703 84.95 1.74 15.45
N LEU B 704 84.05 2.71 15.58
CA LEU B 704 84.37 4.11 15.30
C LEU B 704 85.20 4.76 16.40
N ARG B 705 85.14 4.24 17.63
CA ARG B 705 85.85 4.85 18.75
C ARG B 705 87.29 5.15 18.35
N PRO B 706 88.06 4.19 17.82
CA PRO B 706 89.45 4.46 17.49
C PRO B 706 89.68 5.78 16.75
N TRP B 707 88.68 6.22 15.98
CA TRP B 707 88.77 7.49 15.27
C TRP B 707 87.70 8.46 15.76
N GLN B 708 87.69 9.66 15.19
CA GLN B 708 86.65 10.65 15.48
C GLN B 708 86.24 11.34 14.19
N ASP B 709 85.17 10.85 13.57
CA ASP B 709 84.74 11.37 12.27
C ASP B 709 83.22 11.40 12.17
N VAL B 713 78.96 8.80 13.05
CA VAL B 713 77.64 8.25 12.72
C VAL B 713 76.77 9.34 12.11
N ALA B 714 76.05 8.99 11.06
CA ALA B 714 75.25 9.95 10.32
C ALA B 714 73.75 9.67 10.42
N ALA B 715 73.31 8.46 10.10
CA ALA B 715 71.89 8.14 10.08
C ALA B 715 71.71 6.66 10.38
N VAL B 716 70.48 6.32 10.81
CA VAL B 716 70.10 4.95 11.09
C VAL B 716 68.88 4.62 10.25
N ASN B 717 68.98 3.54 9.47
CA ASN B 717 67.91 3.14 8.56
C ASN B 717 67.32 1.78 8.88
N GLY B 718 67.72 1.15 9.97
CA GLY B 718 67.21 -0.15 10.34
C GLY B 718 68.08 -0.80 11.39
N PRO B 719 67.89 -2.11 11.58
CA PRO B 719 68.73 -2.83 12.55
C PRO B 719 70.15 -3.09 12.05
N ARG B 720 70.41 -2.94 10.75
CA ARG B 720 71.73 -3.22 10.21
C ARG B 720 72.22 -2.11 9.28
N SER B 721 71.29 -1.33 8.72
CA SER B 721 71.65 -0.28 7.78
C SER B 721 72.10 0.95 8.57
N VAL B 722 73.32 1.40 8.31
CA VAL B 722 73.90 2.54 9.02
C VAL B 722 74.76 3.34 8.04
N VAL B 723 74.78 4.66 8.22
CA VAL B 723 75.55 5.56 7.38
C VAL B 723 76.55 6.31 8.25
N VAL B 724 77.77 6.44 7.73
CA VAL B 724 78.87 7.09 8.45
C VAL B 724 79.43 8.20 7.58
N SER B 725 79.95 9.23 8.24
CA SER B 725 80.46 10.43 7.58
C SER B 725 81.76 10.85 8.25
N GLY B 726 82.49 11.73 7.58
CA GLY B 726 83.67 12.32 8.17
C GLY B 726 84.74 12.58 7.14
N GLU B 727 85.96 12.79 7.64
CA GLU B 727 87.07 13.19 6.78
C GLU B 727 87.47 12.06 5.85
N PRO B 728 88.10 12.37 4.71
CA PRO B 728 88.42 11.31 3.75
C PRO B 728 89.39 10.26 4.27
N GLY B 729 90.51 10.69 4.86
CA GLY B 729 91.55 9.75 5.26
C GLY B 729 91.07 8.72 6.26
N ALA B 730 90.41 9.19 7.31
CA ALA B 730 89.86 8.26 8.29
C ALA B 730 88.80 7.37 7.66
N LEU B 731 88.05 7.91 6.70
CA LEU B 731 87.04 7.11 6.01
C LEU B 731 87.67 5.95 5.26
N ARG B 732 88.75 6.22 4.51
CA ARG B 732 89.45 5.16 3.82
C ARG B 732 90.07 4.16 4.81
N ALA B 733 90.64 4.66 5.90
CA ALA B 733 91.22 3.76 6.88
C ALA B 733 90.17 2.81 7.45
N PHE B 734 89.00 3.34 7.78
CA PHE B 734 87.92 2.51 8.30
C PHE B 734 87.39 1.54 7.24
N SER B 735 87.27 2.00 6.00
CA SER B 735 86.76 1.15 4.94
C SER B 735 87.70 -0.02 4.67
N GLU B 736 89.01 0.23 4.69
CA GLU B 736 89.97 -0.85 4.49
C GLU B 736 89.83 -1.91 5.58
N ASP B 737 89.67 -1.48 6.83
CA ASP B 737 89.50 -2.43 7.92
C ASP B 737 88.21 -3.22 7.76
N CYS B 738 87.10 -2.53 7.47
CA CYS B 738 85.81 -3.22 7.37
C CYS B 738 85.80 -4.21 6.22
N ALA B 739 86.35 -3.83 5.06
CA ALA B 739 86.38 -4.73 3.92
C ALA B 739 87.16 -6.00 4.24
N ALA B 740 88.11 -5.91 5.16
CA ALA B 740 88.91 -7.06 5.58
C ALA B 740 88.23 -7.87 6.68
N GLU B 741 87.05 -7.46 7.13
CA GLU B 741 86.35 -8.13 8.22
C GLU B 741 85.00 -8.70 7.85
N GLY B 742 84.23 -8.03 6.99
CA GLY B 742 82.87 -8.48 6.74
C GLY B 742 82.06 -7.60 5.82
N ILE B 743 80.86 -7.25 6.28
CA ILE B 743 79.84 -6.64 5.42
C ILE B 743 80.44 -5.50 4.61
N ARG B 744 79.95 -5.36 3.38
CA ARG B 744 80.49 -4.39 2.44
C ARG B 744 80.33 -2.97 2.97
N VAL B 745 81.08 -2.05 2.37
CA VAL B 745 81.00 -0.63 2.68
C VAL B 745 80.72 0.08 1.36
N ARG B 746 79.45 0.31 1.06
CA ARG B 746 79.07 0.97 -0.18
C ARG B 746 79.28 2.47 -0.07
N ASP B 747 79.95 3.04 -1.05
CA ASP B 747 80.27 4.46 -1.05
C ASP B 747 79.09 5.28 -1.54
N ILE B 748 79.16 6.58 -1.30
CA ILE B 748 78.10 7.51 -1.67
C ILE B 748 78.70 8.64 -2.51
N ASP B 749 77.94 9.08 -3.50
CA ASP B 749 78.36 10.15 -4.40
C ASP B 749 78.00 11.48 -3.77
N VAL B 750 79.00 12.16 -3.21
CA VAL B 750 78.79 13.44 -2.54
C VAL B 750 80.13 14.11 -2.31
N ASP B 751 80.13 15.44 -2.21
CA ASP B 751 81.35 16.23 -2.11
C ASP B 751 81.44 16.96 -0.78
N TYR B 752 81.08 16.28 0.31
CA TYR B 752 81.19 16.88 1.63
C TYR B 752 80.97 15.78 2.67
N ALA B 753 80.93 16.19 3.93
CA ALA B 753 80.55 15.34 5.05
C ALA B 753 79.42 16.02 5.81
N SER B 754 78.30 15.33 5.96
CA SER B 754 77.15 15.87 6.65
C SER B 754 76.98 15.22 8.01
N HIS B 755 76.14 15.84 8.84
CA HIS B 755 75.86 15.35 10.20
C HIS B 755 77.16 15.00 10.93
N SER B 756 78.00 16.01 11.08
CA SER B 756 79.33 15.84 11.65
C SER B 756 79.76 17.16 12.24
N PRO B 757 80.80 17.16 13.10
CA PRO B 757 81.31 18.43 13.63
C PRO B 757 81.79 19.39 12.56
N GLN B 758 82.04 18.91 11.33
CA GLN B 758 82.43 19.80 10.25
C GLN B 758 81.43 20.93 10.10
N ILE B 759 80.16 20.68 10.40
CA ILE B 759 79.11 21.67 10.24
C ILE B 759 79.27 22.86 11.17
N GLU B 760 80.00 22.70 12.27
CA GLU B 760 80.01 23.72 13.31
C GLU B 760 80.47 25.08 12.77
N ARG B 761 81.35 25.09 11.77
CA ARG B 761 81.92 26.36 11.31
C ARG B 761 80.85 27.26 10.70
N VAL B 762 79.90 26.67 9.95
CA VAL B 762 78.97 27.47 9.15
C VAL B 762 77.66 27.77 9.87
N ARG B 763 77.61 27.57 11.19
CA ARG B 763 76.37 27.80 11.93
C ARG B 763 75.97 29.27 11.90
N GLU B 764 76.91 30.16 12.19
CA GLU B 764 76.58 31.57 12.42
C GLU B 764 76.01 32.21 11.16
N GLU B 765 76.62 31.93 10.00
CA GLU B 765 76.10 32.50 8.76
C GLU B 765 74.72 31.93 8.45
N LEU B 766 74.51 30.65 8.74
CA LEU B 766 73.20 30.06 8.51
C LEU B 766 72.14 30.77 9.33
N LEU B 767 72.41 31.00 10.61
CA LEU B 767 71.44 31.69 11.46
C LEU B 767 71.24 33.14 10.99
N GLU B 768 72.33 33.79 10.57
CA GLU B 768 72.20 35.14 10.04
C GLU B 768 71.27 35.18 8.84
N THR B 769 71.40 34.20 7.95
CA THR B 769 70.57 34.18 6.75
C THR B 769 69.12 33.83 7.05
N THR B 770 68.91 32.80 7.88
CA THR B 770 67.60 32.19 8.04
C THR B 770 66.92 32.54 9.36
N GLY B 771 67.27 33.67 9.98
CA GLY B 771 66.65 34.05 11.23
C GLY B 771 65.43 34.94 11.04
N ASP B 772 64.65 34.69 9.98
CA ASP B 772 63.51 35.53 9.67
C ASP B 772 62.27 34.72 9.33
N ILE B 773 62.41 33.40 9.24
CA ILE B 773 61.26 32.57 8.90
C ILE B 773 60.24 32.62 10.03
N ALA B 774 58.96 32.49 9.66
CA ALA B 774 57.84 32.57 10.59
C ALA B 774 56.95 31.35 10.41
N PRO B 775 57.25 30.25 11.09
CA PRO B 775 56.41 29.05 10.96
C PRO B 775 54.96 29.32 11.34
N ARG B 776 54.10 28.36 11.01
CA ARG B 776 52.67 28.47 11.30
C ARG B 776 52.18 27.20 11.98
N PRO B 777 50.94 27.19 12.47
CA PRO B 777 50.36 25.93 12.96
C PRO B 777 50.21 24.94 11.82
N ALA B 778 50.31 23.66 12.17
CA ALA B 778 50.25 22.58 11.19
C ALA B 778 48.81 22.09 11.01
N ARG B 779 48.58 21.44 9.88
CA ARG B 779 47.29 20.82 9.60
C ARG B 779 47.37 19.30 9.55
N VAL B 780 48.56 18.75 9.36
CA VAL B 780 48.77 17.31 9.29
C VAL B 780 49.89 16.94 10.26
N THR B 781 49.69 15.87 11.01
CA THR B 781 50.67 15.43 12.00
C THR B 781 52.06 15.37 11.38
N PHE B 782 53.01 16.08 12.00
CA PHE B 782 54.37 16.19 11.50
C PHE B 782 55.29 15.47 12.47
N HIS B 783 55.48 14.18 12.25
CA HIS B 783 56.35 13.36 13.10
C HIS B 783 57.79 13.63 12.72
N SER B 784 58.45 14.54 13.45
CA SER B 784 59.82 14.90 13.14
C SER B 784 60.77 13.75 13.44
N THR B 785 61.78 13.60 12.59
CA THR B 785 62.81 12.58 12.78
C THR B 785 63.95 13.05 13.66
N VAL B 786 63.95 14.31 14.09
CA VAL B 786 65.06 14.86 14.86
C VAL B 786 64.85 14.56 16.34
N GLU B 787 63.76 15.06 16.91
CA GLU B 787 63.46 14.83 18.32
C GLU B 787 62.48 13.69 18.54
N SER B 788 62.05 13.02 17.47
CA SER B 788 61.28 11.77 17.58
C SER B 788 60.00 11.97 18.40
N ARG B 789 59.13 12.84 17.88
CA ARG B 789 57.80 13.03 18.45
C ARG B 789 57.01 13.93 17.52
N SER B 790 55.71 13.99 17.76
CA SER B 790 54.86 14.98 17.07
C SER B 790 55.30 16.38 17.50
N MET B 791 55.39 17.29 16.54
CA MET B 791 55.88 18.63 16.79
C MET B 791 54.84 19.66 16.41
N ASP B 792 54.76 20.73 17.18
CA ASP B 792 53.98 21.88 16.80
C ASP B 792 54.75 22.71 15.78
N GLY B 793 54.02 23.24 14.80
CA GLY B 793 54.65 23.98 13.73
C GLY B 793 55.49 25.14 14.22
N THR B 794 55.16 25.66 15.40
CA THR B 794 55.91 26.77 15.95
C THR B 794 57.34 26.36 16.32
N GLU B 795 57.53 25.11 16.70
CA GLU B 795 58.84 24.65 17.19
C GLU B 795 59.89 24.58 16.09
N LEU B 796 59.52 24.73 14.82
CA LEU B 796 60.44 24.58 13.71
C LEU B 796 61.03 25.93 13.32
N ASP B 797 62.04 26.36 14.07
CA ASP B 797 62.72 27.63 13.82
C ASP B 797 64.06 27.39 13.14
N ALA B 798 64.86 28.44 13.00
CA ALA B 798 66.17 28.30 12.40
C ALA B 798 67.05 27.38 13.22
N ARG B 799 67.03 27.51 14.55
CA ARG B 799 67.80 26.61 15.40
C ARG B 799 67.39 25.16 15.16
N TYR B 800 66.10 24.92 14.93
CA TYR B 800 65.66 23.56 14.64
C TYR B 800 66.32 23.03 13.37
N TRP B 801 66.41 23.86 12.33
CA TRP B 801 66.99 23.39 11.08
C TRP B 801 68.49 23.20 11.22
N TYR B 802 69.16 24.06 12.00
CA TYR B 802 70.57 23.83 12.31
C TYR B 802 70.74 22.48 12.99
N ARG B 803 69.88 22.19 13.98
CA ARG B 803 69.93 20.89 14.63
C ARG B 803 69.71 19.76 13.65
N ASN B 804 68.69 19.89 12.79
CA ASN B 804 68.40 18.86 11.80
C ASN B 804 69.63 18.59 10.94
N LEU B 805 70.30 19.65 10.50
CA LEU B 805 71.51 19.49 9.69
C LEU B 805 72.63 18.83 10.50
N ARG B 806 72.73 19.15 11.80
CA ARG B 806 73.83 18.68 12.64
C ARG B 806 73.61 17.27 13.19
N GLU B 807 72.49 17.01 13.84
CA GLU B 807 72.33 15.78 14.62
C GLU B 807 72.08 14.57 13.74
N THR B 808 72.12 13.40 14.37
CA THR B 808 71.91 12.13 13.68
C THR B 808 70.45 11.98 13.27
N VAL B 809 70.21 11.08 12.32
CA VAL B 809 68.89 10.81 11.78
C VAL B 809 68.40 9.47 12.32
N ARG B 810 67.13 9.43 12.72
CA ARG B 810 66.50 8.24 13.28
C ARG B 810 65.30 7.89 12.42
N PHE B 811 65.53 7.13 11.34
CA PHE B 811 64.44 6.73 10.46
C PHE B 811 63.74 5.48 10.96
N ALA B 812 64.51 4.48 11.38
CA ALA B 812 63.91 3.24 11.84
C ALA B 812 62.99 3.48 13.04
N ASP B 813 63.46 4.30 13.99
CA ASP B 813 62.65 4.59 15.16
C ASP B 813 61.36 5.31 14.78
N ALA B 814 61.44 6.28 13.86
CA ALA B 814 60.24 6.99 13.45
C ALA B 814 59.24 6.05 12.77
N VAL B 815 59.72 5.21 11.86
CA VAL B 815 58.79 4.31 11.18
C VAL B 815 58.21 3.30 12.15
N THR B 816 58.98 2.85 13.13
CA THR B 816 58.44 1.94 14.14
C THR B 816 57.33 2.63 14.95
N ARG B 817 57.61 3.83 15.45
CA ARG B 817 56.59 4.55 16.20
C ARG B 817 55.34 4.74 15.37
N LEU B 818 55.52 5.02 14.08
CA LEU B 818 54.37 5.25 13.21
C LEU B 818 53.60 3.94 12.96
N ALA B 819 54.32 2.82 12.84
CA ALA B 819 53.67 1.55 12.52
C ALA B 819 52.87 1.03 13.71
N GLU B 820 53.46 1.02 14.90
CA GLU B 820 52.71 0.58 16.07
C GLU B 820 51.65 1.59 16.50
N SER B 821 51.63 2.78 15.91
CA SER B 821 50.60 3.76 16.22
C SER B 821 49.30 3.52 15.46
N GLY B 822 49.28 2.56 14.54
CA GLY B 822 48.07 2.24 13.78
C GLY B 822 48.15 2.57 12.31
N TYR B 823 49.22 3.20 11.83
CA TYR B 823 49.37 3.51 10.42
C TYR B 823 49.84 2.27 9.66
N ASP B 824 49.29 2.10 8.45
CA ASP B 824 49.52 0.89 7.68
C ASP B 824 49.86 1.12 6.21
N ALA B 825 49.79 2.34 5.71
CA ALA B 825 50.11 2.63 4.32
C ALA B 825 51.24 3.64 4.25
N PHE B 826 52.23 3.36 3.40
CA PHE B 826 53.42 4.20 3.29
C PHE B 826 53.67 4.49 1.82
N ILE B 827 53.63 5.77 1.46
CA ILE B 827 53.80 6.20 0.07
C ILE B 827 55.02 7.12 0.06
N GLU B 828 56.16 6.61 -0.38
CA GLU B 828 57.34 7.45 -0.47
C GLU B 828 57.21 8.36 -1.68
N VAL B 829 57.19 9.67 -1.44
CA VAL B 829 57.05 10.66 -2.50
C VAL B 829 58.45 11.02 -2.96
N SER B 830 58.87 10.45 -4.09
CA SER B 830 60.21 10.71 -4.60
C SER B 830 60.26 10.24 -6.05
N PRO B 831 61.22 10.75 -6.83
CA PRO B 831 61.32 10.30 -8.24
C PRO B 831 61.91 8.92 -8.40
N HIS B 832 62.26 8.22 -7.32
CA HIS B 832 62.81 6.88 -7.45
C HIS B 832 62.76 6.19 -6.10
N PRO B 833 62.44 4.89 -6.04
CA PRO B 833 62.42 4.18 -4.75
C PRO B 833 63.83 3.95 -4.22
N VAL B 834 64.11 4.49 -3.04
CA VAL B 834 65.38 4.23 -2.36
C VAL B 834 65.21 3.83 -0.91
N VAL B 835 64.03 4.01 -0.30
CA VAL B 835 63.82 3.72 1.11
C VAL B 835 62.74 2.67 1.33
N VAL B 836 62.10 2.19 0.27
CA VAL B 836 61.02 1.23 0.44
C VAL B 836 61.49 -0.01 1.18
N GLN B 837 62.69 -0.49 0.86
CA GLN B 837 63.17 -1.74 1.46
C GLN B 837 63.30 -1.61 2.97
N ALA B 838 63.92 -0.53 3.43
CA ALA B 838 64.07 -0.33 4.88
C ALA B 838 62.72 -0.23 5.57
N VAL B 839 61.77 0.47 4.95
CA VAL B 839 60.44 0.60 5.53
C VAL B 839 59.79 -0.77 5.65
N GLU B 840 59.90 -1.58 4.60
CA GLU B 840 59.31 -2.91 4.63
C GLU B 840 59.92 -3.76 5.75
N GLU B 841 61.25 -3.72 5.85
CA GLU B 841 61.92 -4.51 6.89
C GLU B 841 61.48 -4.05 8.28
N ALA B 842 61.43 -2.74 8.50
CA ALA B 842 61.02 -2.22 9.80
C ALA B 842 59.59 -2.61 10.12
N VAL B 843 58.69 -2.52 9.13
CA VAL B 843 57.31 -2.93 9.35
C VAL B 843 57.24 -4.40 9.72
N GLU B 844 58.00 -5.24 9.02
CA GLU B 844 58.02 -6.66 9.35
C GLU B 844 58.49 -6.88 10.79
N GLU B 845 59.57 -6.21 11.19
CA GLU B 845 60.04 -6.34 12.57
C GLU B 845 59.16 -5.60 13.55
N ALA B 846 58.22 -4.79 13.07
CA ALA B 846 57.34 -4.00 13.92
C ALA B 846 56.13 -4.82 14.36
N ASP B 847 55.68 -4.57 15.58
CA ASP B 847 54.51 -5.24 16.14
C ASP B 847 53.25 -4.40 15.89
N GLY B 848 53.01 -4.12 14.62
CA GLY B 848 51.86 -3.34 14.22
C GLY B 848 50.99 -4.07 13.23
N ALA B 849 50.17 -3.34 12.48
CA ALA B 849 49.33 -3.96 11.47
C ALA B 849 50.19 -4.75 10.49
N GLU B 850 49.77 -5.98 10.21
CA GLU B 850 50.55 -6.90 9.39
C GLU B 850 50.29 -6.73 7.89
N ASP B 851 49.09 -6.30 7.50
CA ASP B 851 48.76 -6.12 6.09
C ASP B 851 49.09 -4.69 5.63
N ALA B 852 50.32 -4.29 5.89
CA ALA B 852 50.80 -2.98 5.50
C ALA B 852 51.18 -2.97 4.02
N VAL B 853 51.05 -1.80 3.40
CA VAL B 853 51.36 -1.62 1.98
C VAL B 853 52.35 -0.47 1.86
N VAL B 854 53.42 -0.70 1.10
CA VAL B 854 54.46 0.30 0.88
C VAL B 854 54.69 0.40 -0.62
N VAL B 855 54.70 1.64 -1.13
CA VAL B 855 54.75 1.88 -2.57
C VAL B 855 55.60 3.11 -2.86
N GLY B 856 56.39 3.03 -3.92
CA GLY B 856 57.08 4.18 -4.46
C GLY B 856 56.17 4.99 -5.37
N SER B 857 56.76 6.02 -5.97
CA SER B 857 56.01 6.95 -6.81
C SER B 857 56.44 6.90 -8.27
N LEU B 858 57.74 6.86 -8.54
CA LEU B 858 58.27 6.76 -9.89
C LEU B 858 59.43 5.79 -9.89
N HIS B 859 60.14 5.72 -11.02
CA HIS B 859 61.28 4.84 -11.17
C HIS B 859 62.39 5.57 -11.90
N ARG B 860 63.60 5.03 -11.81
CA ARG B 860 64.74 5.59 -12.54
C ARG B 860 64.35 5.74 -14.01
N ASP B 861 63.66 4.74 -14.53
CA ASP B 861 63.05 4.79 -15.85
C ASP B 861 61.55 4.96 -15.70
N GLY B 862 60.87 5.13 -16.83
CA GLY B 862 59.43 5.25 -16.83
C GLY B 862 58.93 6.42 -16.00
N GLY B 863 59.53 7.59 -16.19
CA GLY B 863 59.08 8.77 -15.49
C GLY B 863 57.92 9.45 -16.20
N ASP B 864 56.92 8.67 -16.58
CA ASP B 864 55.75 9.15 -17.30
C ASP B 864 54.49 8.86 -16.51
N LEU B 865 53.38 9.45 -16.98
CA LEU B 865 52.11 9.31 -16.28
C LEU B 865 51.73 7.84 -16.08
N SER B 866 52.09 6.98 -17.03
CA SER B 866 51.69 5.57 -16.94
C SER B 866 52.31 4.89 -15.73
N ALA B 867 53.59 5.17 -15.45
CA ALA B 867 54.23 4.59 -14.28
C ALA B 867 53.57 5.06 -12.99
N PHE B 868 53.23 6.35 -12.93
CA PHE B 868 52.54 6.87 -11.75
C PHE B 868 51.19 6.22 -11.58
N LEU B 869 50.45 6.01 -12.68
CA LEU B 869 49.17 5.33 -12.58
C LEU B 869 49.34 3.88 -12.15
N ARG B 870 50.40 3.21 -12.59
CA ARG B 870 50.65 1.86 -12.12
C ARG B 870 50.94 1.85 -10.62
N SER B 871 51.69 2.83 -10.13
CA SER B 871 51.90 2.95 -8.69
C SER B 871 50.58 3.14 -7.96
N MET B 872 49.73 4.04 -8.47
CA MET B 872 48.44 4.27 -7.84
C MET B 872 47.57 3.03 -7.88
N ALA B 873 47.66 2.23 -8.94
CA ALA B 873 46.91 0.98 -9.00
C ALA B 873 47.42 -0.03 -7.99
N THR B 874 48.75 -0.11 -7.84
CA THR B 874 49.33 -0.97 -6.82
C THR B 874 48.84 -0.57 -5.44
N ALA B 875 48.71 0.74 -5.19
CA ALA B 875 48.15 1.19 -3.92
C ALA B 875 46.66 0.87 -3.82
N HIS B 876 45.92 1.05 -4.91
CA HIS B 876 44.47 0.91 -4.88
C HIS B 876 44.05 -0.53 -4.62
N VAL B 877 44.74 -1.49 -5.24
CA VAL B 877 44.41 -2.90 -5.02
C VAL B 877 44.69 -3.35 -3.60
N SER B 878 45.22 -2.47 -2.74
CA SER B 878 45.48 -2.80 -1.35
C SER B 878 44.63 -1.97 -0.39
N GLY B 879 43.55 -1.38 -0.88
CA GLY B 879 42.58 -0.71 -0.03
C GLY B 879 42.62 0.80 -0.04
N VAL B 880 43.68 1.41 -0.57
CA VAL B 880 43.76 2.86 -0.57
C VAL B 880 42.78 3.43 -1.59
N ASP B 881 42.00 4.41 -1.17
CA ASP B 881 41.03 5.03 -2.07
C ASP B 881 41.73 5.85 -3.14
N ILE B 882 41.17 5.83 -4.35
CA ILE B 882 41.67 6.61 -5.46
C ILE B 882 40.49 7.16 -6.24
N ARG B 883 40.61 8.41 -6.71
CA ARG B 883 39.58 9.05 -7.52
C ARG B 883 39.94 8.91 -9.00
N TRP B 884 39.67 7.71 -9.53
CA TRP B 884 40.08 7.40 -10.88
C TRP B 884 39.41 8.30 -11.91
N ASP B 885 38.26 8.88 -11.57
CA ASP B 885 37.57 9.77 -12.49
C ASP B 885 38.44 10.94 -12.93
N VAL B 886 39.42 11.33 -12.10
CA VAL B 886 40.30 12.43 -12.48
C VAL B 886 41.14 12.06 -13.68
N ALA B 887 41.52 10.78 -13.79
CA ALA B 887 42.33 10.34 -14.91
C ALA B 887 41.54 10.28 -16.22
N LEU B 888 40.23 10.47 -16.16
CA LEU B 888 39.36 10.36 -17.34
C LEU B 888 38.53 11.63 -17.48
N PRO B 889 39.15 12.76 -17.81
CA PRO B 889 38.37 13.98 -18.02
C PRO B 889 37.59 13.93 -19.32
N GLY B 890 36.38 14.48 -19.29
CA GLY B 890 35.56 14.60 -20.47
C GLY B 890 34.92 13.32 -20.96
N ALA B 891 35.16 12.20 -20.29
CA ALA B 891 34.60 10.92 -20.72
C ALA B 891 33.17 10.77 -20.22
N ALA B 892 32.43 9.89 -20.89
CA ALA B 892 31.08 9.55 -20.48
C ALA B 892 31.00 8.06 -20.13
N PRO B 893 30.16 7.67 -19.20
CA PRO B 893 30.12 6.26 -18.79
C PRO B 893 29.49 5.40 -19.87
N PHE B 894 29.78 4.10 -19.79
CA PHE B 894 29.37 3.14 -20.80
C PHE B 894 28.68 1.94 -20.14
N ALA B 895 27.71 1.38 -20.84
CA ALA B 895 26.98 0.23 -20.33
C ALA B 895 27.89 -0.98 -20.24
N LEU B 896 27.71 -1.75 -19.17
CA LEU B 896 28.57 -2.89 -18.89
C LEU B 896 27.75 -4.09 -18.45
N PRO B 897 28.28 -5.31 -18.58
CA PRO B 897 27.57 -6.48 -18.05
C PRO B 897 27.54 -6.48 -16.53
N THR B 898 26.85 -7.46 -15.98
CA THR B 898 26.62 -7.56 -14.55
C THR B 898 27.63 -8.50 -13.90
N TYR B 899 27.40 -8.79 -12.62
CA TYR B 899 28.34 -9.62 -11.86
C TYR B 899 28.20 -11.08 -12.28
N PRO B 900 29.32 -11.76 -12.58
CA PRO B 900 29.25 -13.18 -12.93
C PRO B 900 29.16 -14.11 -11.73
N PHE B 901 27.95 -14.33 -11.22
CA PHE B 901 27.78 -15.15 -10.04
C PHE B 901 28.30 -16.56 -10.28
N GLN B 902 28.94 -17.13 -9.25
CA GLN B 902 29.36 -18.52 -9.25
C GLN B 902 28.34 -19.32 -8.44
N ARG B 903 27.50 -20.07 -9.14
CA ARG B 903 26.32 -20.68 -8.54
C ARG B 903 26.59 -22.14 -8.15
N LYS B 904 25.81 -22.62 -7.19
CA LYS B 904 25.79 -24.02 -6.79
C LYS B 904 24.34 -24.44 -6.62
N ARG B 905 24.13 -25.72 -6.36
CA ARG B 905 22.80 -26.29 -6.22
C ARG B 905 22.43 -26.36 -4.74
N TYR B 906 21.22 -25.88 -4.42
CA TYR B 906 20.68 -25.97 -3.07
C TYR B 906 19.20 -26.32 -3.19
N TRP B 907 18.84 -27.54 -2.79
CA TRP B 907 17.46 -27.98 -2.89
C TRP B 907 17.16 -28.92 -1.72
N LEU B 908 15.97 -28.76 -1.13
CA LEU B 908 15.51 -29.65 -0.07
C LEU B 908 14.63 -30.72 -0.71
N GLN B 909 15.09 -31.97 -0.65
CA GLN B 909 14.35 -33.07 -1.27
C GLN B 909 13.59 -33.86 -0.21
N PRO B 910 12.41 -34.40 -0.57
CA PRO B 910 11.64 -35.21 0.39
C PRO B 910 12.46 -36.34 1.00
#